data_3ILH
# 
_entry.id   3ILH 
# 
_audit_conform.dict_name       mmcif_pdbx.dic 
_audit_conform.dict_version    5.387 
_audit_conform.dict_location   http://mmcif.pdb.org/dictionaries/ascii/mmcif_pdbx.dic 
# 
loop_
_database_2.database_id 
_database_2.database_code 
_database_2.pdbx_database_accession 
_database_2.pdbx_DOI 
PDB   3ILH         pdb_00003ilh 10.2210/pdb3ilh/pdb 
RCSB  RCSB054559   ?            ?                   
WWPDB D_1000054559 ?            ?                   
# 
loop_
_pdbx_audit_revision_history.ordinal 
_pdbx_audit_revision_history.data_content_type 
_pdbx_audit_revision_history.major_revision 
_pdbx_audit_revision_history.minor_revision 
_pdbx_audit_revision_history.revision_date 
1 'Structure model' 1 0 2009-08-18 
2 'Structure model' 1 1 2011-07-13 
3 'Structure model' 1 2 2021-02-10 
4 'Structure model' 1 3 2024-02-21 
# 
_pdbx_audit_revision_details.ordinal             1 
_pdbx_audit_revision_details.revision_ordinal    1 
_pdbx_audit_revision_details.data_content_type   'Structure model' 
_pdbx_audit_revision_details.provider            repository 
_pdbx_audit_revision_details.type                'Initial release' 
_pdbx_audit_revision_details.description         ? 
_pdbx_audit_revision_details.details             ? 
# 
loop_
_pdbx_audit_revision_group.ordinal 
_pdbx_audit_revision_group.revision_ordinal 
_pdbx_audit_revision_group.data_content_type 
_pdbx_audit_revision_group.group 
1 2 'Structure model' 'Source and taxonomy'       
2 2 'Structure model' 'Version format compliance' 
3 3 'Structure model' 'Database references'       
4 3 'Structure model' 'Structure summary'         
5 4 'Structure model' 'Data collection'           
6 4 'Structure model' 'Database references'       
# 
loop_
_pdbx_audit_revision_category.ordinal 
_pdbx_audit_revision_category.revision_ordinal 
_pdbx_audit_revision_category.data_content_type 
_pdbx_audit_revision_category.category 
1 3 'Structure model' audit_author    
2 3 'Structure model' citation_author 
3 4 'Structure model' chem_comp_atom  
4 4 'Structure model' chem_comp_bond  
5 4 'Structure model' database_2      
# 
loop_
_pdbx_audit_revision_item.ordinal 
_pdbx_audit_revision_item.revision_ordinal 
_pdbx_audit_revision_item.data_content_type 
_pdbx_audit_revision_item.item 
1 3 'Structure model' '_audit_author.identifier_ORCID'      
2 3 'Structure model' '_citation_author.identifier_ORCID'   
3 4 'Structure model' '_database_2.pdbx_DOI'                
4 4 'Structure model' '_database_2.pdbx_database_accession' 
# 
_pdbx_database_status.status_code                     REL 
_pdbx_database_status.entry_id                        3ILH 
_pdbx_database_status.recvd_initial_deposition_date   2009-08-07 
_pdbx_database_status.deposit_site                    RCSB 
_pdbx_database_status.process_site                    RCSB 
_pdbx_database_status.status_code_sf                  REL 
_pdbx_database_status.status_code_mr                  ? 
_pdbx_database_status.SG_entry                        Y 
_pdbx_database_status.pdb_format_compatible           Y 
_pdbx_database_status.status_code_cs                  ? 
_pdbx_database_status.status_code_nmr_data            ? 
_pdbx_database_status.methods_development_category    ? 
# 
_pdbx_database_related.db_name        TargetDB 
_pdbx_database_related.db_id          NYSGXRC-11237m 
_pdbx_database_related.details        . 
_pdbx_database_related.content_type   unspecified 
# 
loop_
_audit_author.name 
_audit_author.pdbx_ordinal 
_audit_author.identifier_ORCID 
'Syed Ibrahim, B.'                                               1 ?                   
'Burley, S.K.'                                                   2 0000-0002-2487-9713 
'Swaminathan, S.'                                                3 ?                   
'New York SGX Research Center for Structural Genomics (NYSGXRC)' 4 ?                   
# 
_citation.id                        primary 
_citation.title                     'Crystal structure of Two component response regulator from Cytophaga hutchinsonii' 
_citation.journal_abbrev            'To be Published' 
_citation.journal_volume            ? 
_citation.page_first                ? 
_citation.page_last                 ? 
_citation.year                      ? 
_citation.journal_id_ASTM           ? 
_citation.country                   ? 
_citation.journal_id_ISSN           ? 
_citation.journal_id_CSD            0353 
_citation.book_publisher            ? 
_citation.pdbx_database_id_PubMed   ? 
_citation.pdbx_database_id_DOI      ? 
# 
loop_
_citation_author.citation_id 
_citation_author.name 
_citation_author.ordinal 
_citation_author.identifier_ORCID 
primary 'Syed Ibrahim, B.' 1 ?                   
primary 'Burley, S.K.'     2 0000-0002-2487-9713 
primary 'Swaminathan, S.'  3 ?                   
# 
loop_
_entity.id 
_entity.type 
_entity.src_method 
_entity.pdbx_description 
_entity.formula_weight 
_entity.pdbx_number_of_molecules 
_entity.pdbx_ec 
_entity.pdbx_mutation 
_entity.pdbx_fragment 
_entity.details 
1 polymer man 'Two component response regulator' 16598.809 1  ? ? ? ? 
2 water   nat water                              18.015    14 ? ? ? ? 
# 
_entity_poly.entity_id                      1 
_entity_poly.type                           'polypeptide(L)' 
_entity_poly.nstd_linkage                   no 
_entity_poly.nstd_monomer                   no 
_entity_poly.pdbx_seq_one_letter_code       
;MSLADTRKIDSVLLIDDDDIVNFLNTTIIRMTHRVEEIQSVTSGNAAINKLNELYAAGRWPSIICIDINMPGINGWELID
LFKQHFQPMKNKSIVCLLSSSLDPRDQAKAEASDWVDYYVSKPLTANALNNLYNKVLNEGHHHHHH
;
_entity_poly.pdbx_seq_one_letter_code_can   
;MSLADTRKIDSVLLIDDDDIVNFLNTTIIRMTHRVEEIQSVTSGNAAINKLNELYAAGRWPSIICIDINMPGINGWELID
LFKQHFQPMKNKSIVCLLSSSLDPRDQAKAEASDWVDYYVSKPLTANALNNLYNKVLNEGHHHHHH
;
_entity_poly.pdbx_strand_id                 A 
_entity_poly.pdbx_target_identifier         NYSGXRC-11237m 
# 
_pdbx_entity_nonpoly.entity_id   2 
_pdbx_entity_nonpoly.name        water 
_pdbx_entity_nonpoly.comp_id     HOH 
# 
loop_
_entity_poly_seq.entity_id 
_entity_poly_seq.num 
_entity_poly_seq.mon_id 
_entity_poly_seq.hetero 
1 1   MET n 
1 2   SER n 
1 3   LEU n 
1 4   ALA n 
1 5   ASP n 
1 6   THR n 
1 7   ARG n 
1 8   LYS n 
1 9   ILE n 
1 10  ASP n 
1 11  SER n 
1 12  VAL n 
1 13  LEU n 
1 14  LEU n 
1 15  ILE n 
1 16  ASP n 
1 17  ASP n 
1 18  ASP n 
1 19  ASP n 
1 20  ILE n 
1 21  VAL n 
1 22  ASN n 
1 23  PHE n 
1 24  LEU n 
1 25  ASN n 
1 26  THR n 
1 27  THR n 
1 28  ILE n 
1 29  ILE n 
1 30  ARG n 
1 31  MET n 
1 32  THR n 
1 33  HIS n 
1 34  ARG n 
1 35  VAL n 
1 36  GLU n 
1 37  GLU n 
1 38  ILE n 
1 39  GLN n 
1 40  SER n 
1 41  VAL n 
1 42  THR n 
1 43  SER n 
1 44  GLY n 
1 45  ASN n 
1 46  ALA n 
1 47  ALA n 
1 48  ILE n 
1 49  ASN n 
1 50  LYS n 
1 51  LEU n 
1 52  ASN n 
1 53  GLU n 
1 54  LEU n 
1 55  TYR n 
1 56  ALA n 
1 57  ALA n 
1 58  GLY n 
1 59  ARG n 
1 60  TRP n 
1 61  PRO n 
1 62  SER n 
1 63  ILE n 
1 64  ILE n 
1 65  CYS n 
1 66  ILE n 
1 67  ASP n 
1 68  ILE n 
1 69  ASN n 
1 70  MET n 
1 71  PRO n 
1 72  GLY n 
1 73  ILE n 
1 74  ASN n 
1 75  GLY n 
1 76  TRP n 
1 77  GLU n 
1 78  LEU n 
1 79  ILE n 
1 80  ASP n 
1 81  LEU n 
1 82  PHE n 
1 83  LYS n 
1 84  GLN n 
1 85  HIS n 
1 86  PHE n 
1 87  GLN n 
1 88  PRO n 
1 89  MET n 
1 90  LYS n 
1 91  ASN n 
1 92  LYS n 
1 93  SER n 
1 94  ILE n 
1 95  VAL n 
1 96  CYS n 
1 97  LEU n 
1 98  LEU n 
1 99  SER n 
1 100 SER n 
1 101 SER n 
1 102 LEU n 
1 103 ASP n 
1 104 PRO n 
1 105 ARG n 
1 106 ASP n 
1 107 GLN n 
1 108 ALA n 
1 109 LYS n 
1 110 ALA n 
1 111 GLU n 
1 112 ALA n 
1 113 SER n 
1 114 ASP n 
1 115 TRP n 
1 116 VAL n 
1 117 ASP n 
1 118 TYR n 
1 119 TYR n 
1 120 VAL n 
1 121 SER n 
1 122 LYS n 
1 123 PRO n 
1 124 LEU n 
1 125 THR n 
1 126 ALA n 
1 127 ASN n 
1 128 ALA n 
1 129 LEU n 
1 130 ASN n 
1 131 ASN n 
1 132 LEU n 
1 133 TYR n 
1 134 ASN n 
1 135 LYS n 
1 136 VAL n 
1 137 LEU n 
1 138 ASN n 
1 139 GLU n 
1 140 GLY n 
1 141 HIS n 
1 142 HIS n 
1 143 HIS n 
1 144 HIS n 
1 145 HIS n 
1 146 HIS n 
# 
_entity_src_gen.entity_id                          1 
_entity_src_gen.pdbx_src_id                        1 
_entity_src_gen.pdbx_alt_source_flag               sample 
_entity_src_gen.pdbx_seq_type                      ? 
_entity_src_gen.pdbx_beg_seq_num                   ? 
_entity_src_gen.pdbx_end_seq_num                   ? 
_entity_src_gen.gene_src_common_name               ? 
_entity_src_gen.gene_src_genus                     ? 
_entity_src_gen.pdbx_gene_src_gene                 'narL, CHU_1356' 
_entity_src_gen.gene_src_species                   ? 
_entity_src_gen.gene_src_strain                    'ATCC 33406' 
_entity_src_gen.gene_src_tissue                    ? 
_entity_src_gen.gene_src_tissue_fraction           ? 
_entity_src_gen.gene_src_details                   ? 
_entity_src_gen.pdbx_gene_src_fragment             ? 
_entity_src_gen.pdbx_gene_src_scientific_name      'Cytophaga hutchinsonii' 
_entity_src_gen.pdbx_gene_src_ncbi_taxonomy_id     269798 
_entity_src_gen.pdbx_gene_src_variant              ? 
_entity_src_gen.pdbx_gene_src_cell_line            ? 
_entity_src_gen.pdbx_gene_src_atcc                 ? 
_entity_src_gen.pdbx_gene_src_organ                ? 
_entity_src_gen.pdbx_gene_src_organelle            ? 
_entity_src_gen.pdbx_gene_src_cell                 ? 
_entity_src_gen.pdbx_gene_src_cellular_location    ? 
_entity_src_gen.host_org_common_name               ? 
_entity_src_gen.pdbx_host_org_scientific_name      'Escherichia coli BL21(DE3)' 
_entity_src_gen.pdbx_host_org_ncbi_taxonomy_id     469008 
_entity_src_gen.host_org_genus                     ? 
_entity_src_gen.pdbx_host_org_gene                 ? 
_entity_src_gen.pdbx_host_org_organ                ? 
_entity_src_gen.host_org_species                   ? 
_entity_src_gen.pdbx_host_org_tissue               ? 
_entity_src_gen.pdbx_host_org_tissue_fraction      ? 
_entity_src_gen.pdbx_host_org_strain               'BL21(DE3)RIL' 
_entity_src_gen.pdbx_host_org_variant              ? 
_entity_src_gen.pdbx_host_org_cell_line            ? 
_entity_src_gen.pdbx_host_org_atcc                 ? 
_entity_src_gen.pdbx_host_org_culture_collection   ? 
_entity_src_gen.pdbx_host_org_cell                 ? 
_entity_src_gen.pdbx_host_org_organelle            ? 
_entity_src_gen.pdbx_host_org_cellular_location    ? 
_entity_src_gen.pdbx_host_org_vector_type          Plasmid 
_entity_src_gen.pdbx_host_org_vector               ? 
_entity_src_gen.host_org_details                   ? 
_entity_src_gen.expression_system_id               ? 
_entity_src_gen.plasmid_name                       'TOP10 INVITROGEN' 
_entity_src_gen.plasmid_details                    ? 
_entity_src_gen.pdbx_description                   ? 
# 
loop_
_chem_comp.id 
_chem_comp.type 
_chem_comp.mon_nstd_flag 
_chem_comp.name 
_chem_comp.pdbx_synonyms 
_chem_comp.formula 
_chem_comp.formula_weight 
ALA 'L-peptide linking' y ALANINE         ? 'C3 H7 N O2'     89.093  
ARG 'L-peptide linking' y ARGININE        ? 'C6 H15 N4 O2 1' 175.209 
ASN 'L-peptide linking' y ASPARAGINE      ? 'C4 H8 N2 O3'    132.118 
ASP 'L-peptide linking' y 'ASPARTIC ACID' ? 'C4 H7 N O4'     133.103 
CYS 'L-peptide linking' y CYSTEINE        ? 'C3 H7 N O2 S'   121.158 
GLN 'L-peptide linking' y GLUTAMINE       ? 'C5 H10 N2 O3'   146.144 
GLU 'L-peptide linking' y 'GLUTAMIC ACID' ? 'C5 H9 N O4'     147.129 
GLY 'peptide linking'   y GLYCINE         ? 'C2 H5 N O2'     75.067  
HIS 'L-peptide linking' y HISTIDINE       ? 'C6 H10 N3 O2 1' 156.162 
HOH non-polymer         . WATER           ? 'H2 O'           18.015  
ILE 'L-peptide linking' y ISOLEUCINE      ? 'C6 H13 N O2'    131.173 
LEU 'L-peptide linking' y LEUCINE         ? 'C6 H13 N O2'    131.173 
LYS 'L-peptide linking' y LYSINE          ? 'C6 H15 N2 O2 1' 147.195 
MET 'L-peptide linking' y METHIONINE      ? 'C5 H11 N O2 S'  149.211 
PHE 'L-peptide linking' y PHENYLALANINE   ? 'C9 H11 N O2'    165.189 
PRO 'L-peptide linking' y PROLINE         ? 'C5 H9 N O2'     115.130 
SER 'L-peptide linking' y SERINE          ? 'C3 H7 N O3'     105.093 
THR 'L-peptide linking' y THREONINE       ? 'C4 H9 N O3'     119.119 
TRP 'L-peptide linking' y TRYPTOPHAN      ? 'C11 H12 N2 O2'  204.225 
TYR 'L-peptide linking' y TYROSINE        ? 'C9 H11 N O3'    181.189 
VAL 'L-peptide linking' y VALINE          ? 'C5 H11 N O2'    117.146 
# 
loop_
_pdbx_poly_seq_scheme.asym_id 
_pdbx_poly_seq_scheme.entity_id 
_pdbx_poly_seq_scheme.seq_id 
_pdbx_poly_seq_scheme.mon_id 
_pdbx_poly_seq_scheme.ndb_seq_num 
_pdbx_poly_seq_scheme.pdb_seq_num 
_pdbx_poly_seq_scheme.auth_seq_num 
_pdbx_poly_seq_scheme.pdb_mon_id 
_pdbx_poly_seq_scheme.auth_mon_id 
_pdbx_poly_seq_scheme.pdb_strand_id 
_pdbx_poly_seq_scheme.pdb_ins_code 
_pdbx_poly_seq_scheme.hetero 
A 1 1   MET 1   -1  ?   ?   ?   A . n 
A 1 2   SER 2   0   ?   ?   ?   A . n 
A 1 3   LEU 3   1   ?   ?   ?   A . n 
A 1 4   ALA 4   2   ?   ?   ?   A . n 
A 1 5   ASP 5   3   ?   ?   ?   A . n 
A 1 6   THR 6   4   ?   ?   ?   A . n 
A 1 7   ARG 7   5   5   ARG ARG A . n 
A 1 8   LYS 8   6   6   LYS LYS A . n 
A 1 9   ILE 9   7   7   ILE ILE A . n 
A 1 10  ASP 10  8   8   ASP ASP A . n 
A 1 11  SER 11  9   9   SER SER A . n 
A 1 12  VAL 12  10  10  VAL VAL A . n 
A 1 13  LEU 13  11  11  LEU LEU A . n 
A 1 14  LEU 14  12  12  LEU LEU A . n 
A 1 15  ILE 15  13  13  ILE ILE A . n 
A 1 16  ASP 16  14  14  ASP ASP A . n 
A 1 17  ASP 17  15  15  ASP ASP A . n 
A 1 18  ASP 18  16  16  ASP ASP A . n 
A 1 19  ASP 19  17  17  ASP ASP A . n 
A 1 20  ILE 20  18  18  ILE ILE A . n 
A 1 21  VAL 21  19  19  VAL VAL A . n 
A 1 22  ASN 22  20  20  ASN ASN A . n 
A 1 23  PHE 23  21  21  PHE PHE A . n 
A 1 24  LEU 24  22  22  LEU LEU A . n 
A 1 25  ASN 25  23  23  ASN ASN A . n 
A 1 26  THR 26  24  24  THR THR A . n 
A 1 27  THR 27  25  25  THR THR A . n 
A 1 28  ILE 28  26  26  ILE ILE A . n 
A 1 29  ILE 29  27  27  ILE ILE A . n 
A 1 30  ARG 30  28  28  ARG ARG A . n 
A 1 31  MET 31  29  29  MET MET A . n 
A 1 32  THR 32  30  30  THR THR A . n 
A 1 33  HIS 33  31  31  HIS HIS A . n 
A 1 34  ARG 34  32  32  ARG ARG A . n 
A 1 35  VAL 35  33  33  VAL VAL A . n 
A 1 36  GLU 36  34  34  GLU GLU A . n 
A 1 37  GLU 37  35  35  GLU GLU A . n 
A 1 38  ILE 38  36  36  ILE ILE A . n 
A 1 39  GLN 39  37  37  GLN GLN A . n 
A 1 40  SER 40  38  38  SER SER A . n 
A 1 41  VAL 41  39  39  VAL VAL A . n 
A 1 42  THR 42  40  40  THR THR A . n 
A 1 43  SER 43  41  41  SER SER A . n 
A 1 44  GLY 44  42  42  GLY GLY A . n 
A 1 45  ASN 45  43  43  ASN ASN A . n 
A 1 46  ALA 46  44  44  ALA ALA A . n 
A 1 47  ALA 47  45  45  ALA ALA A . n 
A 1 48  ILE 48  46  46  ILE ILE A . n 
A 1 49  ASN 49  47  47  ASN ASN A . n 
A 1 50  LYS 50  48  48  LYS LYS A . n 
A 1 51  LEU 51  49  49  LEU LEU A . n 
A 1 52  ASN 52  50  50  ASN ASN A . n 
A 1 53  GLU 53  51  51  GLU GLU A . n 
A 1 54  LEU 54  52  52  LEU LEU A . n 
A 1 55  TYR 55  53  53  TYR TYR A . n 
A 1 56  ALA 56  54  54  ALA ALA A . n 
A 1 57  ALA 57  55  55  ALA ALA A . n 
A 1 58  GLY 58  56  56  GLY GLY A . n 
A 1 59  ARG 59  57  57  ARG ARG A . n 
A 1 60  TRP 60  58  58  TRP TRP A . n 
A 1 61  PRO 61  59  59  PRO PRO A . n 
A 1 62  SER 62  60  60  SER SER A . n 
A 1 63  ILE 63  61  61  ILE ILE A . n 
A 1 64  ILE 64  62  62  ILE ILE A . n 
A 1 65  CYS 65  63  63  CYS CYS A . n 
A 1 66  ILE 66  64  64  ILE ILE A . n 
A 1 67  ASP 67  65  65  ASP ASP A . n 
A 1 68  ILE 68  66  66  ILE ILE A . n 
A 1 69  ASN 69  67  67  ASN ASN A . n 
A 1 70  MET 70  68  68  MET MET A . n 
A 1 71  PRO 71  69  69  PRO PRO A . n 
A 1 72  GLY 72  70  70  GLY GLY A . n 
A 1 73  ILE 73  71  71  ILE ILE A . n 
A 1 74  ASN 74  72  72  ASN ASN A . n 
A 1 75  GLY 75  73  73  GLY GLY A . n 
A 1 76  TRP 76  74  74  TRP TRP A . n 
A 1 77  GLU 77  75  75  GLU GLU A . n 
A 1 78  LEU 78  76  76  LEU LEU A . n 
A 1 79  ILE 79  77  77  ILE ILE A . n 
A 1 80  ASP 80  78  78  ASP ASP A . n 
A 1 81  LEU 81  79  79  LEU LEU A . n 
A 1 82  PHE 82  80  80  PHE PHE A . n 
A 1 83  LYS 83  81  81  LYS LYS A . n 
A 1 84  GLN 84  82  82  GLN GLN A . n 
A 1 85  HIS 85  83  83  HIS HIS A . n 
A 1 86  PHE 86  84  84  PHE PHE A . n 
A 1 87  GLN 87  85  85  GLN GLN A . n 
A 1 88  PRO 88  86  86  PRO PRO A . n 
A 1 89  MET 89  87  87  MET MET A . n 
A 1 90  LYS 90  88  88  LYS LYS A . n 
A 1 91  ASN 91  89  89  ASN ASN A . n 
A 1 92  LYS 92  90  90  LYS LYS A . n 
A 1 93  SER 93  91  91  SER SER A . n 
A 1 94  ILE 94  92  92  ILE ILE A . n 
A 1 95  VAL 95  93  93  VAL VAL A . n 
A 1 96  CYS 96  94  94  CYS CYS A . n 
A 1 97  LEU 97  95  95  LEU LEU A . n 
A 1 98  LEU 98  96  96  LEU LEU A . n 
A 1 99  SER 99  97  97  SER SER A . n 
A 1 100 SER 100 98  98  SER SER A . n 
A 1 101 SER 101 99  99  SER SER A . n 
A 1 102 LEU 102 100 100 LEU LEU A . n 
A 1 103 ASP 103 101 101 ASP ASP A . n 
A 1 104 PRO 104 102 102 PRO PRO A . n 
A 1 105 ARG 105 103 103 ARG ARG A . n 
A 1 106 ASP 106 104 104 ASP ASP A . n 
A 1 107 GLN 107 105 105 GLN GLN A . n 
A 1 108 ALA 108 106 106 ALA ALA A . n 
A 1 109 LYS 109 107 107 LYS LYS A . n 
A 1 110 ALA 110 108 108 ALA ALA A . n 
A 1 111 GLU 111 109 109 GLU GLU A . n 
A 1 112 ALA 112 110 110 ALA ALA A . n 
A 1 113 SER 113 111 111 SER SER A . n 
A 1 114 ASP 114 112 112 ASP ASP A . n 
A 1 115 TRP 115 113 113 TRP TRP A . n 
A 1 116 VAL 116 114 114 VAL VAL A . n 
A 1 117 ASP 117 115 115 ASP ASP A . n 
A 1 118 TYR 118 116 116 TYR TYR A . n 
A 1 119 TYR 119 117 117 TYR TYR A . n 
A 1 120 VAL 120 118 118 VAL VAL A . n 
A 1 121 SER 121 119 119 SER SER A . n 
A 1 122 LYS 122 120 120 LYS LYS A . n 
A 1 123 PRO 123 121 121 PRO PRO A . n 
A 1 124 LEU 124 122 122 LEU LEU A . n 
A 1 125 THR 125 123 123 THR THR A . n 
A 1 126 ALA 126 124 124 ALA ALA A . n 
A 1 127 ASN 127 125 125 ASN ASN A . n 
A 1 128 ALA 128 126 126 ALA ALA A . n 
A 1 129 LEU 129 127 127 LEU LEU A . n 
A 1 130 ASN 130 128 128 ASN ASN A . n 
A 1 131 ASN 131 129 129 ASN ASN A . n 
A 1 132 LEU 132 130 130 LEU LEU A . n 
A 1 133 TYR 133 131 131 TYR TYR A . n 
A 1 134 ASN 134 132 132 ASN ASN A . n 
A 1 135 LYS 135 133 133 LYS LYS A . n 
A 1 136 VAL 136 134 134 VAL VAL A . n 
A 1 137 LEU 137 135 135 LEU LEU A . n 
A 1 138 ASN 138 136 136 ASN ASN A . n 
A 1 139 GLU 139 137 137 GLU GLU A . n 
A 1 140 GLY 140 138 ?   ?   ?   A . n 
A 1 141 HIS 141 139 ?   ?   ?   A . n 
A 1 142 HIS 142 140 ?   ?   ?   A . n 
A 1 143 HIS 143 141 ?   ?   ?   A . n 
A 1 144 HIS 144 142 ?   ?   ?   A . n 
A 1 145 HIS 145 143 ?   ?   ?   A . n 
A 1 146 HIS 146 144 ?   ?   ?   A . n 
# 
loop_
_pdbx_nonpoly_scheme.asym_id 
_pdbx_nonpoly_scheme.entity_id 
_pdbx_nonpoly_scheme.mon_id 
_pdbx_nonpoly_scheme.ndb_seq_num 
_pdbx_nonpoly_scheme.pdb_seq_num 
_pdbx_nonpoly_scheme.auth_seq_num 
_pdbx_nonpoly_scheme.pdb_mon_id 
_pdbx_nonpoly_scheme.auth_mon_id 
_pdbx_nonpoly_scheme.pdb_strand_id 
_pdbx_nonpoly_scheme.pdb_ins_code 
B 2 HOH 1  145 145 HOH HOH A . 
B 2 HOH 2  146 146 HOH HOH A . 
B 2 HOH 3  147 147 HOH HOH A . 
B 2 HOH 4  148 148 HOH HOH A . 
B 2 HOH 5  149 149 HOH HOH A . 
B 2 HOH 6  150 150 HOH HOH A . 
B 2 HOH 7  151 151 HOH HOH A . 
B 2 HOH 8  152 152 HOH HOH A . 
B 2 HOH 9  153 153 HOH HOH A . 
B 2 HOH 10 154 154 HOH HOH A . 
B 2 HOH 11 155 155 HOH HOH A . 
B 2 HOH 12 156 156 HOH HOH A . 
B 2 HOH 13 157 157 HOH HOH A . 
B 2 HOH 14 158 158 HOH HOH A . 
# 
loop_
_pdbx_unobs_or_zero_occ_atoms.id 
_pdbx_unobs_or_zero_occ_atoms.PDB_model_num 
_pdbx_unobs_or_zero_occ_atoms.polymer_flag 
_pdbx_unobs_or_zero_occ_atoms.occupancy_flag 
_pdbx_unobs_or_zero_occ_atoms.auth_asym_id 
_pdbx_unobs_or_zero_occ_atoms.auth_comp_id 
_pdbx_unobs_or_zero_occ_atoms.auth_seq_id 
_pdbx_unobs_or_zero_occ_atoms.PDB_ins_code 
_pdbx_unobs_or_zero_occ_atoms.auth_atom_id 
_pdbx_unobs_or_zero_occ_atoms.label_alt_id 
_pdbx_unobs_or_zero_occ_atoms.label_asym_id 
_pdbx_unobs_or_zero_occ_atoms.label_comp_id 
_pdbx_unobs_or_zero_occ_atoms.label_seq_id 
_pdbx_unobs_or_zero_occ_atoms.label_atom_id 
1  1 Y 1 A TYR 53  ? CG  ? A TYR 55  CG  
2  1 Y 1 A TYR 53  ? CD1 ? A TYR 55  CD1 
3  1 Y 1 A TYR 53  ? CD2 ? A TYR 55  CD2 
4  1 Y 1 A TYR 53  ? CE1 ? A TYR 55  CE1 
5  1 Y 1 A TYR 53  ? CE2 ? A TYR 55  CE2 
6  1 Y 1 A TYR 53  ? CZ  ? A TYR 55  CZ  
7  1 Y 1 A TYR 53  ? OH  ? A TYR 55  OH  
8  1 Y 1 A GLU 137 ? CG  ? A GLU 139 CG  
9  1 Y 1 A GLU 137 ? CD  ? A GLU 139 CD  
10 1 Y 1 A GLU 137 ? OE1 ? A GLU 139 OE1 
11 1 Y 1 A GLU 137 ? OE2 ? A GLU 139 OE2 
# 
loop_
_software.name 
_software.classification 
_software.version 
_software.citation_id 
_software.pdbx_ordinal 
CBASS     'data collection' .        ? 1 
SHELX     'model building'  .        ? 2 
SHARP     phasing           .        ? 3 
REFMAC    refinement        5.2.0005 ? 4 
HKL-2000  'data reduction'  .        ? 5 
SCALEPACK 'data scaling'    .        ? 6 
SHELX     phasing           .        ? 7 
# 
_cell.entry_id           3ILH 
_cell.length_a           63.671 
_cell.length_b           63.671 
_cell.length_c           158.388 
_cell.angle_alpha        90.00 
_cell.angle_beta         90.00 
_cell.angle_gamma        120.00 
_cell.Z_PDB              12 
_cell.pdbx_unique_axis   ? 
# 
_symmetry.entry_id                         3ILH 
_symmetry.space_group_name_H-M             'P 64 2 2' 
_symmetry.pdbx_full_space_group_name_H-M   ? 
_symmetry.cell_setting                     ? 
_symmetry.Int_Tables_number                181 
# 
_exptl.entry_id          3ILH 
_exptl.method            'X-RAY DIFFRACTION' 
_exptl.crystals_number   1 
# 
_exptl_crystal.id                    1 
_exptl_crystal.density_meas          ? 
_exptl_crystal.density_Matthews      2.79 
_exptl_crystal.density_percent_sol   55.94 
_exptl_crystal.description           ? 
# 
_exptl_crystal_grow.crystal_id      1 
_exptl_crystal_grow.method          ? 
_exptl_crystal_grow.temp            298 
_exptl_crystal_grow.temp_details    ? 
_exptl_crystal_grow.pH              4.5 
_exptl_crystal_grow.pdbx_pH_range   ? 
_exptl_crystal_grow.pdbx_details    
'0.1M Sodium Acetate trihydrate, pH4.5, 3.0M NaCl, VAPOR DIFFUSION, SITTING DROP, temperature 298K' 
# 
_diffrn.id                     1 
_diffrn.ambient_temp           100 
_diffrn.ambient_temp_details   ? 
_diffrn.crystal_id             1 
# 
_diffrn_detector.diffrn_id              1 
_diffrn_detector.detector               CCD 
_diffrn_detector.type                   'ADSC QUANTUM 315' 
_diffrn_detector.pdbx_collection_date   2009-07-31 
_diffrn_detector.details                MIRRORS 
# 
_diffrn_radiation.diffrn_id                        1 
_diffrn_radiation.wavelength_id                    1 
_diffrn_radiation.pdbx_monochromatic_or_laue_m_l   M 
_diffrn_radiation.monochromator                    'SI(III)' 
_diffrn_radiation.pdbx_diffrn_protocol             'SINGLE WAVELENGTH' 
_diffrn_radiation.pdbx_scattering_type             x-ray 
# 
_diffrn_radiation_wavelength.id           1 
_diffrn_radiation_wavelength.wavelength   0.9789 
_diffrn_radiation_wavelength.wt           1.0 
# 
_diffrn_source.diffrn_id                   1 
_diffrn_source.source                      SYNCHROTRON 
_diffrn_source.type                        'NSLS BEAMLINE X25' 
_diffrn_source.pdbx_synchrotron_site       NSLS 
_diffrn_source.pdbx_synchrotron_beamline   X25 
_diffrn_source.pdbx_wavelength             0.9789 
_diffrn_source.pdbx_wavelength_list        ? 
# 
_reflns.entry_id                     3ILH 
_reflns.observed_criterion_sigma_I   0.000 
_reflns.observed_criterion_sigma_F   ? 
_reflns.d_resolution_low             50.000 
_reflns.d_resolution_high            2.590 
_reflns.number_obs                   6499 
_reflns.number_all                   ? 
_reflns.percent_possible_obs         100.0 
_reflns.pdbx_Rmerge_I_obs            0.07200 
_reflns.pdbx_Rsym_value              0.07200 
_reflns.pdbx_netI_over_sigmaI        9.8000 
_reflns.B_iso_Wilson_estimate        ? 
_reflns.pdbx_redundancy              55.900 
_reflns.pdbx_ordinal                 1 
_reflns.pdbx_diffrn_id               1 
# 
_reflns_shell.d_res_high             2.59 
_reflns_shell.d_res_low              2.68 
_reflns_shell.percent_possible_all   100.0 
_reflns_shell.Rmerge_I_obs           0.81000 
_reflns_shell.pdbx_Rsym_value        ? 
_reflns_shell.meanI_over_sigI_obs    ? 
_reflns_shell.pdbx_redundancy        47.90 
_reflns_shell.pdbx_ordinal           1 
_reflns_shell.pdbx_diffrn_id         1 
# 
_refine.pdbx_refine_id                           'X-RAY DIFFRACTION' 
_refine.entry_id                                 3ILH 
_refine.ls_number_reflns_obs                     6160 
_refine.ls_number_reflns_all                     6499 
_refine.pdbx_ls_sigma_I                          ? 
_refine.pdbx_ls_sigma_F                          0.000 
_refine.pdbx_data_cutoff_high_absF               ? 
_refine.pdbx_data_cutoff_low_absF                ? 
_refine.pdbx_data_cutoff_high_rms_absF           ? 
_refine.ls_d_res_low                             50.00 
_refine.ls_d_res_high                            2.59 
_refine.ls_percent_reflns_obs                    99.9 
_refine.ls_R_factor_obs                          0.235 
_refine.ls_R_factor_all                          ? 
_refine.ls_R_factor_R_work                       0.232 
_refine.ls_R_factor_R_free                       0.288 
_refine.ls_R_factor_R_free_error                 ? 
_refine.ls_R_factor_R_free_error_details         ? 
_refine.ls_percent_reflns_R_free                 4.600 
_refine.ls_number_reflns_R_free                  300 
_refine.ls_number_parameters                     ? 
_refine.ls_number_restraints                     ? 
_refine.occupancy_min                            ? 
_refine.occupancy_max                            ? 
_refine.correlation_coeff_Fo_to_Fc               0.934 
_refine.correlation_coeff_Fo_to_Fc_free          0.911 
_refine.B_iso_mean                               57.62 
_refine.aniso_B[1][1]                            0.76000 
_refine.aniso_B[2][2]                            0.76000 
_refine.aniso_B[3][3]                            -1.14000 
_refine.aniso_B[1][2]                            0.38000 
_refine.aniso_B[1][3]                            0.00000 
_refine.aniso_B[2][3]                            0.00000 
_refine.solvent_model_details                    MASK 
_refine.solvent_model_param_ksol                 ? 
_refine.solvent_model_param_bsol                 ? 
_refine.pdbx_solvent_vdw_probe_radii             1.20 
_refine.pdbx_solvent_ion_probe_radii             0.80 
_refine.pdbx_solvent_shrinkage_radii             0.80 
_refine.pdbx_ls_cross_valid_method               THROUGHOUT 
_refine.details                                  'HYDROGENS HAVE BEEN ADDED IN THE RIDING POSITIONS' 
_refine.pdbx_starting_model                      ? 
_refine.pdbx_method_to_determine_struct          SAD 
_refine.pdbx_isotropic_thermal_model             Isotropic 
_refine.pdbx_stereochemistry_target_values       'MAXIMUM LIKELIHOOD' 
_refine.pdbx_stereochem_target_val_spec_case     ? 
_refine.pdbx_R_Free_selection_details            RANDOM 
_refine.pdbx_overall_ESU_R                       0.458 
_refine.pdbx_overall_ESU_R_Free                  0.315 
_refine.overall_SU_ML                            0.228 
_refine.pdbx_overall_phase_error                 ? 
_refine.overall_SU_B                             10.558 
_refine.pdbx_diffrn_id                           1 
_refine.pdbx_TLS_residual_ADP_flag               ? 
_refine.overall_SU_R_Cruickshank_DPI             ? 
_refine.pdbx_overall_SU_R_free_Cruickshank_DPI   ? 
_refine.pdbx_overall_SU_R_Blow_DPI               ? 
_refine.pdbx_overall_SU_R_free_Blow_DPI          ? 
# 
_refine_hist.pdbx_refine_id                   'X-RAY DIFFRACTION' 
_refine_hist.cycle_id                         LAST 
_refine_hist.pdbx_number_atoms_protein        1048 
_refine_hist.pdbx_number_atoms_nucleic_acid   0 
_refine_hist.pdbx_number_atoms_ligand         0 
_refine_hist.number_atoms_solvent             14 
_refine_hist.number_atoms_total               1062 
_refine_hist.d_res_high                       2.59 
_refine_hist.d_res_low                        50.00 
# 
loop_
_refine_ls_restr.type 
_refine_ls_restr.dev_ideal 
_refine_ls_restr.dev_ideal_target 
_refine_ls_restr.weight 
_refine_ls_restr.number 
_refine_ls_restr.pdbx_refine_id 
_refine_ls_restr.pdbx_restraint_function 
r_bond_refined_d             0.039  0.022  ? 1068 'X-RAY DIFFRACTION' ? 
r_bond_other_d               ?      ?      ? ?    'X-RAY DIFFRACTION' ? 
r_angle_refined_deg          3.291  1.955  ? 1452 'X-RAY DIFFRACTION' ? 
r_angle_other_deg            ?      ?      ? ?    'X-RAY DIFFRACTION' ? 
r_dihedral_angle_1_deg       9.562  5.000  ? 132  'X-RAY DIFFRACTION' ? 
r_dihedral_angle_2_deg       43.573 25.800 ? 50   'X-RAY DIFFRACTION' ? 
r_dihedral_angle_3_deg       24.797 15.000 ? 190  'X-RAY DIFFRACTION' ? 
r_dihedral_angle_4_deg       25.563 15.000 ? 5    'X-RAY DIFFRACTION' ? 
r_chiral_restr               0.196  0.200  ? 169  'X-RAY DIFFRACTION' ? 
r_gen_planes_refined         0.013  0.020  ? 800  'X-RAY DIFFRACTION' ? 
r_gen_planes_other           ?      ?      ? ?    'X-RAY DIFFRACTION' ? 
r_nbd_refined                0.299  0.200  ? 488  'X-RAY DIFFRACTION' ? 
r_nbd_other                  ?      ?      ? ?    'X-RAY DIFFRACTION' ? 
r_nbtor_refined              0.341  0.200  ? 724  'X-RAY DIFFRACTION' ? 
r_nbtor_other                ?      ?      ? ?    'X-RAY DIFFRACTION' ? 
r_xyhbond_nbd_refined        0.188  0.200  ? 58   'X-RAY DIFFRACTION' ? 
r_xyhbond_nbd_other          ?      ?      ? ?    'X-RAY DIFFRACTION' ? 
r_metal_ion_refined          ?      ?      ? ?    'X-RAY DIFFRACTION' ? 
r_metal_ion_other            ?      ?      ? ?    'X-RAY DIFFRACTION' ? 
r_symmetry_vdw_refined       0.301  0.200  ? 25   'X-RAY DIFFRACTION' ? 
r_symmetry_vdw_other         ?      ?      ? ?    'X-RAY DIFFRACTION' ? 
r_symmetry_hbond_refined     0.042  0.200  ? 1    'X-RAY DIFFRACTION' ? 
r_symmetry_hbond_other       ?      ?      ? ?    'X-RAY DIFFRACTION' ? 
r_symmetry_metal_ion_refined ?      ?      ? ?    'X-RAY DIFFRACTION' ? 
r_symmetry_metal_ion_other   ?      ?      ? ?    'X-RAY DIFFRACTION' ? 
r_mcbond_it                  1.751  1.500  ? 693  'X-RAY DIFFRACTION' ? 
r_mcbond_other               ?      ?      ? ?    'X-RAY DIFFRACTION' ? 
r_mcangle_it                 2.844  2.000  ? 1081 'X-RAY DIFFRACTION' ? 
r_scbond_it                  4.531  3.000  ? 439  'X-RAY DIFFRACTION' ? 
r_scangle_it                 6.992  4.500  ? 371  'X-RAY DIFFRACTION' ? 
r_rigid_bond_restr           ?      ?      ? ?    'X-RAY DIFFRACTION' ? 
r_sphericity_free            ?      ?      ? ?    'X-RAY DIFFRACTION' ? 
r_sphericity_bonded          ?      ?      ? ?    'X-RAY DIFFRACTION' ? 
# 
_refine_ls_shell.pdbx_refine_id                   'X-RAY DIFFRACTION' 
_refine_ls_shell.pdbx_total_number_of_bins_used   20 
_refine_ls_shell.d_res_high                       2.59 
_refine_ls_shell.d_res_low                        2.66 
_refine_ls_shell.number_reflns_R_work             441 
_refine_ls_shell.R_factor_R_work                  0.2380 
_refine_ls_shell.percent_reflns_obs               99.16 
_refine_ls_shell.R_factor_R_free                  0.5030 
_refine_ls_shell.R_factor_R_free_error            ? 
_refine_ls_shell.percent_reflns_R_free            ? 
_refine_ls_shell.number_reflns_R_free             30 
_refine_ls_shell.number_reflns_all                ? 
_refine_ls_shell.R_factor_all                     ? 
# 
_struct.entry_id                  3ILH 
_struct.title                     'Crystal structure of Two component response regulator from Cytophaga hutchinsonii' 
_struct.pdbx_model_details        ? 
_struct.pdbx_CASP_flag            ? 
_struct.pdbx_model_type_details   ? 
# 
_struct_keywords.entry_id        3ILH 
_struct_keywords.pdbx_keywords   'transcription regulator' 
_struct_keywords.text            
;NYSGXRC, PSI-II, two component response regulator, Protein structure Initiative, structural genomics, New York SGX Research Center for Structural Genomics, transcription regulator
;
# 
loop_
_struct_asym.id 
_struct_asym.pdbx_blank_PDB_chainid_flag 
_struct_asym.pdbx_modified 
_struct_asym.entity_id 
_struct_asym.details 
A N N 1 ? 
B N N 2 ? 
# 
_struct_ref.id                         1 
_struct_ref.db_name                    UNP 
_struct_ref.db_code                    Q11VD8_CYTH3 
_struct_ref.pdbx_db_accession          Q11VD8 
_struct_ref.entity_id                  1 
_struct_ref.pdbx_seq_one_letter_code   
;ADTRKIDSVLLIDDDDIVNFLNTTIIRMTHRVEEIQSVTSGNAAINKLNELYAAGRWPSIICIDINMPGINGWELIDLFK
QHFQPMKNKSIVCLLSSSLDPRDQAKAEASDWVDYYVSKPLTANALNNLYNKVLN
;
_struct_ref.pdbx_align_begin           2 
_struct_ref.pdbx_db_isoform            ? 
# 
_struct_ref_seq.align_id                      1 
_struct_ref_seq.ref_id                        1 
_struct_ref_seq.pdbx_PDB_id_code              3ILH 
_struct_ref_seq.pdbx_strand_id                A 
_struct_ref_seq.seq_align_beg                 4 
_struct_ref_seq.pdbx_seq_align_beg_ins_code   ? 
_struct_ref_seq.seq_align_end                 138 
_struct_ref_seq.pdbx_seq_align_end_ins_code   ? 
_struct_ref_seq.pdbx_db_accession             Q11VD8 
_struct_ref_seq.db_align_beg                  2 
_struct_ref_seq.pdbx_db_align_beg_ins_code    ? 
_struct_ref_seq.db_align_end                  136 
_struct_ref_seq.pdbx_db_align_end_ins_code    ? 
_struct_ref_seq.pdbx_auth_seq_align_beg       2 
_struct_ref_seq.pdbx_auth_seq_align_end       136 
# 
loop_
_struct_ref_seq_dif.align_id 
_struct_ref_seq_dif.pdbx_pdb_id_code 
_struct_ref_seq_dif.mon_id 
_struct_ref_seq_dif.pdbx_pdb_strand_id 
_struct_ref_seq_dif.seq_num 
_struct_ref_seq_dif.pdbx_pdb_ins_code 
_struct_ref_seq_dif.pdbx_seq_db_name 
_struct_ref_seq_dif.pdbx_seq_db_accession_code 
_struct_ref_seq_dif.db_mon_id 
_struct_ref_seq_dif.pdbx_seq_db_seq_num 
_struct_ref_seq_dif.details 
_struct_ref_seq_dif.pdbx_auth_seq_num 
_struct_ref_seq_dif.pdbx_ordinal 
1 3ILH MET A 1   ? UNP Q11VD8 ? ? 'expression tag' -1  1  
1 3ILH SER A 2   ? UNP Q11VD8 ? ? 'expression tag' 0   2  
1 3ILH LEU A 3   ? UNP Q11VD8 ? ? 'expression tag' 1   3  
1 3ILH GLU A 139 ? UNP Q11VD8 ? ? 'expression tag' 137 4  
1 3ILH GLY A 140 ? UNP Q11VD8 ? ? 'expression tag' 138 5  
1 3ILH HIS A 141 ? UNP Q11VD8 ? ? 'expression tag' 139 6  
1 3ILH HIS A 142 ? UNP Q11VD8 ? ? 'expression tag' 140 7  
1 3ILH HIS A 143 ? UNP Q11VD8 ? ? 'expression tag' 141 8  
1 3ILH HIS A 144 ? UNP Q11VD8 ? ? 'expression tag' 142 9  
1 3ILH HIS A 145 ? UNP Q11VD8 ? ? 'expression tag' 143 10 
1 3ILH HIS A 146 ? UNP Q11VD8 ? ? 'expression tag' 144 11 
# 
loop_
_pdbx_struct_assembly.id 
_pdbx_struct_assembly.details 
_pdbx_struct_assembly.method_details 
_pdbx_struct_assembly.oligomeric_details 
_pdbx_struct_assembly.oligomeric_count 
1 author_defined_assembly   ?    monomeric 1 
2 software_defined_assembly PISA dimeric   2 
# 
loop_
_pdbx_struct_assembly_prop.biol_id 
_pdbx_struct_assembly_prop.type 
_pdbx_struct_assembly_prop.value 
_pdbx_struct_assembly_prop.details 
2 'ABSA (A^2)' 1140  ? 
2 MORE         -12   ? 
2 'SSA (A^2)'  12890 ? 
# 
loop_
_pdbx_struct_assembly_gen.assembly_id 
_pdbx_struct_assembly_gen.oper_expression 
_pdbx_struct_assembly_gen.asym_id_list 
1 1   A,B 
2 1,2 A,B 
# 
loop_
_pdbx_struct_oper_list.id 
_pdbx_struct_oper_list.type 
_pdbx_struct_oper_list.name 
_pdbx_struct_oper_list.symmetry_operation 
_pdbx_struct_oper_list.matrix[1][1] 
_pdbx_struct_oper_list.matrix[1][2] 
_pdbx_struct_oper_list.matrix[1][3] 
_pdbx_struct_oper_list.vector[1] 
_pdbx_struct_oper_list.matrix[2][1] 
_pdbx_struct_oper_list.matrix[2][2] 
_pdbx_struct_oper_list.matrix[2][3] 
_pdbx_struct_oper_list.vector[2] 
_pdbx_struct_oper_list.matrix[3][1] 
_pdbx_struct_oper_list.matrix[3][2] 
_pdbx_struct_oper_list.matrix[3][3] 
_pdbx_struct_oper_list.vector[3] 
1 'identity operation'         1_555 x,y,z     1.0000000000  0.0000000000  0.0000000000  0.0000000000 0.0000000000  1.0000000000 0.0000000000 0.0000000000   0.0000000000  0.0000000000 1.0000000000  0.0000000000  
2 'crystal symmetry operation' 8_555 x-y,-y,-z -0.5856185189 -0.7488794330 -0.3102104852 2.6252744142 -0.7488794330 0.3533915746 0.5606192914 -10.1314149940 -0.3102104852 0.5606192914 -0.7677730557 27.9651199093 
# 
_struct_biol.id   1 
# 
loop_
_struct_conf.conf_type_id 
_struct_conf.id 
_struct_conf.pdbx_PDB_helix_id 
_struct_conf.beg_label_comp_id 
_struct_conf.beg_label_asym_id 
_struct_conf.beg_label_seq_id 
_struct_conf.pdbx_beg_PDB_ins_code 
_struct_conf.end_label_comp_id 
_struct_conf.end_label_asym_id 
_struct_conf.end_label_seq_id 
_struct_conf.pdbx_end_PDB_ins_code 
_struct_conf.beg_auth_comp_id 
_struct_conf.beg_auth_asym_id 
_struct_conf.beg_auth_seq_id 
_struct_conf.end_auth_comp_id 
_struct_conf.end_auth_asym_id 
_struct_conf.end_auth_seq_id 
_struct_conf.pdbx_PDB_helix_class 
_struct_conf.details 
_struct_conf.pdbx_PDB_helix_length 
HELX_P HELX_P1 1 ASP A 18  ? MET A 31  ? ASP A 16  MET A 29  1 ? 14 
HELX_P HELX_P2 2 SER A 43  ? ALA A 56  ? SER A 41  ALA A 54  1 ? 14 
HELX_P HELX_P3 3 ASN A 74  ? PHE A 86  ? ASN A 72  PHE A 84  1 ? 13 
HELX_P HELX_P4 4 GLN A 87  ? LYS A 90  ? GLN A 85  LYS A 88  5 ? 4  
HELX_P HELX_P5 5 ASP A 103 ? SER A 113 ? ASP A 101 SER A 111 1 ? 11 
HELX_P HELX_P6 6 THR A 125 ? ASN A 138 ? THR A 123 ASN A 136 1 ? 14 
# 
_struct_conf_type.id          HELX_P 
_struct_conf_type.criteria    ? 
_struct_conf_type.reference   ? 
# 
_struct_mon_prot_cis.pdbx_id                1 
_struct_mon_prot_cis.label_comp_id          LYS 
_struct_mon_prot_cis.label_seq_id           122 
_struct_mon_prot_cis.label_asym_id          A 
_struct_mon_prot_cis.label_alt_id           . 
_struct_mon_prot_cis.pdbx_PDB_ins_code      ? 
_struct_mon_prot_cis.auth_comp_id           LYS 
_struct_mon_prot_cis.auth_seq_id            120 
_struct_mon_prot_cis.auth_asym_id           A 
_struct_mon_prot_cis.pdbx_label_comp_id_2   PRO 
_struct_mon_prot_cis.pdbx_label_seq_id_2    123 
_struct_mon_prot_cis.pdbx_label_asym_id_2   A 
_struct_mon_prot_cis.pdbx_PDB_ins_code_2    ? 
_struct_mon_prot_cis.pdbx_auth_comp_id_2    PRO 
_struct_mon_prot_cis.pdbx_auth_seq_id_2     121 
_struct_mon_prot_cis.pdbx_auth_asym_id_2    A 
_struct_mon_prot_cis.pdbx_PDB_model_num     1 
_struct_mon_prot_cis.pdbx_omega_angle       -3.56 
# 
_struct_sheet.id               A 
_struct_sheet.type             ? 
_struct_sheet.number_strands   5 
_struct_sheet.details          ? 
# 
loop_
_struct_sheet_order.sheet_id 
_struct_sheet_order.range_id_1 
_struct_sheet_order.range_id_2 
_struct_sheet_order.offset 
_struct_sheet_order.sense 
A 1 2 ? parallel 
A 2 3 ? parallel 
A 3 4 ? parallel 
A 4 5 ? parallel 
# 
loop_
_struct_sheet_range.sheet_id 
_struct_sheet_range.id 
_struct_sheet_range.beg_label_comp_id 
_struct_sheet_range.beg_label_asym_id 
_struct_sheet_range.beg_label_seq_id 
_struct_sheet_range.pdbx_beg_PDB_ins_code 
_struct_sheet_range.end_label_comp_id 
_struct_sheet_range.end_label_asym_id 
_struct_sheet_range.end_label_seq_id 
_struct_sheet_range.pdbx_end_PDB_ins_code 
_struct_sheet_range.beg_auth_comp_id 
_struct_sheet_range.beg_auth_asym_id 
_struct_sheet_range.beg_auth_seq_id 
_struct_sheet_range.end_auth_comp_id 
_struct_sheet_range.end_auth_asym_id 
_struct_sheet_range.end_auth_seq_id 
A 1 GLU A 37  ? VAL A 41  ? GLU A 35  VAL A 39  
A 2 SER A 11  ? ILE A 15  ? SER A 9   ILE A 13  
A 3 ILE A 63  ? ASP A 67  ? ILE A 61  ASP A 65  
A 4 ILE A 94  ? LEU A 98  ? ILE A 92  LEU A 96  
A 5 TYR A 118 ? VAL A 120 ? TYR A 116 VAL A 118 
# 
loop_
_pdbx_struct_sheet_hbond.sheet_id 
_pdbx_struct_sheet_hbond.range_id_1 
_pdbx_struct_sheet_hbond.range_id_2 
_pdbx_struct_sheet_hbond.range_1_label_atom_id 
_pdbx_struct_sheet_hbond.range_1_label_comp_id 
_pdbx_struct_sheet_hbond.range_1_label_asym_id 
_pdbx_struct_sheet_hbond.range_1_label_seq_id 
_pdbx_struct_sheet_hbond.range_1_PDB_ins_code 
_pdbx_struct_sheet_hbond.range_1_auth_atom_id 
_pdbx_struct_sheet_hbond.range_1_auth_comp_id 
_pdbx_struct_sheet_hbond.range_1_auth_asym_id 
_pdbx_struct_sheet_hbond.range_1_auth_seq_id 
_pdbx_struct_sheet_hbond.range_2_label_atom_id 
_pdbx_struct_sheet_hbond.range_2_label_comp_id 
_pdbx_struct_sheet_hbond.range_2_label_asym_id 
_pdbx_struct_sheet_hbond.range_2_label_seq_id 
_pdbx_struct_sheet_hbond.range_2_PDB_ins_code 
_pdbx_struct_sheet_hbond.range_2_auth_atom_id 
_pdbx_struct_sheet_hbond.range_2_auth_comp_id 
_pdbx_struct_sheet_hbond.range_2_auth_asym_id 
_pdbx_struct_sheet_hbond.range_2_auth_seq_id 
A 1 2 O GLN A 39 ? O GLN A 37 N LEU A 14  ? N LEU A 12  
A 2 3 N LEU A 13 ? N LEU A 11 O ILE A 63  ? O ILE A 61  
A 3 4 N ILE A 64 ? N ILE A 62 O CYS A 96  ? O CYS A 94  
A 4 5 N LEU A 97 ? N LEU A 95 O TYR A 118 ? O TYR A 116 
# 
loop_
_pdbx_validate_torsion.id 
_pdbx_validate_torsion.PDB_model_num 
_pdbx_validate_torsion.auth_comp_id 
_pdbx_validate_torsion.auth_asym_id 
_pdbx_validate_torsion.auth_seq_id 
_pdbx_validate_torsion.PDB_ins_code 
_pdbx_validate_torsion.label_alt_id 
_pdbx_validate_torsion.phi 
_pdbx_validate_torsion.psi 
1 1 MET A 29  ? ? -41.76 -14.66 
2 1 HIS A 31  ? ? 51.85  11.84  
3 1 ALA A 54  ? ? -59.30 -7.83  
4 1 LYS A 81  ? ? -55.90 -8.52  
5 1 ALA A 110 ? ? -49.51 -73.66 
6 1 LEU A 122 ? ? -38.74 140.56 
# 
_pdbx_SG_project.id                    1 
_pdbx_SG_project.project_name          'PSI, Protein Structure Initiative' 
_pdbx_SG_project.full_name_of_center   'New York SGX Research Center for Structural Genomics' 
_pdbx_SG_project.initial_of_center     NYSGXRC 
# 
loop_
_pdbx_unobs_or_zero_occ_residues.id 
_pdbx_unobs_or_zero_occ_residues.PDB_model_num 
_pdbx_unobs_or_zero_occ_residues.polymer_flag 
_pdbx_unobs_or_zero_occ_residues.occupancy_flag 
_pdbx_unobs_or_zero_occ_residues.auth_asym_id 
_pdbx_unobs_or_zero_occ_residues.auth_comp_id 
_pdbx_unobs_or_zero_occ_residues.auth_seq_id 
_pdbx_unobs_or_zero_occ_residues.PDB_ins_code 
_pdbx_unobs_or_zero_occ_residues.label_asym_id 
_pdbx_unobs_or_zero_occ_residues.label_comp_id 
_pdbx_unobs_or_zero_occ_residues.label_seq_id 
1  1 Y 1 A MET -1  ? A MET 1   
2  1 Y 1 A SER 0   ? A SER 2   
3  1 Y 1 A LEU 1   ? A LEU 3   
4  1 Y 1 A ALA 2   ? A ALA 4   
5  1 Y 1 A ASP 3   ? A ASP 5   
6  1 Y 1 A THR 4   ? A THR 6   
7  1 Y 1 A GLY 138 ? A GLY 140 
8  1 Y 1 A HIS 139 ? A HIS 141 
9  1 Y 1 A HIS 140 ? A HIS 142 
10 1 Y 1 A HIS 141 ? A HIS 143 
11 1 Y 1 A HIS 142 ? A HIS 144 
12 1 Y 1 A HIS 143 ? A HIS 145 
13 1 Y 1 A HIS 144 ? A HIS 146 
# 
loop_
_chem_comp_atom.comp_id 
_chem_comp_atom.atom_id 
_chem_comp_atom.type_symbol 
_chem_comp_atom.pdbx_aromatic_flag 
_chem_comp_atom.pdbx_stereo_config 
_chem_comp_atom.pdbx_ordinal 
ALA N    N N N 1   
ALA CA   C N S 2   
ALA C    C N N 3   
ALA O    O N N 4   
ALA CB   C N N 5   
ALA OXT  O N N 6   
ALA H    H N N 7   
ALA H2   H N N 8   
ALA HA   H N N 9   
ALA HB1  H N N 10  
ALA HB2  H N N 11  
ALA HB3  H N N 12  
ALA HXT  H N N 13  
ARG N    N N N 14  
ARG CA   C N S 15  
ARG C    C N N 16  
ARG O    O N N 17  
ARG CB   C N N 18  
ARG CG   C N N 19  
ARG CD   C N N 20  
ARG NE   N N N 21  
ARG CZ   C N N 22  
ARG NH1  N N N 23  
ARG NH2  N N N 24  
ARG OXT  O N N 25  
ARG H    H N N 26  
ARG H2   H N N 27  
ARG HA   H N N 28  
ARG HB2  H N N 29  
ARG HB3  H N N 30  
ARG HG2  H N N 31  
ARG HG3  H N N 32  
ARG HD2  H N N 33  
ARG HD3  H N N 34  
ARG HE   H N N 35  
ARG HH11 H N N 36  
ARG HH12 H N N 37  
ARG HH21 H N N 38  
ARG HH22 H N N 39  
ARG HXT  H N N 40  
ASN N    N N N 41  
ASN CA   C N S 42  
ASN C    C N N 43  
ASN O    O N N 44  
ASN CB   C N N 45  
ASN CG   C N N 46  
ASN OD1  O N N 47  
ASN ND2  N N N 48  
ASN OXT  O N N 49  
ASN H    H N N 50  
ASN H2   H N N 51  
ASN HA   H N N 52  
ASN HB2  H N N 53  
ASN HB3  H N N 54  
ASN HD21 H N N 55  
ASN HD22 H N N 56  
ASN HXT  H N N 57  
ASP N    N N N 58  
ASP CA   C N S 59  
ASP C    C N N 60  
ASP O    O N N 61  
ASP CB   C N N 62  
ASP CG   C N N 63  
ASP OD1  O N N 64  
ASP OD2  O N N 65  
ASP OXT  O N N 66  
ASP H    H N N 67  
ASP H2   H N N 68  
ASP HA   H N N 69  
ASP HB2  H N N 70  
ASP HB3  H N N 71  
ASP HD2  H N N 72  
ASP HXT  H N N 73  
CYS N    N N N 74  
CYS CA   C N R 75  
CYS C    C N N 76  
CYS O    O N N 77  
CYS CB   C N N 78  
CYS SG   S N N 79  
CYS OXT  O N N 80  
CYS H    H N N 81  
CYS H2   H N N 82  
CYS HA   H N N 83  
CYS HB2  H N N 84  
CYS HB3  H N N 85  
CYS HG   H N N 86  
CYS HXT  H N N 87  
GLN N    N N N 88  
GLN CA   C N S 89  
GLN C    C N N 90  
GLN O    O N N 91  
GLN CB   C N N 92  
GLN CG   C N N 93  
GLN CD   C N N 94  
GLN OE1  O N N 95  
GLN NE2  N N N 96  
GLN OXT  O N N 97  
GLN H    H N N 98  
GLN H2   H N N 99  
GLN HA   H N N 100 
GLN HB2  H N N 101 
GLN HB3  H N N 102 
GLN HG2  H N N 103 
GLN HG3  H N N 104 
GLN HE21 H N N 105 
GLN HE22 H N N 106 
GLN HXT  H N N 107 
GLU N    N N N 108 
GLU CA   C N S 109 
GLU C    C N N 110 
GLU O    O N N 111 
GLU CB   C N N 112 
GLU CG   C N N 113 
GLU CD   C N N 114 
GLU OE1  O N N 115 
GLU OE2  O N N 116 
GLU OXT  O N N 117 
GLU H    H N N 118 
GLU H2   H N N 119 
GLU HA   H N N 120 
GLU HB2  H N N 121 
GLU HB3  H N N 122 
GLU HG2  H N N 123 
GLU HG3  H N N 124 
GLU HE2  H N N 125 
GLU HXT  H N N 126 
GLY N    N N N 127 
GLY CA   C N N 128 
GLY C    C N N 129 
GLY O    O N N 130 
GLY OXT  O N N 131 
GLY H    H N N 132 
GLY H2   H N N 133 
GLY HA2  H N N 134 
GLY HA3  H N N 135 
GLY HXT  H N N 136 
HIS N    N N N 137 
HIS CA   C N S 138 
HIS C    C N N 139 
HIS O    O N N 140 
HIS CB   C N N 141 
HIS CG   C Y N 142 
HIS ND1  N Y N 143 
HIS CD2  C Y N 144 
HIS CE1  C Y N 145 
HIS NE2  N Y N 146 
HIS OXT  O N N 147 
HIS H    H N N 148 
HIS H2   H N N 149 
HIS HA   H N N 150 
HIS HB2  H N N 151 
HIS HB3  H N N 152 
HIS HD1  H N N 153 
HIS HD2  H N N 154 
HIS HE1  H N N 155 
HIS HE2  H N N 156 
HIS HXT  H N N 157 
HOH O    O N N 158 
HOH H1   H N N 159 
HOH H2   H N N 160 
ILE N    N N N 161 
ILE CA   C N S 162 
ILE C    C N N 163 
ILE O    O N N 164 
ILE CB   C N S 165 
ILE CG1  C N N 166 
ILE CG2  C N N 167 
ILE CD1  C N N 168 
ILE OXT  O N N 169 
ILE H    H N N 170 
ILE H2   H N N 171 
ILE HA   H N N 172 
ILE HB   H N N 173 
ILE HG12 H N N 174 
ILE HG13 H N N 175 
ILE HG21 H N N 176 
ILE HG22 H N N 177 
ILE HG23 H N N 178 
ILE HD11 H N N 179 
ILE HD12 H N N 180 
ILE HD13 H N N 181 
ILE HXT  H N N 182 
LEU N    N N N 183 
LEU CA   C N S 184 
LEU C    C N N 185 
LEU O    O N N 186 
LEU CB   C N N 187 
LEU CG   C N N 188 
LEU CD1  C N N 189 
LEU CD2  C N N 190 
LEU OXT  O N N 191 
LEU H    H N N 192 
LEU H2   H N N 193 
LEU HA   H N N 194 
LEU HB2  H N N 195 
LEU HB3  H N N 196 
LEU HG   H N N 197 
LEU HD11 H N N 198 
LEU HD12 H N N 199 
LEU HD13 H N N 200 
LEU HD21 H N N 201 
LEU HD22 H N N 202 
LEU HD23 H N N 203 
LEU HXT  H N N 204 
LYS N    N N N 205 
LYS CA   C N S 206 
LYS C    C N N 207 
LYS O    O N N 208 
LYS CB   C N N 209 
LYS CG   C N N 210 
LYS CD   C N N 211 
LYS CE   C N N 212 
LYS NZ   N N N 213 
LYS OXT  O N N 214 
LYS H    H N N 215 
LYS H2   H N N 216 
LYS HA   H N N 217 
LYS HB2  H N N 218 
LYS HB3  H N N 219 
LYS HG2  H N N 220 
LYS HG3  H N N 221 
LYS HD2  H N N 222 
LYS HD3  H N N 223 
LYS HE2  H N N 224 
LYS HE3  H N N 225 
LYS HZ1  H N N 226 
LYS HZ2  H N N 227 
LYS HZ3  H N N 228 
LYS HXT  H N N 229 
MET N    N N N 230 
MET CA   C N S 231 
MET C    C N N 232 
MET O    O N N 233 
MET CB   C N N 234 
MET CG   C N N 235 
MET SD   S N N 236 
MET CE   C N N 237 
MET OXT  O N N 238 
MET H    H N N 239 
MET H2   H N N 240 
MET HA   H N N 241 
MET HB2  H N N 242 
MET HB3  H N N 243 
MET HG2  H N N 244 
MET HG3  H N N 245 
MET HE1  H N N 246 
MET HE2  H N N 247 
MET HE3  H N N 248 
MET HXT  H N N 249 
PHE N    N N N 250 
PHE CA   C N S 251 
PHE C    C N N 252 
PHE O    O N N 253 
PHE CB   C N N 254 
PHE CG   C Y N 255 
PHE CD1  C Y N 256 
PHE CD2  C Y N 257 
PHE CE1  C Y N 258 
PHE CE2  C Y N 259 
PHE CZ   C Y N 260 
PHE OXT  O N N 261 
PHE H    H N N 262 
PHE H2   H N N 263 
PHE HA   H N N 264 
PHE HB2  H N N 265 
PHE HB3  H N N 266 
PHE HD1  H N N 267 
PHE HD2  H N N 268 
PHE HE1  H N N 269 
PHE HE2  H N N 270 
PHE HZ   H N N 271 
PHE HXT  H N N 272 
PRO N    N N N 273 
PRO CA   C N S 274 
PRO C    C N N 275 
PRO O    O N N 276 
PRO CB   C N N 277 
PRO CG   C N N 278 
PRO CD   C N N 279 
PRO OXT  O N N 280 
PRO H    H N N 281 
PRO HA   H N N 282 
PRO HB2  H N N 283 
PRO HB3  H N N 284 
PRO HG2  H N N 285 
PRO HG3  H N N 286 
PRO HD2  H N N 287 
PRO HD3  H N N 288 
PRO HXT  H N N 289 
SER N    N N N 290 
SER CA   C N S 291 
SER C    C N N 292 
SER O    O N N 293 
SER CB   C N N 294 
SER OG   O N N 295 
SER OXT  O N N 296 
SER H    H N N 297 
SER H2   H N N 298 
SER HA   H N N 299 
SER HB2  H N N 300 
SER HB3  H N N 301 
SER HG   H N N 302 
SER HXT  H N N 303 
THR N    N N N 304 
THR CA   C N S 305 
THR C    C N N 306 
THR O    O N N 307 
THR CB   C N R 308 
THR OG1  O N N 309 
THR CG2  C N N 310 
THR OXT  O N N 311 
THR H    H N N 312 
THR H2   H N N 313 
THR HA   H N N 314 
THR HB   H N N 315 
THR HG1  H N N 316 
THR HG21 H N N 317 
THR HG22 H N N 318 
THR HG23 H N N 319 
THR HXT  H N N 320 
TRP N    N N N 321 
TRP CA   C N S 322 
TRP C    C N N 323 
TRP O    O N N 324 
TRP CB   C N N 325 
TRP CG   C Y N 326 
TRP CD1  C Y N 327 
TRP CD2  C Y N 328 
TRP NE1  N Y N 329 
TRP CE2  C Y N 330 
TRP CE3  C Y N 331 
TRP CZ2  C Y N 332 
TRP CZ3  C Y N 333 
TRP CH2  C Y N 334 
TRP OXT  O N N 335 
TRP H    H N N 336 
TRP H2   H N N 337 
TRP HA   H N N 338 
TRP HB2  H N N 339 
TRP HB3  H N N 340 
TRP HD1  H N N 341 
TRP HE1  H N N 342 
TRP HE3  H N N 343 
TRP HZ2  H N N 344 
TRP HZ3  H N N 345 
TRP HH2  H N N 346 
TRP HXT  H N N 347 
TYR N    N N N 348 
TYR CA   C N S 349 
TYR C    C N N 350 
TYR O    O N N 351 
TYR CB   C N N 352 
TYR CG   C Y N 353 
TYR CD1  C Y N 354 
TYR CD2  C Y N 355 
TYR CE1  C Y N 356 
TYR CE2  C Y N 357 
TYR CZ   C Y N 358 
TYR OH   O N N 359 
TYR OXT  O N N 360 
TYR H    H N N 361 
TYR H2   H N N 362 
TYR HA   H N N 363 
TYR HB2  H N N 364 
TYR HB3  H N N 365 
TYR HD1  H N N 366 
TYR HD2  H N N 367 
TYR HE1  H N N 368 
TYR HE2  H N N 369 
TYR HH   H N N 370 
TYR HXT  H N N 371 
VAL N    N N N 372 
VAL CA   C N S 373 
VAL C    C N N 374 
VAL O    O N N 375 
VAL CB   C N N 376 
VAL CG1  C N N 377 
VAL CG2  C N N 378 
VAL OXT  O N N 379 
VAL H    H N N 380 
VAL H2   H N N 381 
VAL HA   H N N 382 
VAL HB   H N N 383 
VAL HG11 H N N 384 
VAL HG12 H N N 385 
VAL HG13 H N N 386 
VAL HG21 H N N 387 
VAL HG22 H N N 388 
VAL HG23 H N N 389 
VAL HXT  H N N 390 
# 
loop_
_chem_comp_bond.comp_id 
_chem_comp_bond.atom_id_1 
_chem_comp_bond.atom_id_2 
_chem_comp_bond.value_order 
_chem_comp_bond.pdbx_aromatic_flag 
_chem_comp_bond.pdbx_stereo_config 
_chem_comp_bond.pdbx_ordinal 
ALA N   CA   sing N N 1   
ALA N   H    sing N N 2   
ALA N   H2   sing N N 3   
ALA CA  C    sing N N 4   
ALA CA  CB   sing N N 5   
ALA CA  HA   sing N N 6   
ALA C   O    doub N N 7   
ALA C   OXT  sing N N 8   
ALA CB  HB1  sing N N 9   
ALA CB  HB2  sing N N 10  
ALA CB  HB3  sing N N 11  
ALA OXT HXT  sing N N 12  
ARG N   CA   sing N N 13  
ARG N   H    sing N N 14  
ARG N   H2   sing N N 15  
ARG CA  C    sing N N 16  
ARG CA  CB   sing N N 17  
ARG CA  HA   sing N N 18  
ARG C   O    doub N N 19  
ARG C   OXT  sing N N 20  
ARG CB  CG   sing N N 21  
ARG CB  HB2  sing N N 22  
ARG CB  HB3  sing N N 23  
ARG CG  CD   sing N N 24  
ARG CG  HG2  sing N N 25  
ARG CG  HG3  sing N N 26  
ARG CD  NE   sing N N 27  
ARG CD  HD2  sing N N 28  
ARG CD  HD3  sing N N 29  
ARG NE  CZ   sing N N 30  
ARG NE  HE   sing N N 31  
ARG CZ  NH1  sing N N 32  
ARG CZ  NH2  doub N N 33  
ARG NH1 HH11 sing N N 34  
ARG NH1 HH12 sing N N 35  
ARG NH2 HH21 sing N N 36  
ARG NH2 HH22 sing N N 37  
ARG OXT HXT  sing N N 38  
ASN N   CA   sing N N 39  
ASN N   H    sing N N 40  
ASN N   H2   sing N N 41  
ASN CA  C    sing N N 42  
ASN CA  CB   sing N N 43  
ASN CA  HA   sing N N 44  
ASN C   O    doub N N 45  
ASN C   OXT  sing N N 46  
ASN CB  CG   sing N N 47  
ASN CB  HB2  sing N N 48  
ASN CB  HB3  sing N N 49  
ASN CG  OD1  doub N N 50  
ASN CG  ND2  sing N N 51  
ASN ND2 HD21 sing N N 52  
ASN ND2 HD22 sing N N 53  
ASN OXT HXT  sing N N 54  
ASP N   CA   sing N N 55  
ASP N   H    sing N N 56  
ASP N   H2   sing N N 57  
ASP CA  C    sing N N 58  
ASP CA  CB   sing N N 59  
ASP CA  HA   sing N N 60  
ASP C   O    doub N N 61  
ASP C   OXT  sing N N 62  
ASP CB  CG   sing N N 63  
ASP CB  HB2  sing N N 64  
ASP CB  HB3  sing N N 65  
ASP CG  OD1  doub N N 66  
ASP CG  OD2  sing N N 67  
ASP OD2 HD2  sing N N 68  
ASP OXT HXT  sing N N 69  
CYS N   CA   sing N N 70  
CYS N   H    sing N N 71  
CYS N   H2   sing N N 72  
CYS CA  C    sing N N 73  
CYS CA  CB   sing N N 74  
CYS CA  HA   sing N N 75  
CYS C   O    doub N N 76  
CYS C   OXT  sing N N 77  
CYS CB  SG   sing N N 78  
CYS CB  HB2  sing N N 79  
CYS CB  HB3  sing N N 80  
CYS SG  HG   sing N N 81  
CYS OXT HXT  sing N N 82  
GLN N   CA   sing N N 83  
GLN N   H    sing N N 84  
GLN N   H2   sing N N 85  
GLN CA  C    sing N N 86  
GLN CA  CB   sing N N 87  
GLN CA  HA   sing N N 88  
GLN C   O    doub N N 89  
GLN C   OXT  sing N N 90  
GLN CB  CG   sing N N 91  
GLN CB  HB2  sing N N 92  
GLN CB  HB3  sing N N 93  
GLN CG  CD   sing N N 94  
GLN CG  HG2  sing N N 95  
GLN CG  HG3  sing N N 96  
GLN CD  OE1  doub N N 97  
GLN CD  NE2  sing N N 98  
GLN NE2 HE21 sing N N 99  
GLN NE2 HE22 sing N N 100 
GLN OXT HXT  sing N N 101 
GLU N   CA   sing N N 102 
GLU N   H    sing N N 103 
GLU N   H2   sing N N 104 
GLU CA  C    sing N N 105 
GLU CA  CB   sing N N 106 
GLU CA  HA   sing N N 107 
GLU C   O    doub N N 108 
GLU C   OXT  sing N N 109 
GLU CB  CG   sing N N 110 
GLU CB  HB2  sing N N 111 
GLU CB  HB3  sing N N 112 
GLU CG  CD   sing N N 113 
GLU CG  HG2  sing N N 114 
GLU CG  HG3  sing N N 115 
GLU CD  OE1  doub N N 116 
GLU CD  OE2  sing N N 117 
GLU OE2 HE2  sing N N 118 
GLU OXT HXT  sing N N 119 
GLY N   CA   sing N N 120 
GLY N   H    sing N N 121 
GLY N   H2   sing N N 122 
GLY CA  C    sing N N 123 
GLY CA  HA2  sing N N 124 
GLY CA  HA3  sing N N 125 
GLY C   O    doub N N 126 
GLY C   OXT  sing N N 127 
GLY OXT HXT  sing N N 128 
HIS N   CA   sing N N 129 
HIS N   H    sing N N 130 
HIS N   H2   sing N N 131 
HIS CA  C    sing N N 132 
HIS CA  CB   sing N N 133 
HIS CA  HA   sing N N 134 
HIS C   O    doub N N 135 
HIS C   OXT  sing N N 136 
HIS CB  CG   sing N N 137 
HIS CB  HB2  sing N N 138 
HIS CB  HB3  sing N N 139 
HIS CG  ND1  sing Y N 140 
HIS CG  CD2  doub Y N 141 
HIS ND1 CE1  doub Y N 142 
HIS ND1 HD1  sing N N 143 
HIS CD2 NE2  sing Y N 144 
HIS CD2 HD2  sing N N 145 
HIS CE1 NE2  sing Y N 146 
HIS CE1 HE1  sing N N 147 
HIS NE2 HE2  sing N N 148 
HIS OXT HXT  sing N N 149 
HOH O   H1   sing N N 150 
HOH O   H2   sing N N 151 
ILE N   CA   sing N N 152 
ILE N   H    sing N N 153 
ILE N   H2   sing N N 154 
ILE CA  C    sing N N 155 
ILE CA  CB   sing N N 156 
ILE CA  HA   sing N N 157 
ILE C   O    doub N N 158 
ILE C   OXT  sing N N 159 
ILE CB  CG1  sing N N 160 
ILE CB  CG2  sing N N 161 
ILE CB  HB   sing N N 162 
ILE CG1 CD1  sing N N 163 
ILE CG1 HG12 sing N N 164 
ILE CG1 HG13 sing N N 165 
ILE CG2 HG21 sing N N 166 
ILE CG2 HG22 sing N N 167 
ILE CG2 HG23 sing N N 168 
ILE CD1 HD11 sing N N 169 
ILE CD1 HD12 sing N N 170 
ILE CD1 HD13 sing N N 171 
ILE OXT HXT  sing N N 172 
LEU N   CA   sing N N 173 
LEU N   H    sing N N 174 
LEU N   H2   sing N N 175 
LEU CA  C    sing N N 176 
LEU CA  CB   sing N N 177 
LEU CA  HA   sing N N 178 
LEU C   O    doub N N 179 
LEU C   OXT  sing N N 180 
LEU CB  CG   sing N N 181 
LEU CB  HB2  sing N N 182 
LEU CB  HB3  sing N N 183 
LEU CG  CD1  sing N N 184 
LEU CG  CD2  sing N N 185 
LEU CG  HG   sing N N 186 
LEU CD1 HD11 sing N N 187 
LEU CD1 HD12 sing N N 188 
LEU CD1 HD13 sing N N 189 
LEU CD2 HD21 sing N N 190 
LEU CD2 HD22 sing N N 191 
LEU CD2 HD23 sing N N 192 
LEU OXT HXT  sing N N 193 
LYS N   CA   sing N N 194 
LYS N   H    sing N N 195 
LYS N   H2   sing N N 196 
LYS CA  C    sing N N 197 
LYS CA  CB   sing N N 198 
LYS CA  HA   sing N N 199 
LYS C   O    doub N N 200 
LYS C   OXT  sing N N 201 
LYS CB  CG   sing N N 202 
LYS CB  HB2  sing N N 203 
LYS CB  HB3  sing N N 204 
LYS CG  CD   sing N N 205 
LYS CG  HG2  sing N N 206 
LYS CG  HG3  sing N N 207 
LYS CD  CE   sing N N 208 
LYS CD  HD2  sing N N 209 
LYS CD  HD3  sing N N 210 
LYS CE  NZ   sing N N 211 
LYS CE  HE2  sing N N 212 
LYS CE  HE3  sing N N 213 
LYS NZ  HZ1  sing N N 214 
LYS NZ  HZ2  sing N N 215 
LYS NZ  HZ3  sing N N 216 
LYS OXT HXT  sing N N 217 
MET N   CA   sing N N 218 
MET N   H    sing N N 219 
MET N   H2   sing N N 220 
MET CA  C    sing N N 221 
MET CA  CB   sing N N 222 
MET CA  HA   sing N N 223 
MET C   O    doub N N 224 
MET C   OXT  sing N N 225 
MET CB  CG   sing N N 226 
MET CB  HB2  sing N N 227 
MET CB  HB3  sing N N 228 
MET CG  SD   sing N N 229 
MET CG  HG2  sing N N 230 
MET CG  HG3  sing N N 231 
MET SD  CE   sing N N 232 
MET CE  HE1  sing N N 233 
MET CE  HE2  sing N N 234 
MET CE  HE3  sing N N 235 
MET OXT HXT  sing N N 236 
PHE N   CA   sing N N 237 
PHE N   H    sing N N 238 
PHE N   H2   sing N N 239 
PHE CA  C    sing N N 240 
PHE CA  CB   sing N N 241 
PHE CA  HA   sing N N 242 
PHE C   O    doub N N 243 
PHE C   OXT  sing N N 244 
PHE CB  CG   sing N N 245 
PHE CB  HB2  sing N N 246 
PHE CB  HB3  sing N N 247 
PHE CG  CD1  doub Y N 248 
PHE CG  CD2  sing Y N 249 
PHE CD1 CE1  sing Y N 250 
PHE CD1 HD1  sing N N 251 
PHE CD2 CE2  doub Y N 252 
PHE CD2 HD2  sing N N 253 
PHE CE1 CZ   doub Y N 254 
PHE CE1 HE1  sing N N 255 
PHE CE2 CZ   sing Y N 256 
PHE CE2 HE2  sing N N 257 
PHE CZ  HZ   sing N N 258 
PHE OXT HXT  sing N N 259 
PRO N   CA   sing N N 260 
PRO N   CD   sing N N 261 
PRO N   H    sing N N 262 
PRO CA  C    sing N N 263 
PRO CA  CB   sing N N 264 
PRO CA  HA   sing N N 265 
PRO C   O    doub N N 266 
PRO C   OXT  sing N N 267 
PRO CB  CG   sing N N 268 
PRO CB  HB2  sing N N 269 
PRO CB  HB3  sing N N 270 
PRO CG  CD   sing N N 271 
PRO CG  HG2  sing N N 272 
PRO CG  HG3  sing N N 273 
PRO CD  HD2  sing N N 274 
PRO CD  HD3  sing N N 275 
PRO OXT HXT  sing N N 276 
SER N   CA   sing N N 277 
SER N   H    sing N N 278 
SER N   H2   sing N N 279 
SER CA  C    sing N N 280 
SER CA  CB   sing N N 281 
SER CA  HA   sing N N 282 
SER C   O    doub N N 283 
SER C   OXT  sing N N 284 
SER CB  OG   sing N N 285 
SER CB  HB2  sing N N 286 
SER CB  HB3  sing N N 287 
SER OG  HG   sing N N 288 
SER OXT HXT  sing N N 289 
THR N   CA   sing N N 290 
THR N   H    sing N N 291 
THR N   H2   sing N N 292 
THR CA  C    sing N N 293 
THR CA  CB   sing N N 294 
THR CA  HA   sing N N 295 
THR C   O    doub N N 296 
THR C   OXT  sing N N 297 
THR CB  OG1  sing N N 298 
THR CB  CG2  sing N N 299 
THR CB  HB   sing N N 300 
THR OG1 HG1  sing N N 301 
THR CG2 HG21 sing N N 302 
THR CG2 HG22 sing N N 303 
THR CG2 HG23 sing N N 304 
THR OXT HXT  sing N N 305 
TRP N   CA   sing N N 306 
TRP N   H    sing N N 307 
TRP N   H2   sing N N 308 
TRP CA  C    sing N N 309 
TRP CA  CB   sing N N 310 
TRP CA  HA   sing N N 311 
TRP C   O    doub N N 312 
TRP C   OXT  sing N N 313 
TRP CB  CG   sing N N 314 
TRP CB  HB2  sing N N 315 
TRP CB  HB3  sing N N 316 
TRP CG  CD1  doub Y N 317 
TRP CG  CD2  sing Y N 318 
TRP CD1 NE1  sing Y N 319 
TRP CD1 HD1  sing N N 320 
TRP CD2 CE2  doub Y N 321 
TRP CD2 CE3  sing Y N 322 
TRP NE1 CE2  sing Y N 323 
TRP NE1 HE1  sing N N 324 
TRP CE2 CZ2  sing Y N 325 
TRP CE3 CZ3  doub Y N 326 
TRP CE3 HE3  sing N N 327 
TRP CZ2 CH2  doub Y N 328 
TRP CZ2 HZ2  sing N N 329 
TRP CZ3 CH2  sing Y N 330 
TRP CZ3 HZ3  sing N N 331 
TRP CH2 HH2  sing N N 332 
TRP OXT HXT  sing N N 333 
TYR N   CA   sing N N 334 
TYR N   H    sing N N 335 
TYR N   H2   sing N N 336 
TYR CA  C    sing N N 337 
TYR CA  CB   sing N N 338 
TYR CA  HA   sing N N 339 
TYR C   O    doub N N 340 
TYR C   OXT  sing N N 341 
TYR CB  CG   sing N N 342 
TYR CB  HB2  sing N N 343 
TYR CB  HB3  sing N N 344 
TYR CG  CD1  doub Y N 345 
TYR CG  CD2  sing Y N 346 
TYR CD1 CE1  sing Y N 347 
TYR CD1 HD1  sing N N 348 
TYR CD2 CE2  doub Y N 349 
TYR CD2 HD2  sing N N 350 
TYR CE1 CZ   doub Y N 351 
TYR CE1 HE1  sing N N 352 
TYR CE2 CZ   sing Y N 353 
TYR CE2 HE2  sing N N 354 
TYR CZ  OH   sing N N 355 
TYR OH  HH   sing N N 356 
TYR OXT HXT  sing N N 357 
VAL N   CA   sing N N 358 
VAL N   H    sing N N 359 
VAL N   H2   sing N N 360 
VAL CA  C    sing N N 361 
VAL CA  CB   sing N N 362 
VAL CA  HA   sing N N 363 
VAL C   O    doub N N 364 
VAL C   OXT  sing N N 365 
VAL CB  CG1  sing N N 366 
VAL CB  CG2  sing N N 367 
VAL CB  HB   sing N N 368 
VAL CG1 HG11 sing N N 369 
VAL CG1 HG12 sing N N 370 
VAL CG1 HG13 sing N N 371 
VAL CG2 HG21 sing N N 372 
VAL CG2 HG22 sing N N 373 
VAL CG2 HG23 sing N N 374 
VAL OXT HXT  sing N N 375 
# 
_atom_sites.entry_id                    3ILH 
_atom_sites.fract_transf_matrix[1][1]   0.00109038 
_atom_sites.fract_transf_matrix[1][2]   -0.01348761 
_atom_sites.fract_transf_matrix[1][3]   -0.01207487 
_atom_sites.fract_transf_matrix[2][1]   -0.01211675 
_atom_sites.fract_transf_matrix[2][2]   -0.00113517 
_atom_sites.fract_transf_matrix[2][3]   -0.01344522 
_atom_sites.fract_transf_matrix[3][1]   0.00371613 
_atom_sites.fract_transf_matrix[3][2]   0.00356831 
_atom_sites.fract_transf_matrix[3][3]   -0.00365022 
_atom_sites.fract_transf_vector[1]      0.864035 
_atom_sites.fract_transf_vector[2]      0.198153 
_atom_sites.fract_transf_vector[3]      0.064238 
# 
loop_
_atom_type.symbol 
C 
N 
O 
S 
# 
loop_
_atom_site.group_PDB 
_atom_site.id 
_atom_site.type_symbol 
_atom_site.label_atom_id 
_atom_site.label_alt_id 
_atom_site.label_comp_id 
_atom_site.label_asym_id 
_atom_site.label_entity_id 
_atom_site.label_seq_id 
_atom_site.pdbx_PDB_ins_code 
_atom_site.Cartn_x 
_atom_site.Cartn_y 
_atom_site.Cartn_z 
_atom_site.occupancy 
_atom_site.B_iso_or_equiv 
_atom_site.pdbx_formal_charge 
_atom_site.auth_seq_id 
_atom_site.auth_comp_id 
_atom_site.auth_asym_id 
_atom_site.auth_atom_id 
_atom_site.pdbx_PDB_model_num 
ATOM   1    N N   . ARG A 1 7   ? -17.314 -11.613 -0.717  1.00 78.34  ? 5   ARG A N   1 
ATOM   2    C CA  . ARG A 1 7   ? -16.641 -10.715 0.322   1.00 79.23  ? 5   ARG A CA  1 
ATOM   3    C C   . ARG A 1 7   ? -15.060 -10.742 0.308   1.00 77.84  ? 5   ARG A C   1 
ATOM   4    O O   . ARG A 1 7   ? -14.412 -10.048 1.115   1.00 78.39  ? 5   ARG A O   1 
ATOM   5    C CB  . ARG A 1 7   ? -17.183 -10.961 1.772   1.00 79.05  ? 5   ARG A CB  1 
ATOM   6    C CG  . ARG A 1 7   ? -16.685 -12.262 2.418   1.00 79.93  ? 5   ARG A CG  1 
ATOM   7    C CD  . ARG A 1 7   ? -16.162 -11.888 3.745   1.00 83.23  ? 5   ARG A CD  1 
ATOM   8    N NE  . ARG A 1 7   ? -16.822 -12.555 4.864   1.00 85.28  ? 5   ARG A NE  1 
ATOM   9    C CZ  . ARG A 1 7   ? -17.214 -11.915 5.982   1.00 86.83  ? 5   ARG A CZ  1 
ATOM   10   N NH1 . ARG A 1 7   ? -17.036 -10.587 6.125   1.00 86.00  ? 5   ARG A NH1 1 
ATOM   11   N NH2 . ARG A 1 7   ? -17.817 -12.578 6.968   1.00 84.05  ? 5   ARG A NH2 1 
ATOM   12   N N   . LYS A 1 8   ? -14.475 -11.380 -0.684  1.00 76.58  ? 6   LYS A N   1 
ATOM   13   C CA  . LYS A 1 8   ? -13.038 -11.427 -0.859  1.00 75.24  ? 6   LYS A CA  1 
ATOM   14   C C   . LYS A 1 8   ? -12.510 -10.076 -1.303  1.00 73.96  ? 6   LYS A C   1 
ATOM   15   O O   . LYS A 1 8   ? -13.281 -9.166  -1.541  1.00 73.95  ? 6   LYS A O   1 
ATOM   16   C CB  . LYS A 1 8   ? -12.678 -12.447 -1.911  1.00 75.23  ? 6   LYS A CB  1 
ATOM   17   C CG  . LYS A 1 8   ? -12.877 -13.831 -1.473  1.00 75.72  ? 6   LYS A CG  1 
ATOM   18   C CD  . LYS A 1 8   ? -12.383 -13.995 -0.089  1.00 76.04  ? 6   LYS A CD  1 
ATOM   19   C CE  . LYS A 1 8   ? -11.931 -15.402 0.123   1.00 79.59  ? 6   LYS A CE  1 
ATOM   20   N NZ  . LYS A 1 8   ? -10.941 -15.790 -0.898  1.00 79.87  ? 6   LYS A NZ  1 
ATOM   21   N N   . ILE A 1 9   ? -11.191 -9.924  -1.339  1.00 70.72  ? 7   ILE A N   1 
ATOM   22   C CA  . ILE A 1 9   ? -10.595 -8.652  -1.774  1.00 65.81  ? 7   ILE A CA  1 
ATOM   23   C C   . ILE A 1 9   ? -9.719  -9.097  -2.895  1.00 65.36  ? 7   ILE A C   1 
ATOM   24   O O   . ILE A 1 9   ? -9.048  -10.166 -2.892  1.00 66.55  ? 7   ILE A O   1 
ATOM   25   C CB  . ILE A 1 9   ? -9.840  -7.947  -0.645  1.00 65.83  ? 7   ILE A CB  1 
ATOM   26   C CG1 . ILE A 1 9   ? -10.776 -7.658  0.536   1.00 60.33  ? 7   ILE A CG1 1 
ATOM   27   C CG2 . ILE A 1 9   ? -9.224  -6.692  -1.095  1.00 62.66  ? 7   ILE A CG2 1 
ATOM   28   C CD1 . ILE A 1 9   ? -11.564 -6.437  0.352   1.00 54.94  ? 7   ILE A CD1 1 
ATOM   29   N N   . ASP A 1 10  ? -9.779  -8.269  -3.904  1.00 63.83  ? 8   ASP A N   1 
ATOM   30   C CA  . ASP A 1 10  ? -9.170  -8.570  -5.141  1.00 63.01  ? 8   ASP A CA  1 
ATOM   31   C C   . ASP A 1 10  ? -7.719  -8.739  -4.981  1.00 61.08  ? 8   ASP A C   1 
ATOM   32   O O   . ASP A 1 10  ? -7.157  -9.729  -5.402  1.00 61.56  ? 8   ASP A O   1 
ATOM   33   C CB  . ASP A 1 10  ? -9.439  -7.376  -6.034  1.00 64.25  ? 8   ASP A CB  1 
ATOM   34   C CG  . ASP A 1 10  ? -10.759 -6.697  -5.695  1.00 68.64  ? 8   ASP A CG  1 
ATOM   35   O OD1 . ASP A 1 10  ? -11.029 -6.433  -4.497  1.00 64.36  ? 8   ASP A OD1 1 
ATOM   36   O OD2 . ASP A 1 10  ? -11.539 -6.443  -6.634  1.00 74.88  ? 8   ASP A OD2 1 
ATOM   37   N N   . SER A 1 11  ? -7.061  -7.729  -4.448  1.00 58.45  ? 9   SER A N   1 
ATOM   38   C CA  . SER A 1 11  ? -5.632  -7.862  -4.272  1.00 54.81  ? 9   SER A CA  1 
ATOM   39   C C   . SER A 1 11  ? -4.979  -6.786  -3.449  1.00 51.55  ? 9   SER A C   1 
ATOM   40   O O   . SER A 1 11  ? -5.534  -5.753  -3.226  1.00 48.93  ? 9   SER A O   1 
ATOM   41   C CB  . SER A 1 11  ? -4.974  -7.917  -5.634  1.00 55.18  ? 9   SER A CB  1 
ATOM   42   O OG  . SER A 1 11  ? -5.226  -6.724  -6.338  1.00 51.98  ? 9   SER A OG  1 
ATOM   43   N N   . VAL A 1 12  ? -3.764  -7.052  -3.032  1.00 49.67  ? 10  VAL A N   1 
ATOM   44   C CA  . VAL A 1 12  ? -2.958  -6.062  -2.410  1.00 46.71  ? 10  VAL A CA  1 
ATOM   45   C C   . VAL A 1 12  ? -1.575  -6.100  -3.009  1.00 45.39  ? 10  VAL A C   1 
ATOM   46   O O   . VAL A 1 12  ? -1.025  -7.139  -3.248  1.00 47.07  ? 10  VAL A O   1 
ATOM   47   C CB  . VAL A 1 12  ? -2.838  -6.229  -0.925  1.00 47.52  ? 10  VAL A CB  1 
ATOM   48   C CG1 . VAL A 1 12  ? -3.997  -6.945  -0.399  1.00 45.11  ? 10  VAL A CG1 1 
ATOM   49   C CG2 . VAL A 1 12  ? -1.586  -6.909  -0.607  1.00 45.08  ? 10  VAL A CG2 1 
ATOM   50   N N   . LEU A 1 13  ? -1.036  -4.930  -3.252  1.00 42.60  ? 11  LEU A N   1 
ATOM   51   C CA  . LEU A 1 13  ? 0.379   -4.771  -3.725  1.00 41.96  ? 11  LEU A CA  1 
ATOM   52   C C   . LEU A 1 13  ? 1.203   -4.265  -2.555  1.00 40.52  ? 11  LEU A C   1 
ATOM   53   O O   . LEU A 1 13  ? 0.782   -3.290  -1.979  1.00 38.75  ? 11  LEU A O   1 
ATOM   54   C CB  . LEU A 1 13  ? 0.519   -3.792  -4.875  1.00 41.96  ? 11  LEU A CB  1 
ATOM   55   C CG  . LEU A 1 13  ? 1.917   -3.350  -5.303  1.00 40.53  ? 11  LEU A CG  1 
ATOM   56   C CD1 . LEU A 1 13  ? 2.446   -4.391  -6.198  1.00 35.09  ? 11  LEU A CD1 1 
ATOM   57   C CD2 . LEU A 1 13  ? 1.882   -2.070  -6.078  1.00 33.61  ? 11  LEU A CD2 1 
ATOM   58   N N   . LEU A 1 14  ? 2.322   -4.934  -2.212  1.00 39.82  ? 12  LEU A N   1 
ATOM   59   C CA  . LEU A 1 14  ? 3.185   -4.486  -1.138  1.00 39.38  ? 12  LEU A CA  1 
ATOM   60   C C   . LEU A 1 14  ? 4.549   -3.922  -1.747  1.00 42.52  ? 12  LEU A C   1 
ATOM   61   O O   . LEU A 1 14  ? 5.057   -4.400  -2.823  1.00 42.47  ? 12  LEU A O   1 
ATOM   62   C CB  . LEU A 1 14  ? 3.520   -5.644  -0.347  1.00 39.40  ? 12  LEU A CB  1 
ATOM   63   C CG  . LEU A 1 14  ? 2.585   -6.655  0.267   1.00 37.79  ? 12  LEU A CG  1 
ATOM   64   C CD1 . LEU A 1 14  ? 3.399   -7.758  0.832   1.00 34.42  ? 12  LEU A CD1 1 
ATOM   65   C CD2 . LEU A 1 14  ? 1.865   -5.995  1.336   1.00 35.71  ? 12  LEU A CD2 1 
ATOM   66   N N   . ILE A 1 15  ? 4.960   -2.801  -1.198  1.00 40.87  ? 13  ILE A N   1 
ATOM   67   C CA  . ILE A 1 15  ? 6.123   -2.125  -1.650  1.00 39.05  ? 13  ILE A CA  1 
ATOM   68   C C   . ILE A 1 15  ? 6.951   -1.970  -0.451  1.00 42.18  ? 13  ILE A C   1 
ATOM   69   O O   . ILE A 1 15  ? 6.639   -1.217  0.410   1.00 41.94  ? 13  ILE A O   1 
ATOM   70   C CB  . ILE A 1 15  ? 5.747   -0.768  -2.142  1.00 39.53  ? 13  ILE A CB  1 
ATOM   71   C CG1 . ILE A 1 15  ? 4.441   -0.861  -2.897  1.00 38.80  ? 13  ILE A CG1 1 
ATOM   72   C CG2 . ILE A 1 15  ? 6.765   -0.261  -3.060  1.00 36.14  ? 13  ILE A CG2 1 
ATOM   73   C CD1 . ILE A 1 15  ? 4.194   0.234   -3.805  1.00 33.72  ? 13  ILE A CD1 1 
ATOM   74   N N   . ASP A 1 16  ? 8.039   -2.686  -0.389  1.00 41.88  ? 14  ASP A N   1 
ATOM   75   C CA  . ASP A 1 16  ? 8.917   -2.533  0.724   1.00 41.78  ? 14  ASP A CA  1 
ATOM   76   C C   . ASP A 1 16  ? 10.201  -2.989  0.205   1.00 42.90  ? 14  ASP A C   1 
ATOM   77   O O   . ASP A 1 16  ? 10.220  -3.872  -0.603  1.00 42.76  ? 14  ASP A O   1 
ATOM   78   C CB  . ASP A 1 16  ? 8.512   -3.491  1.792   1.00 39.81  ? 14  ASP A CB  1 
ATOM   79   C CG  . ASP A 1 16  ? 8.895   -3.035  3.119   1.00 42.25  ? 14  ASP A CG  1 
ATOM   80   O OD1 . ASP A 1 16  ? 9.836   -2.268  3.257   1.00 49.87  ? 14  ASP A OD1 1 
ATOM   81   O OD2 . ASP A 1 16  ? 8.223   -3.436  4.049   1.00 56.22  ? 14  ASP A OD2 1 
ATOM   82   N N   . ASP A 1 17  ? 11.297  -2.448  0.673   1.00 42.81  ? 15  ASP A N   1 
ATOM   83   C CA  . ASP A 1 17  ? 12.550  -3.025  0.169   1.00 47.29  ? 15  ASP A CA  1 
ATOM   84   C C   . ASP A 1 17  ? 13.085  -4.185  1.081   1.00 46.14  ? 15  ASP A C   1 
ATOM   85   O O   . ASP A 1 17  ? 14.014  -4.867  0.677   1.00 47.25  ? 15  ASP A O   1 
ATOM   86   C CB  . ASP A 1 17  ? 13.621  -1.943  0.111   1.00 47.16  ? 15  ASP A CB  1 
ATOM   87   C CG  . ASP A 1 17  ? 13.970  -1.497  1.508   1.00 49.27  ? 15  ASP A CG  1 
ATOM   88   O OD1 . ASP A 1 17  ? 15.127  -1.745  1.894   1.00 56.36  ? 15  ASP A OD1 1 
ATOM   89   O OD2 . ASP A 1 17  ? 13.044  -1.012  2.267   1.00 50.74  ? 15  ASP A OD2 1 
ATOM   90   N N   . ASP A 1 18  ? 12.469  -4.402  2.250   1.00 45.86  ? 16  ASP A N   1 
ATOM   91   C CA  . ASP A 1 18  ? 12.846  -5.412  3.183   1.00 46.99  ? 16  ASP A CA  1 
ATOM   92   C C   . ASP A 1 18  ? 12.064  -6.758  2.897   1.00 46.99  ? 16  ASP A C   1 
ATOM   93   O O   . ASP A 1 18  ? 10.900  -6.931  3.247   1.00 47.27  ? 16  ASP A O   1 
ATOM   94   C CB  . ASP A 1 18  ? 12.577  -4.855  4.546   1.00 48.48  ? 16  ASP A CB  1 
ATOM   95   C CG  . ASP A 1 18  ? 13.129  -5.759  5.662   1.00 57.55  ? 16  ASP A CG  1 
ATOM   96   O OD1 . ASP A 1 18  ? 13.544  -6.964  5.432   1.00 60.30  ? 16  ASP A OD1 1 
ATOM   97   O OD2 . ASP A 1 18  ? 13.129  -5.248  6.824   1.00 66.65  ? 16  ASP A OD2 1 
ATOM   98   N N   . ASP A 1 19  ? 12.692  -7.760  2.323   1.00 45.97  ? 17  ASP A N   1 
ATOM   99   C CA  . ASP A 1 19  ? 11.926  -8.933  2.007   1.00 47.38  ? 17  ASP A CA  1 
ATOM   100  C C   . ASP A 1 19  ? 11.303  -9.590  3.179   1.00 46.08  ? 17  ASP A C   1 
ATOM   101  O O   . ASP A 1 19  ? 10.202  -10.013 3.085   1.00 45.29  ? 17  ASP A O   1 
ATOM   102  C CB  . ASP A 1 19  ? 12.761  -9.986  1.332   1.00 50.28  ? 17  ASP A CB  1 
ATOM   103  C CG  . ASP A 1 19  ? 13.852  -9.428  0.537   1.00 59.67  ? 17  ASP A CG  1 
ATOM   104  O OD1 . ASP A 1 19  ? 14.422  -8.420  0.966   1.00 62.63  ? 17  ASP A OD1 1 
ATOM   105  O OD2 . ASP A 1 19  ? 14.174  -10.013 -0.503  1.00 65.30  ? 17  ASP A OD2 1 
ATOM   106  N N   . ILE A 1 20  ? 11.987  -9.712  4.288   1.00 45.11  ? 18  ILE A N   1 
ATOM   107  C CA  . ILE A 1 20  ? 11.357  -10.424 5.441   1.00 45.20  ? 18  ILE A CA  1 
ATOM   108  C C   . ILE A 1 20  ? 10.014  -9.762  5.797   1.00 44.37  ? 18  ILE A C   1 
ATOM   109  O O   . ILE A 1 20  ? 9.023   -10.449 6.162   1.00 45.62  ? 18  ILE A O   1 
ATOM   110  C CB  . ILE A 1 20  ? 12.150  -10.402 6.787   1.00 45.98  ? 18  ILE A CB  1 
ATOM   111  C CG1 . ILE A 1 20  ? 13.664  -10.764 6.701   1.00 47.54  ? 18  ILE A CG1 1 
ATOM   112  C CG2 . ILE A 1 20  ? 11.688  -11.482 7.629   1.00 47.10  ? 18  ILE A CG2 1 
ATOM   113  C CD1 . ILE A 1 20  ? 14.031  -11.851 5.641   1.00 46.97  ? 18  ILE A CD1 1 
ATOM   114  N N   . VAL A 1 21  ? 9.953   -8.456  5.740   1.00 41.08  ? 19  VAL A N   1 
ATOM   115  C CA  . VAL A 1 21  ? 8.704   -7.798  5.982   1.00 38.12  ? 19  VAL A CA  1 
ATOM   116  C C   . VAL A 1 21  ? 7.717   -8.092  4.883   1.00 38.47  ? 19  VAL A C   1 
ATOM   117  O O   . VAL A 1 21  ? 6.594   -8.368  5.144   1.00 38.38  ? 19  VAL A O   1 
ATOM   118  C CB  . VAL A 1 21  ? 8.880   -6.348  6.092   1.00 37.66  ? 19  VAL A CB  1 
ATOM   119  C CG1 . VAL A 1 21  ? 7.616   -5.747  6.432   1.00 32.44  ? 19  VAL A CG1 1 
ATOM   120  C CG2 . VAL A 1 21  ? 9.835   -6.076  7.128   1.00 36.69  ? 19  VAL A CG2 1 
ATOM   121  N N   . ASN A 1 22  ? 8.115   -8.045  3.634   1.00 37.67  ? 20  ASN A N   1 
ATOM   122  C CA  . ASN A 1 22  ? 7.125   -8.429  2.619   1.00 39.51  ? 20  ASN A CA  1 
ATOM   123  C C   . ASN A 1 22  ? 6.644   -9.798  2.887   1.00 40.89  ? 20  ASN A C   1 
ATOM   124  O O   . ASN A 1 22  ? 5.422   -10.107 2.842   1.00 41.72  ? 20  ASN A O   1 
ATOM   125  C CB  . ASN A 1 22  ? 7.643   -8.393  1.188   1.00 38.52  ? 20  ASN A CB  1 
ATOM   126  C CG  . ASN A 1 22  ? 7.806   -6.971  0.679   1.00 42.01  ? 20  ASN A CG  1 
ATOM   127  O OD1 . ASN A 1 22  ? 8.701   -6.713  -0.152  1.00 50.14  ? 20  ASN A OD1 1 
ATOM   128  N ND2 . ASN A 1 22  ? 6.975   -5.993  1.214   1.00 38.82  ? 20  ASN A ND2 1 
ATOM   129  N N   . PHE A 1 23  ? 7.543   -10.670 3.264   1.00 40.37  ? 21  PHE A N   1 
ATOM   130  C CA  . PHE A 1 23  ? 7.142   -12.015 3.562   1.00 41.75  ? 21  PHE A CA  1 
ATOM   131  C C   . PHE A 1 23  ? 6.204   -12.115 4.733   1.00 40.62  ? 21  PHE A C   1 
ATOM   132  O O   . PHE A 1 23  ? 5.253   -12.845 4.693   1.00 42.41  ? 21  PHE A O   1 
ATOM   133  C CB  . PHE A 1 23  ? 8.363   -12.876 3.792   1.00 42.47  ? 21  PHE A CB  1 
ATOM   134  C CG  . PHE A 1 23  ? 8.065   -14.184 4.433   1.00 50.34  ? 21  PHE A CG  1 
ATOM   135  C CD1 . PHE A 1 23  ? 7.497   -15.199 3.725   1.00 54.39  ? 21  PHE A CD1 1 
ATOM   136  C CD2 . PHE A 1 23  ? 8.367   -14.395 5.729   1.00 47.24  ? 21  PHE A CD2 1 
ATOM   137  C CE1 . PHE A 1 23  ? 7.233   -16.358 4.313   1.00 51.99  ? 21  PHE A CE1 1 
ATOM   138  C CE2 . PHE A 1 23  ? 8.101   -15.545 6.297   1.00 50.94  ? 21  PHE A CE2 1 
ATOM   139  C CZ  . PHE A 1 23  ? 7.542   -16.532 5.594   1.00 49.51  ? 21  PHE A CZ  1 
ATOM   140  N N   . LEU A 1 24  ? 6.471   -11.373 5.779   1.00 40.34  ? 22  LEU A N   1 
ATOM   141  C CA  . LEU A 1 24  ? 5.636   -11.405 6.965   1.00 39.58  ? 22  LEU A CA  1 
ATOM   142  C C   . LEU A 1 24  ? 4.338   -10.852 6.655   1.00 39.41  ? 22  LEU A C   1 
ATOM   143  O O   . LEU A 1 24  ? 3.299   -11.342 7.165   1.00 37.78  ? 22  LEU A O   1 
ATOM   144  C CB  . LEU A 1 24  ? 6.197   -10.490 8.075   1.00 41.59  ? 22  LEU A CB  1 
ATOM   145  C CG  . LEU A 1 24  ? 7.121   -11.011 9.267   1.00 42.88  ? 22  LEU A CG  1 
ATOM   146  C CD1 . LEU A 1 24  ? 7.477   -12.507 9.261   1.00 44.34  ? 22  LEU A CD1 1 
ATOM   147  C CD2 . LEU A 1 24  ? 8.221   -10.165 9.705   1.00 36.29  ? 22  LEU A CD2 1 
ATOM   148  N N   . ASN A 1 25  ? 4.334   -9.749  5.925   1.00 39.69  ? 23  ASN A N   1 
ATOM   149  C CA  . ASN A 1 25  ? 3.023   -9.077  5.727   1.00 40.88  ? 23  ASN A CA  1 
ATOM   150  C C   . ASN A 1 25  ? 2.142   -10.007 4.880   1.00 41.13  ? 23  ASN A C   1 
ATOM   151  O O   . ASN A 1 25  ? 0.935   -10.012 4.966   1.00 39.93  ? 23  ASN A O   1 
ATOM   152  C CB  . ASN A 1 25  ? 3.153   -7.764  4.930   1.00 39.25  ? 23  ASN A CB  1 
ATOM   153  C CG  . ASN A 1 25  ? 3.550   -6.636  5.811   1.00 42.83  ? 23  ASN A CG  1 
ATOM   154  O OD1 . ASN A 1 25  ? 3.291   -6.651  7.065   1.00 40.73  ? 23  ASN A OD1 1 
ATOM   155  N ND2 . ASN A 1 25  ? 4.253   -5.656  5.223   1.00 33.54  ? 23  ASN A ND2 1 
ATOM   156  N N   . THR A 1 26  ? 2.776   -10.699 3.970   1.00 43.05  ? 24  THR A N   1 
ATOM   157  C CA  . THR A 1 26  ? 2.015   -11.410 3.016   1.00 47.06  ? 24  THR A CA  1 
ATOM   158  C C   . THR A 1 26  ? 1.516   -12.695 3.714   1.00 47.49  ? 24  THR A C   1 
ATOM   159  O O   . THR A 1 26  ? 0.382   -13.096 3.499   1.00 46.76  ? 24  THR A O   1 
ATOM   160  C CB  . THR A 1 26  ? 2.718   -11.583 1.610   1.00 48.45  ? 24  THR A CB  1 
ATOM   161  O OG1 . THR A 1 26  ? 2.243   -12.815 1.034   1.00 52.43  ? 24  THR A OG1 1 
ATOM   162  C CG2 . THR A 1 26  ? 4.104   -11.727 1.764   1.00 49.02  ? 24  THR A CG2 1 
ATOM   163  N N   . THR A 1 27  ? 2.281   -13.257 4.659   1.00 48.43  ? 25  THR A N   1 
ATOM   164  C CA  . THR A 1 27  ? 1.738   -14.311 5.571   1.00 47.03  ? 25  THR A CA  1 
ATOM   165  C C   . THR A 1 27  ? 0.481   -13.844 6.355   1.00 47.23  ? 25  THR A C   1 
ATOM   166  O O   . THR A 1 27  ? -0.608  -14.570 6.481   1.00 48.73  ? 25  THR A O   1 
ATOM   167  C CB  . THR A 1 27  ? 2.803   -14.588 6.585   1.00 47.70  ? 25  THR A CB  1 
ATOM   168  O OG1 . THR A 1 27  ? 4.049   -14.857 5.893   1.00 49.78  ? 25  THR A OG1 1 
ATOM   169  C CG2 . THR A 1 27  ? 2.418   -15.728 7.391   1.00 48.98  ? 25  THR A CG2 1 
ATOM   170  N N   . ILE A 1 28  ? 0.578   -12.636 6.903   1.00 45.28  ? 26  ILE A N   1 
ATOM   171  C CA  . ILE A 1 28  ? -0.404  -12.161 7.855   1.00 43.52  ? 26  ILE A CA  1 
ATOM   172  C C   . ILE A 1 28  ? -1.638  -11.880 7.060   1.00 46.64  ? 26  ILE A C   1 
ATOM   173  O O   . ILE A 1 28  ? -2.720  -12.096 7.568   1.00 47.54  ? 26  ILE A O   1 
ATOM   174  C CB  . ILE A 1 28  ? 0.161   -10.927 8.634   1.00 43.64  ? 26  ILE A CB  1 
ATOM   175  C CG1 . ILE A 1 28  ? 1.301   -11.356 9.564   1.00 40.11  ? 26  ILE A CG1 1 
ATOM   176  C CG2 . ILE A 1 28  ? -0.868  -10.092 9.435   1.00 36.66  ? 26  ILE A CG2 1 
ATOM   177  C CD1 . ILE A 1 28  ? 2.141   -10.153 9.901   1.00 31.19  ? 26  ILE A CD1 1 
ATOM   178  N N   . ILE A 1 29  ? -1.491  -11.433 5.787   1.00 48.53  ? 27  ILE A N   1 
ATOM   179  C CA  . ILE A 1 29  ? -2.645  -11.361 4.850   1.00 49.47  ? 27  ILE A CA  1 
ATOM   180  C C   . ILE A 1 29  ? -3.204  -12.771 4.448   1.00 49.41  ? 27  ILE A C   1 
ATOM   181  O O   . ILE A 1 29  ? -4.434  -12.985 4.492   1.00 48.42  ? 27  ILE A O   1 
ATOM   182  C CB  . ILE A 1 29  ? -2.316  -10.541 3.596   1.00 49.48  ? 27  ILE A CB  1 
ATOM   183  C CG1 . ILE A 1 29  ? -1.637  -9.240  4.014   1.00 45.52  ? 27  ILE A CG1 1 
ATOM   184  C CG2 . ILE A 1 29  ? -3.606  -10.227 2.809   1.00 50.97  ? 27  ILE A CG2 1 
ATOM   185  C CD1 . ILE A 1 29  ? -1.049  -8.434  2.863   1.00 35.90  ? 27  ILE A CD1 1 
ATOM   186  N N   . ARG A 1 30  ? -2.318  -13.718 4.148   1.00 49.09  ? 28  ARG A N   1 
ATOM   187  C CA  . ARG A 1 30  ? -2.765  -15.066 4.029   1.00 52.29  ? 28  ARG A CA  1 
ATOM   188  C C   . ARG A 1 30  ? -3.611  -15.529 5.274   1.00 55.12  ? 28  ARG A C   1 
ATOM   189  O O   . ARG A 1 30  ? -4.821  -15.795 5.119   1.00 56.40  ? 28  ARG A O   1 
ATOM   190  C CB  . ARG A 1 30  ? -1.667  -15.964 3.594   1.00 52.80  ? 28  ARG A CB  1 
ATOM   191  C CG  . ARG A 1 30  ? -1.356  -15.733 2.059   1.00 57.05  ? 28  ARG A CG  1 
ATOM   192  C CD  . ARG A 1 30  ? 0.034   -16.345 1.648   1.00 64.71  ? 28  ARG A CD  1 
ATOM   193  N NE  . ARG A 1 30  ? 0.405   -16.003 0.259   1.00 66.81  ? 28  ARG A NE  1 
ATOM   194  C CZ  . ARG A 1 30  ? 1.504   -16.410 -0.396  1.00 69.43  ? 28  ARG A CZ  1 
ATOM   195  N NH1 . ARG A 1 30  ? 2.408   -17.224 0.204   1.00 75.43  ? 28  ARG A NH1 1 
ATOM   196  N NH2 . ARG A 1 30  ? 1.700   -15.995 -1.658  1.00 62.35  ? 28  ARG A NH2 1 
ATOM   197  N N   . MET A 1 31  ? -3.052  -15.519 6.500   1.00 55.51  ? 29  MET A N   1 
ATOM   198  C CA  . MET A 1 31  ? -3.843  -15.756 7.755   1.00 53.60  ? 29  MET A CA  1 
ATOM   199  C C   . MET A 1 31  ? -5.196  -15.085 7.823   1.00 56.07  ? 29  MET A C   1 
ATOM   200  O O   . MET A 1 31  ? -6.020  -15.410 8.686   1.00 58.38  ? 29  MET A O   1 
ATOM   201  C CB  . MET A 1 31  ? -3.043  -15.309 9.006   1.00 53.31  ? 29  MET A CB  1 
ATOM   202  C CG  . MET A 1 31  ? -1.720  -16.096 9.242   1.00 49.90  ? 29  MET A CG  1 
ATOM   203  S SD  . MET A 1 31  ? -0.792  -15.428 10.592  1.00 48.99  ? 29  MET A SD  1 
ATOM   204  C CE  . MET A 1 31  ? -1.971  -15.446 11.951  1.00 34.09  ? 29  MET A CE  1 
ATOM   205  N N   . THR A 1 32  ? -5.467  -14.133 6.959   1.00 56.54  ? 30  THR A N   1 
ATOM   206  C CA  . THR A 1 32  ? -6.740  -13.398 7.078   1.00 56.99  ? 30  THR A CA  1 
ATOM   207  C C   . THR A 1 32  ? -7.892  -14.037 6.178   1.00 58.69  ? 30  THR A C   1 
ATOM   208  O O   . THR A 1 32  ? -9.120  -13.750 6.284   1.00 57.61  ? 30  THR A O   1 
ATOM   209  C CB  . THR A 1 32  ? -6.392  -12.009 6.609   1.00 57.83  ? 30  THR A CB  1 
ATOM   210  O OG1 . THR A 1 32  ? -7.017  -11.058 7.415   1.00 56.06  ? 30  THR A OG1 1 
ATOM   211  C CG2 . THR A 1 32  ? -6.656  -11.754 5.110   1.00 54.50  ? 30  THR A CG2 1 
ATOM   212  N N   . HIS A 1 33  ? -7.463  -14.886 5.261   1.00 59.40  ? 31  HIS A N   1 
ATOM   213  C CA  . HIS A 1 33  ? -8.371  -15.502 4.321   1.00 62.85  ? 31  HIS A CA  1 
ATOM   214  C C   . HIS A 1 33  ? -9.299  -14.591 3.534   1.00 64.50  ? 31  HIS A C   1 
ATOM   215  O O   . HIS A 1 33  ? -10.229 -15.081 2.872   1.00 66.83  ? 31  HIS A O   1 
ATOM   216  C CB  . HIS A 1 33  ? -9.147  -16.631 5.011   1.00 62.84  ? 31  HIS A CB  1 
ATOM   217  C CG  . HIS A 1 33  ? -8.220  -17.714 5.412   1.00 63.98  ? 31  HIS A CG  1 
ATOM   218  N ND1 . HIS A 1 33  ? -7.972  -18.017 6.729   1.00 61.21  ? 31  HIS A ND1 1 
ATOM   219  C CD2 . HIS A 1 33  ? -7.291  -18.392 4.672   1.00 65.39  ? 31  HIS A CD2 1 
ATOM   220  C CE1 . HIS A 1 33  ? -6.981  -18.903 6.783   1.00 65.32  ? 31  HIS A CE1 1 
ATOM   221  N NE2 . HIS A 1 33  ? -6.549  -19.144 5.551   1.00 63.85  ? 31  HIS A NE2 1 
ATOM   222  N N   . ARG A 1 34  ? -9.070  -13.301 3.568   1.00 63.58  ? 32  ARG A N   1 
ATOM   223  C CA  . ARG A 1 34  ? -9.912  -12.406 2.845   1.00 61.51  ? 32  ARG A CA  1 
ATOM   224  C C   . ARG A 1 34  ? -9.396  -11.790 1.526   1.00 61.37  ? 32  ARG A C   1 
ATOM   225  O O   . ARG A 1 34  ? -10.075 -10.961 0.970   1.00 60.98  ? 32  ARG A O   1 
ATOM   226  C CB  . ARG A 1 34  ? -10.270 -11.288 3.797   1.00 60.15  ? 32  ARG A CB  1 
ATOM   227  C CG  . ARG A 1 34  ? -11.607 -10.706 3.577   1.00 64.00  ? 32  ARG A CG  1 
ATOM   228  C CD  . ARG A 1 34  ? -12.515 -11.099 4.650   1.00 62.00  ? 32  ARG A CD  1 
ATOM   229  N NE  . ARG A 1 34  ? -12.756 -9.984  5.528   1.00 59.55  ? 32  ARG A NE  1 
ATOM   230  C CZ  . ARG A 1 34  ? -13.371 -8.897  5.130   1.00 55.68  ? 32  ARG A CZ  1 
ATOM   231  N NH1 . ARG A 1 34  ? -13.757 -8.805  3.868   1.00 56.58  ? 32  ARG A NH1 1 
ATOM   232  N NH2 . ARG A 1 34  ? -13.572 -7.907  5.976   1.00 48.61  ? 32  ARG A NH2 1 
ATOM   233  N N   . VAL A 1 35  ? -8.232  -12.159 1.011   1.00 61.48  ? 33  VAL A N   1 
ATOM   234  C CA  . VAL A 1 35  ? -7.653  -11.470 -0.157  1.00 61.58  ? 33  VAL A CA  1 
ATOM   235  C C   . VAL A 1 35  ? -7.359  -12.483 -1.238  1.00 64.19  ? 33  VAL A C   1 
ATOM   236  O O   . VAL A 1 35  ? -6.848  -13.568 -0.940  1.00 63.81  ? 33  VAL A O   1 
ATOM   237  C CB  . VAL A 1 35  ? -6.392  -10.568 0.291   1.00 61.28  ? 33  VAL A CB  1 
ATOM   238  C CG1 . VAL A 1 35  ? -5.431  -10.277 -0.803  1.00 58.45  ? 33  VAL A CG1 1 
ATOM   239  C CG2 . VAL A 1 35  ? -6.851  -9.233  0.956   1.00 57.66  ? 33  VAL A CG2 1 
ATOM   240  N N   . GLU A 1 36  ? -7.709  -12.153 -2.476  1.00 67.87  ? 34  GLU A N   1 
ATOM   241  C CA  . GLU A 1 36  ? -7.442  -13.010 -3.637  1.00 71.80  ? 34  GLU A CA  1 
ATOM   242  C C   . GLU A 1 36  ? -6.036  -13.220 -4.172  1.00 72.02  ? 34  GLU A C   1 
ATOM   243  O O   . GLU A 1 36  ? -5.656  -14.331 -4.415  1.00 73.63  ? 34  GLU A O   1 
ATOM   244  C CB  . GLU A 1 36  ? -8.302  -12.559 -4.805  1.00 73.11  ? 34  GLU A CB  1 
ATOM   245  C CG  . GLU A 1 36  ? -9.779  -12.552 -4.531  1.00 82.57  ? 34  GLU A CG  1 
ATOM   246  C CD  . GLU A 1 36  ? -10.418 -13.911 -4.673  1.00 94.39  ? 34  GLU A CD  1 
ATOM   247  O OE1 . GLU A 1 36  ? -11.580 -13.966 -5.115  1.00 94.67  ? 34  GLU A OE1 1 
ATOM   248  O OE2 . GLU A 1 36  ? -9.777  -14.921 -4.339  1.00 96.75  ? 34  GLU A OE2 1 
ATOM   249  N N   . GLU A 1 37  ? -5.265  -12.160 -4.362  1.00 70.86  ? 35  GLU A N   1 
ATOM   250  C CA  . GLU A 1 37  ? -3.905  -12.297 -4.886  1.00 67.91  ? 35  GLU A CA  1 
ATOM   251  C C   . GLU A 1 37  ? -2.957  -11.323 -4.222  1.00 66.06  ? 35  GLU A C   1 
ATOM   252  O O   . GLU A 1 37  ? -3.324  -10.195 -3.994  1.00 63.53  ? 35  GLU A O   1 
ATOM   253  C CB  . GLU A 1 37  ? -3.913  -12.089 -6.398  1.00 69.98  ? 35  GLU A CB  1 
ATOM   254  C CG  . GLU A 1 37  ? -2.612  -11.570 -6.955  1.00 73.71  ? 35  GLU A CG  1 
ATOM   255  C CD  . GLU A 1 37  ? -2.334  -12.028 -8.374  1.00 85.59  ? 35  GLU A CD  1 
ATOM   256  O OE1 . GLU A 1 37  ? -2.630  -13.195 -8.691  1.00 87.89  ? 35  GLU A OE1 1 
ATOM   257  O OE2 . GLU A 1 37  ? -1.791  -11.230 -9.165  1.00 88.84  ? 35  GLU A OE2 1 
ATOM   258  N N   . ILE A 1 38  ? -1.728  -11.729 -3.928  1.00 63.72  ? 36  ILE A N   1 
ATOM   259  C CA  . ILE A 1 38  ? -0.839  -10.784 -3.255  1.00 63.21  ? 36  ILE A CA  1 
ATOM   260  C C   . ILE A 1 38  ? 0.440   -10.609 -4.077  1.00 62.43  ? 36  ILE A C   1 
ATOM   261  O O   . ILE A 1 38  ? 1.039   -11.577 -4.462  1.00 59.57  ? 36  ILE A O   1 
ATOM   262  C CB  . ILE A 1 38  ? -0.533  -11.239 -1.734  1.00 63.87  ? 36  ILE A CB  1 
ATOM   263  C CG1 . ILE A 1 38  ? -1.837  -11.330 -0.937  1.00 62.31  ? 36  ILE A CG1 1 
ATOM   264  C CG2 . ILE A 1 38  ? 0.505   -10.300 -1.025  1.00 61.89  ? 36  ILE A CG2 1 
ATOM   265  C CD1 . ILE A 1 38  ? -1.771  -12.222 0.248   1.00 64.15  ? 36  ILE A CD1 1 
ATOM   266  N N   . GLN A 1 39  ? 0.826   -9.368  -4.401  1.00 62.78  ? 37  GLN A N   1 
ATOM   267  C CA  . GLN A 1 39  ? 2.163   -9.191  -4.968  1.00 63.32  ? 37  GLN A CA  1 
ATOM   268  C C   . GLN A 1 39  ? 3.044   -8.164  -4.256  1.00 61.41  ? 37  GLN A C   1 
ATOM   269  O O   . GLN A 1 39  ? 2.623   -7.271  -3.500  1.00 62.78  ? 37  GLN A O   1 
ATOM   270  C CB  . GLN A 1 39  ? 2.056   -8.747  -6.424  1.00 64.13  ? 37  GLN A CB  1 
ATOM   271  C CG  . GLN A 1 39  ? 1.565   -9.710  -7.560  1.00 66.80  ? 37  GLN A CG  1 
ATOM   272  C CD  . GLN A 1 39  ? 1.761   -8.954  -8.886  1.00 67.93  ? 37  GLN A CD  1 
ATOM   273  O OE1 . GLN A 1 39  ? 0.876   -8.167  -9.353  1.00 76.29  ? 37  GLN A OE1 1 
ATOM   274  N NE2 . GLN A 1 39  ? 2.971   -9.035  -9.399  1.00 71.91  ? 37  GLN A NE2 1 
ATOM   275  N N   . SER A 1 40  ? 4.275   -8.162  -4.629  1.00 59.76  ? 38  SER A N   1 
ATOM   276  C CA  . SER A 1 40  ? 5.255   -7.534  -3.836  1.00 59.23  ? 38  SER A CA  1 
ATOM   277  C C   . SER A 1 40  ? 6.295   -6.841  -4.768  1.00 59.42  ? 38  SER A C   1 
ATOM   278  O O   . SER A 1 40  ? 6.658   -7.448  -5.760  1.00 60.20  ? 38  SER A O   1 
ATOM   279  C CB  . SER A 1 40  ? 5.837   -8.701  -3.081  1.00 59.68  ? 38  SER A CB  1 
ATOM   280  O OG  . SER A 1 40  ? 6.984   -8.265  -2.462  1.00 65.53  ? 38  SER A OG  1 
ATOM   281  N N   . VAL A 1 41  ? 6.720   -5.571  -4.562  1.00 58.19  ? 39  VAL A N   1 
ATOM   282  C CA  . VAL A 1 41  ? 7.877   -5.025  -5.287  1.00 55.34  ? 39  VAL A CA  1 
ATOM   283  C C   . VAL A 1 41  ? 8.769   -4.470  -4.261  1.00 56.10  ? 39  VAL A C   1 
ATOM   284  O O   . VAL A 1 41  ? 8.309   -4.174  -3.168  1.00 57.29  ? 39  VAL A O   1 
ATOM   285  C CB  . VAL A 1 41  ? 7.496   -3.949  -6.263  1.00 55.79  ? 39  VAL A CB  1 
ATOM   286  C CG1 . VAL A 1 41  ? 6.995   -4.567  -7.631  1.00 54.70  ? 39  VAL A CG1 1 
ATOM   287  C CG2 . VAL A 1 41  ? 6.464   -2.957  -5.751  1.00 51.99  ? 39  VAL A CG2 1 
ATOM   288  N N   . THR A 1 42  ? 10.053  -4.278  -4.541  1.00 56.54  ? 40  THR A N   1 
ATOM   289  C CA  . THR A 1 42  ? 10.967  -3.722  -3.499  1.00 55.83  ? 40  THR A CA  1 
ATOM   290  C C   . THR A 1 42  ? 11.503  -2.300  -3.812  1.00 54.48  ? 40  THR A C   1 
ATOM   291  O O   . THR A 1 42  ? 12.497  -1.822  -3.252  1.00 53.90  ? 40  THR A O   1 
ATOM   292  C CB  . THR A 1 42  ? 12.119  -4.646  -3.296  1.00 56.20  ? 40  THR A CB  1 
ATOM   293  O OG1 . THR A 1 42  ? 12.611  -4.905  -4.601  1.00 57.38  ? 40  THR A OG1 1 
ATOM   294  C CG2 . THR A 1 42  ? 11.663  -6.017  -2.641  1.00 58.65  ? 40  THR A CG2 1 
ATOM   295  N N   . SER A 1 43  ? 10.823  -1.567  -4.669  1.00 53.83  ? 41  SER A N   1 
ATOM   296  C CA  . SER A 1 43  ? 11.222  -0.183  -4.737  1.00 54.09  ? 41  SER A CA  1 
ATOM   297  C C   . SER A 1 43  ? 10.231  0.621   -5.456  1.00 52.47  ? 41  SER A C   1 
ATOM   298  O O   . SER A 1 43  ? 9.284   0.113   -6.103  1.00 51.72  ? 41  SER A O   1 
ATOM   299  C CB  . SER A 1 43  ? 12.636  -0.073  -5.394  1.00 55.72  ? 41  SER A CB  1 
ATOM   300  O OG  . SER A 1 43  ? 12.532  0.004   -6.831  1.00 56.14  ? 41  SER A OG  1 
ATOM   301  N N   . GLY A 1 44  ? 10.481  1.902   -5.359  1.00 53.05  ? 42  GLY A N   1 
ATOM   302  C CA  . GLY A 1 44  ? 9.485   2.927   -5.738  1.00 54.21  ? 42  GLY A CA  1 
ATOM   303  C C   . GLY A 1 44  ? 9.398   2.905   -7.239  1.00 56.25  ? 42  GLY A C   1 
ATOM   304  O O   . GLY A 1 44  ? 8.339   2.933   -7.831  1.00 57.41  ? 42  GLY A O   1 
ATOM   305  N N   . ASN A 1 45  ? 10.526  2.804   -7.904  1.00 58.10  ? 43  ASN A N   1 
ATOM   306  C CA  . ASN A 1 45  ? 10.477  2.801   -9.360  1.00 58.40  ? 43  ASN A CA  1 
ATOM   307  C C   . ASN A 1 45  ? 9.924   1.453   -9.841  1.00 57.20  ? 43  ASN A C   1 
ATOM   308  O O   . ASN A 1 45  ? 8.974   1.491   -10.545 1.00 58.32  ? 43  ASN A O   1 
ATOM   309  C CB  . ASN A 1 45  ? 11.834  3.301   -9.916  1.00 59.75  ? 43  ASN A CB  1 
ATOM   310  C CG  . ASN A 1 45  ? 11.822  3.496   -11.417 1.00 60.32  ? 43  ASN A CG  1 
ATOM   311  O OD1 . ASN A 1 45  ? 10.999  4.280   -12.060 1.00 63.42  ? 43  ASN A OD1 1 
ATOM   312  N ND2 . ASN A 1 45  ? 12.757  2.761   -12.019 1.00 49.01  ? 43  ASN A ND2 1 
ATOM   313  N N   . ALA A 1 46  ? 10.405  0.295   -9.355  1.00 55.35  ? 44  ALA A N   1 
ATOM   314  C CA  . ALA A 1 46  ? 9.785   -0.979  -9.617  1.00 53.51  ? 44  ALA A CA  1 
ATOM   315  C C   . ALA A 1 46  ? 8.304   -0.839  -9.336  1.00 54.36  ? 44  ALA A C   1 
ATOM   316  O O   . ALA A 1 46  ? 7.544   -1.380  -10.081 1.00 55.64  ? 44  ALA A O   1 
ATOM   317  C CB  . ALA A 1 46  ? 10.388  -2.075  -8.758  1.00 51.06  ? 44  ALA A CB  1 
ATOM   318  N N   . ALA A 1 47  ? 7.875   -0.129  -8.276  1.00 54.96  ? 45  ALA A N   1 
ATOM   319  C CA  . ALA A 1 47  ? 6.407   0.060   -8.053  1.00 56.46  ? 45  ALA A CA  1 
ATOM   320  C C   . ALA A 1 47  ? 5.667   0.710   -9.230  1.00 57.96  ? 45  ALA A C   1 
ATOM   321  O O   . ALA A 1 47  ? 4.732   0.115   -9.693  1.00 60.28  ? 45  ALA A O   1 
ATOM   322  C CB  . ALA A 1 47  ? 6.089   0.868   -6.808  1.00 54.32  ? 45  ALA A CB  1 
ATOM   323  N N   . ILE A 1 48  ? 6.044   1.943   -9.646  1.00 58.25  ? 46  ILE A N   1 
ATOM   324  C CA  . ILE A 1 48  ? 5.694   2.574   -10.948 1.00 57.66  ? 46  ILE A CA  1 
ATOM   325  C C   . ILE A 1 48  ? 5.648   1.551   -12.128 1.00 57.85  ? 46  ILE A C   1 
ATOM   326  O O   . ILE A 1 48  ? 4.659   1.429   -12.823 1.00 56.88  ? 46  ILE A O   1 
ATOM   327  C CB  . ILE A 1 48  ? 6.722   3.751   -11.294 1.00 56.38  ? 46  ILE A CB  1 
ATOM   328  C CG1 . ILE A 1 48  ? 6.799   4.811   -10.196 1.00 56.28  ? 46  ILE A CG1 1 
ATOM   329  C CG2 . ILE A 1 48  ? 6.409   4.492   -12.630 1.00 58.69  ? 46  ILE A CG2 1 
ATOM   330  C CD1 . ILE A 1 48  ? 5.572   5.576   -9.912  1.00 51.56  ? 46  ILE A CD1 1 
ATOM   331  N N   . ASN A 1 49  ? 6.733   0.865   -12.388 1.00 58.64  ? 47  ASN A N   1 
ATOM   332  C CA  . ASN A 1 49  ? 6.727   0.019   -13.530 1.00 62.41  ? 47  ASN A CA  1 
ATOM   333  C C   . ASN A 1 49  ? 5.638   -1.016  -13.419 1.00 63.86  ? 47  ASN A C   1 
ATOM   334  O O   . ASN A 1 49  ? 5.014   -1.293  -14.434 1.00 65.96  ? 47  ASN A O   1 
ATOM   335  C CB  . ASN A 1 49  ? 8.068   -0.670  -13.787 1.00 62.66  ? 47  ASN A CB  1 
ATOM   336  C CG  . ASN A 1 49  ? 9.216   0.337   -13.959 1.00 62.83  ? 47  ASN A CG  1 
ATOM   337  O OD1 . ASN A 1 49  ? 10.347  -0.041  -13.749 1.00 64.88  ? 47  ASN A OD1 1 
ATOM   338  N ND2 . ASN A 1 49  ? 8.928   1.601   -14.272 1.00 56.55  ? 47  ASN A ND2 1 
ATOM   339  N N   . LYS A 1 50  ? 5.447   -1.618  -12.239 1.00 64.66  ? 48  LYS A N   1 
ATOM   340  C CA  . LYS A 1 50  ? 4.370   -2.576  -12.020 1.00 64.72  ? 48  LYS A CA  1 
ATOM   341  C C   . LYS A 1 50  ? 2.943   -1.981  -12.010 1.00 64.44  ? 48  LYS A C   1 
ATOM   342  O O   . LYS A 1 50  ? 2.065   -2.536  -12.617 1.00 64.04  ? 48  LYS A O   1 
ATOM   343  C CB  . LYS A 1 50  ? 4.564   -3.294  -10.726 1.00 64.97  ? 48  LYS A CB  1 
ATOM   344  C CG  . LYS A 1 50  ? 3.350   -4.152  -10.419 1.00 64.94  ? 48  LYS A CG  1 
ATOM   345  C CD  . LYS A 1 50  ? 3.845   -5.528  -10.083 1.00 68.57  ? 48  LYS A CD  1 
ATOM   346  C CE  . LYS A 1 50  ? 4.195   -6.287  -11.316 1.00 73.85  ? 48  LYS A CE  1 
ATOM   347  N NZ  . LYS A 1 50  ? 3.007   -7.189  -11.609 1.00 77.06  ? 48  LYS A NZ  1 
ATOM   348  N N   . LEU A 1 51  ? 2.701   -0.893  -11.296 1.00 64.97  ? 49  LEU A N   1 
ATOM   349  C CA  . LEU A 1 51  ? 1.382   -0.263  -11.286 1.00 66.78  ? 49  LEU A CA  1 
ATOM   350  C C   . LEU A 1 51  ? 0.977   0.165   -12.741 1.00 68.51  ? 49  LEU A C   1 
ATOM   351  O O   . LEU A 1 51  ? -0.205  0.029   -13.162 1.00 68.40  ? 49  LEU A O   1 
ATOM   352  C CB  . LEU A 1 51  ? 1.339   0.924   -10.306 1.00 65.83  ? 49  LEU A CB  1 
ATOM   353  C CG  . LEU A 1 51  ? 1.217   0.794   -8.739  1.00 67.86  ? 49  LEU A CG  1 
ATOM   354  C CD1 . LEU A 1 51  ? 1.461   2.089   -8.008  1.00 63.07  ? 49  LEU A CD1 1 
ATOM   355  C CD2 . LEU A 1 51  ? -0.155  0.360   -8.220  1.00 67.73  ? 49  LEU A CD2 1 
ATOM   356  N N   . ASN A 1 52  ? 2.001   0.641   -13.473 1.00 70.20  ? 50  ASN A N   1 
ATOM   357  C CA  . ASN A 1 52  ? 1.985   1.048   -14.876 1.00 71.48  ? 50  ASN A CA  1 
ATOM   358  C C   . ASN A 1 52  ? 1.601   -0.161  -15.678 1.00 71.75  ? 50  ASN A C   1 
ATOM   359  O O   . ASN A 1 52  ? 0.607   -0.150  -16.377 1.00 74.02  ? 50  ASN A O   1 
ATOM   360  C CB  . ASN A 1 52  ? 3.408   1.452   -15.358 1.00 71.91  ? 50  ASN A CB  1 
ATOM   361  C CG  . ASN A 1 52  ? 3.610   3.006   -15.555 1.00 70.99  ? 50  ASN A CG  1 
ATOM   362  O OD1 . ASN A 1 52  ? 2.721   3.870   -15.360 1.00 63.26  ? 50  ASN A OD1 1 
ATOM   363  N ND2 . ASN A 1 52  ? 4.833   3.333   -15.951 1.00 71.54  ? 50  ASN A ND2 1 
ATOM   364  N N   . GLU A 1 53  ? 2.283   -1.259  -15.508 1.00 70.51  ? 51  GLU A N   1 
ATOM   365  C CA  . GLU A 1 53  ? 1.919   -2.441  -16.242 1.00 70.51  ? 51  GLU A CA  1 
ATOM   366  C C   . GLU A 1 53  ? 0.511   -2.827  -15.921 1.00 69.85  ? 51  GLU A C   1 
ATOM   367  O O   . GLU A 1 53  ? -0.212  -3.293  -16.766 1.00 70.46  ? 51  GLU A O   1 
ATOM   368  C CB  . GLU A 1 53  ? 2.833   -3.565  -15.845 1.00 72.03  ? 51  GLU A CB  1 
ATOM   369  C CG  . GLU A 1 53  ? 2.161   -4.896  -15.765 1.00 76.08  ? 51  GLU A CG  1 
ATOM   370  C CD  . GLU A 1 53  ? 3.043   -5.939  -15.101 1.00 86.80  ? 51  GLU A CD  1 
ATOM   371  O OE1 . GLU A 1 53  ? 2.588   -6.582  -14.135 1.00 87.93  ? 51  GLU A OE1 1 
ATOM   372  O OE2 . GLU A 1 53  ? 4.191   -6.124  -15.548 1.00 90.31  ? 51  GLU A OE2 1 
ATOM   373  N N   . LEU A 1 54  ? 0.119   -2.599  -14.684 1.00 20.00  ? 52  LEU A N   1 
ATOM   374  C CA  . LEU A 1 54  ? -1.245  -2.793  -14.198 1.00 20.00  ? 52  LEU A CA  1 
ATOM   375  C C   . LEU A 1 54  ? -2.329  -1.853  -14.692 1.00 20.00  ? 52  LEU A C   1 
ATOM   376  O O   . LEU A 1 54  ? -3.430  -2.269  -14.840 1.00 20.00  ? 52  LEU A O   1 
ATOM   377  C CB  . LEU A 1 54  ? -1.281  -2.873  -12.688 1.00 20.00  ? 52  LEU A CB  1 
ATOM   378  C CG  . LEU A 1 54  ? -1.180  -4.263  -12.102 1.00 20.00  ? 52  LEU A CG  1 
ATOM   379  C CD1 . LEU A 1 54  ? -0.445  -5.136  -13.048 1.00 20.00  ? 52  LEU A CD1 1 
ATOM   380  C CD2 . LEU A 1 54  ? -0.475  -4.194  -10.798 1.00 20.00  ? 52  LEU A CD2 1 
ATOM   381  N N   . TYR A 1 55  ? -2.053  -0.582  -14.903 1.00 70.54  ? 53  TYR A N   1 
ATOM   382  C CA  . TYR A 1 55  ? -3.115  0.330   -15.344 1.00 71.31  ? 53  TYR A CA  1 
ATOM   383  C C   . TYR A 1 55  ? -3.629  -0.137  -16.666 1.00 71.93  ? 53  TYR A C   1 
ATOM   384  O O   . TYR A 1 55  ? -4.792  -0.033  -16.999 1.00 70.24  ? 53  TYR A O   1 
ATOM   385  C CB  . TYR A 1 55  ? -2.596  1.716   -15.482 1.00 70.56  ? 53  TYR A CB  1 
ATOM   386  N N   . ALA A 1 56  ? -2.664  -0.627  -17.401 1.00 73.18  ? 54  ALA A N   1 
ATOM   387  C CA  . ALA A 1 56  ? -2.705  -1.153  -18.736 1.00 73.68  ? 54  ALA A CA  1 
ATOM   388  C C   . ALA A 1 56  ? -3.665  -2.319  -18.767 1.00 74.73  ? 54  ALA A C   1 
ATOM   389  O O   . ALA A 1 56  ? -3.947  -2.860  -19.822 1.00 75.23  ? 54  ALA A O   1 
ATOM   390  C CB  . ALA A 1 56  ? -1.356  -1.580  -19.158 1.00 72.46  ? 54  ALA A CB  1 
ATOM   391  N N   . ALA A 1 57  ? -4.134  -2.726  -17.599 1.00 75.86  ? 55  ALA A N   1 
ATOM   392  C CA  . ALA A 1 57  ? -5.094  -3.806  -17.476 1.00 75.42  ? 55  ALA A CA  1 
ATOM   393  C C   . ALA A 1 57  ? -6.294  -3.331  -16.642 1.00 76.63  ? 55  ALA A C   1 
ATOM   394  O O   . ALA A 1 57  ? -6.235  -2.271  -16.047 1.00 76.23  ? 55  ALA A O   1 
ATOM   395  C CB  . ALA A 1 57  ? -4.437  -4.967  -16.866 1.00 74.30  ? 55  ALA A CB  1 
ATOM   396  N N   . GLY A 1 58  ? -7.417  -4.038  -16.632 1.00 77.83  ? 56  GLY A N   1 
ATOM   397  C CA  . GLY A 1 58  ? -8.514  -3.551  -15.771 1.00 78.06  ? 56  GLY A CA  1 
ATOM   398  C C   . GLY A 1 58  ? -7.882  -3.287  -14.414 1.00 79.01  ? 56  GLY A C   1 
ATOM   399  O O   . GLY A 1 58  ? -8.298  -2.316  -13.674 1.00 79.80  ? 56  GLY A O   1 
ATOM   400  N N   . ARG A 1 59  ? -6.865  -4.139  -14.111 1.00 78.10  ? 57  ARG A N   1 
ATOM   401  C CA  . ARG A 1 59  ? -6.083  -4.194  -12.839 1.00 77.48  ? 57  ARG A CA  1 
ATOM   402  C C   . ARG A 1 59  ? -5.561  -2.855  -12.219 1.00 74.20  ? 57  ARG A C   1 
ATOM   403  O O   . ARG A 1 59  ? -5.042  -1.941  -12.941 1.00 74.61  ? 57  ARG A O   1 
ATOM   404  C CB  . ARG A 1 59  ? -4.963  -5.221  -12.955 1.00 77.19  ? 57  ARG A CB  1 
ATOM   405  C CG  . ARG A 1 59  ? -5.463  -6.588  -13.298 1.00 80.05  ? 57  ARG A CG  1 
ATOM   406  C CD  . ARG A 1 59  ? -4.314  -7.660  -13.342 1.00 84.13  ? 57  ARG A CD  1 
ATOM   407  N NE  . ARG A 1 59  ? -4.838  -8.936  -13.884 1.00 101.67 ? 57  ARG A NE  1 
ATOM   408  C CZ  . ARG A 1 59  ? -5.284  -9.189  -15.154 1.00 106.13 ? 57  ARG A CZ  1 
ATOM   409  N NH1 . ARG A 1 59  ? -5.259  -8.256  -16.156 1.00 106.69 ? 57  ARG A NH1 1 
ATOM   410  N NH2 . ARG A 1 59  ? -5.770  -10.425 -15.431 1.00 105.60 ? 57  ARG A NH2 1 
ATOM   411  N N   . TRP A 1 60  ? -5.830  -2.732  -10.912 1.00 69.64  ? 58  TRP A N   1 
ATOM   412  C CA  . TRP A 1 60  ? -5.277  -1.755  -10.013 1.00 66.50  ? 58  TRP A CA  1 
ATOM   413  C C   . TRP A 1 60  ? -5.396  -2.456  -8.697  1.00 65.36  ? 58  TRP A C   1 
ATOM   414  O O   . TRP A 1 60  ? -6.493  -2.908  -8.369  1.00 66.89  ? 58  TRP A O   1 
ATOM   415  C CB  . TRP A 1 60  ? -6.135  -0.534  -9.878  1.00 65.23  ? 58  TRP A CB  1 
ATOM   416  C CG  . TRP A 1 60  ? -5.480  0.635   -9.116  1.00 62.85  ? 58  TRP A CG  1 
ATOM   417  C CD1 . TRP A 1 60  ? -5.960  1.270   -8.005  1.00 61.84  ? 58  TRP A CD1 1 
ATOM   418  C CD2 . TRP A 1 60  ? -4.277  1.332   -9.475  1.00 61.96  ? 58  TRP A CD2 1 
ATOM   419  N NE1 . TRP A 1 60  ? -5.138  2.317   -7.638  1.00 59.66  ? 58  TRP A NE1 1 
ATOM   420  C CE2 . TRP A 1 60  ? -4.105  2.394   -8.532  1.00 60.40  ? 58  TRP A CE2 1 
ATOM   421  C CE3 . TRP A 1 60  ? -3.338  1.177   -10.519 1.00 62.93  ? 58  TRP A CE3 1 
ATOM   422  C CZ2 . TRP A 1 60  ? -3.039  3.315   -8.595  1.00 60.70  ? 58  TRP A CZ2 1 
ATOM   423  C CZ3 . TRP A 1 60  ? -2.268  2.063   -10.574 1.00 64.61  ? 58  TRP A CZ3 1 
ATOM   424  C CH2 . TRP A 1 60  ? -2.140  3.153   -9.600  1.00 62.94  ? 58  TRP A CH2 1 
ATOM   425  N N   . PRO A 1 61  ? -4.286  -2.543  -7.916  1.00 63.51  ? 59  PRO A N   1 
ATOM   426  C CA  . PRO A 1 61  ? -4.421  -3.236  -6.651  1.00 60.65  ? 59  PRO A CA  1 
ATOM   427  C C   . PRO A 1 61  ? -5.496  -2.581  -5.771  1.00 58.55  ? 59  PRO A C   1 
ATOM   428  O O   . PRO A 1 61  ? -5.527  -1.284  -5.562  1.00 56.89  ? 59  PRO A O   1 
ATOM   429  C CB  . PRO A 1 61  ? -3.036  -3.089  -6.036  1.00 59.57  ? 59  PRO A CB  1 
ATOM   430  C CG  . PRO A 1 61  ? -2.470  -1.929  -6.682  1.00 61.71  ? 59  PRO A CG  1 
ATOM   431  C CD  . PRO A 1 61  ? -2.896  -2.075  -8.084  1.00 62.08  ? 59  PRO A CD  1 
ATOM   432  N N   . SER A 1 62  ? -6.351  -3.510  -5.288  1.00 54.53  ? 60  SER A N   1 
ATOM   433  C CA  . SER A 1 62  ? -7.350  -3.198  -4.303  1.00 51.84  ? 60  SER A CA  1 
ATOM   434  C C   . SER A 1 62  ? -6.813  -2.403  -3.075  1.00 51.31  ? 60  SER A C   1 
ATOM   435  O O   . SER A 1 62  ? -7.427  -1.372  -2.661  1.00 52.09  ? 60  SER A O   1 
ATOM   436  C CB  . SER A 1 62  ? -8.114  -4.476  -3.918  1.00 51.48  ? 60  SER A CB  1 
ATOM   437  O OG  . SER A 1 62  ? -9.198  -3.964  -3.169  1.00 57.54  ? 60  SER A OG  1 
ATOM   438  N N   . ILE A 1 63  ? -5.653  -2.838  -2.521  1.00 49.40  ? 61  ILE A N   1 
ATOM   439  C CA  . ILE A 1 63  ? -4.879  -2.081  -1.478  1.00 48.16  ? 61  ILE A CA  1 
ATOM   440  C C   . ILE A 1 63  ? -3.398  -2.002  -1.833  1.00 47.40  ? 61  ILE A C   1 
ATOM   441  O O   . ILE A 1 63  ? -2.815  -3.026  -2.338  1.00 47.99  ? 61  ILE A O   1 
ATOM   442  C CB  . ILE A 1 63  ? -4.897  -2.845  -0.128  1.00 48.82  ? 61  ILE A CB  1 
ATOM   443  C CG1 . ILE A 1 63  ? -6.333  -2.890  0.507   1.00 45.16  ? 61  ILE A CG1 1 
ATOM   444  C CG2 . ILE A 1 63  ? -3.818  -2.307  0.821   1.00 46.86  ? 61  ILE A CG2 1 
ATOM   445  C CD1 . ILE A 1 63  ? -6.625  -4.320  1.142   1.00 51.20  ? 61  ILE A CD1 1 
ATOM   446  N N   . ILE A 1 64  ? -2.803  -0.880  -1.497  1.00 45.07  ? 62  ILE A N   1 
ATOM   447  C CA  . ILE A 1 64  ? -1.397  -0.680  -1.655  1.00 43.37  ? 62  ILE A CA  1 
ATOM   448  C C   . ILE A 1 64  ? -0.736  -0.315  -0.353  1.00 43.21  ? 62  ILE A C   1 
ATOM   449  O O   . ILE A 1 64  ? -1.111  0.620   0.290   1.00 39.90  ? 62  ILE A O   1 
ATOM   450  C CB  . ILE A 1 64  ? -1.158  0.441   -2.627  1.00 20.00  ? 62  ILE A CB  1 
ATOM   451  C CG1 . ILE A 1 64  ? -1.898  0.158   -3.905  1.00 20.00  ? 62  ILE A CG1 1 
ATOM   452  C CG2 . ILE A 1 64  ? 0.268   0.535   -2.962  1.00 20.00  ? 62  ILE A CG2 1 
ATOM   453  C CD1 . ILE A 1 64  ? -1.820  1.250   -4.893  1.00 20.00  ? 62  ILE A CD1 1 
ATOM   454  N N   . CYS A 1 65  ? 0.282   -1.065  0.002   1.00 42.25  ? 63  CYS A N   1 
ATOM   455  C CA  . CYS A 1 65  ? 1.148   -0.748  1.141   1.00 41.48  ? 63  CYS A CA  1 
ATOM   456  C C   . CYS A 1 65  ? 2.536   -0.449  0.678   1.00 42.14  ? 63  CYS A C   1 
ATOM   457  O O   . CYS A 1 65  ? 3.109   -1.269  -0.136  1.00 42.12  ? 63  CYS A O   1 
ATOM   458  C CB  . CYS A 1 65  ? 1.279   -1.960  2.033   1.00 40.96  ? 63  CYS A CB  1 
ATOM   459  S SG  . CYS A 1 65  ? -0.297  -2.709  2.479   1.00 43.70  ? 63  CYS A SG  1 
ATOM   460  N N   . ILE A 1 66  ? 3.107   0.555   1.327   1.00 39.17  ? 64  ILE A N   1 
ATOM   461  C CA  . ILE A 1 66  ? 4.277   1.197   0.955   1.00 40.09  ? 64  ILE A CA  1 
ATOM   462  C C   . ILE A 1 66  ? 5.042   1.512   2.172   1.00 41.88  ? 64  ILE A C   1 
ATOM   463  O O   . ILE A 1 66  ? 4.491   2.204   3.016   1.00 41.99  ? 64  ILE A O   1 
ATOM   464  C CB  . ILE A 1 66  ? 3.917   2.609   0.345   1.00 41.35  ? 64  ILE A CB  1 
ATOM   465  C CG1 . ILE A 1 66  ? 2.937   2.387   -0.816  1.00 41.22  ? 64  ILE A CG1 1 
ATOM   466  C CG2 . ILE A 1 66  ? 5.137   3.338   -0.311  1.00 33.62  ? 64  ILE A CG2 1 
ATOM   467  C CD1 . ILE A 1 66  ? 2.657   3.760   -1.565  1.00 40.80  ? 64  ILE A CD1 1 
ATOM   468  N N   . ASP A 1 67  ? 6.303   1.037   2.248   1.00 42.78  ? 65  ASP A N   1 
ATOM   469  C CA  . ASP A 1 67  ? 7.256   1.375   3.310   1.00 43.78  ? 65  ASP A CA  1 
ATOM   470  C C   . ASP A 1 67  ? 7.734   2.854   3.118   1.00 43.35  ? 65  ASP A C   1 
ATOM   471  O O   . ASP A 1 67  ? 8.010   3.194   2.071   1.00 44.20  ? 65  ASP A O   1 
ATOM   472  C CB  . ASP A 1 67  ? 8.432   0.428   3.124   1.00 44.93  ? 65  ASP A CB  1 
ATOM   473  C CG  . ASP A 1 67  ? 9.476   0.531   4.207   1.00 47.49  ? 65  ASP A CG  1 
ATOM   474  O OD1 . ASP A 1 67  ? 9.265   1.259   5.244   1.00 53.52  ? 65  ASP A OD1 1 
ATOM   475  O OD2 . ASP A 1 67  ? 10.539  -0.161  4.064   1.00 55.67  ? 65  ASP A OD2 1 
ATOM   476  N N   . ILE A 1 68  ? 7.688   3.768   4.080   1.00 44.59  ? 66  ILE A N   1 
ATOM   477  C CA  . ILE A 1 68  ? 8.243   5.066   3.913   1.00 45.29  ? 66  ILE A CA  1 
ATOM   478  C C   . ILE A 1 68  ? 9.757   4.991   3.607   1.00 46.51  ? 66  ILE A C   1 
ATOM   479  O O   . ILE A 1 68  ? 10.227  5.517   2.658   1.00 44.55  ? 66  ILE A O   1 
ATOM   480  C CB  . ILE A 1 68  ? 7.926   5.832   5.180   1.00 46.57  ? 66  ILE A CB  1 
ATOM   481  C CG1 . ILE A 1 68  ? 6.469   6.304   5.069   1.00 47.45  ? 66  ILE A CG1 1 
ATOM   482  C CG2 . ILE A 1 68  ? 8.839   7.087   5.354   1.00 48.69  ? 66  ILE A CG2 1 
ATOM   483  C CD1 . ILE A 1 68  ? 5.734   6.574   6.386   1.00 45.39  ? 66  ILE A CD1 1 
ATOM   484  N N   . ASN A 1 69  ? 10.493  4.347   4.468   1.00 49.36  ? 67  ASN A N   1 
ATOM   485  C CA  . ASN A 1 69  ? 11.902  4.341   4.325   1.00 48.61  ? 67  ASN A CA  1 
ATOM   486  C C   . ASN A 1 69  ? 12.332  3.292   3.383   1.00 48.22  ? 67  ASN A C   1 
ATOM   487  O O   . ASN A 1 69  ? 12.161  2.133   3.625   1.00 51.14  ? 67  ASN A O   1 
ATOM   488  C CB  . ASN A 1 69  ? 12.452  4.132   5.695   1.00 49.53  ? 67  ASN A CB  1 
ATOM   489  C CG  . ASN A 1 69  ? 11.695  4.920   6.718   1.00 55.96  ? 67  ASN A CG  1 
ATOM   490  O OD1 . ASN A 1 69  ? 11.848  6.120   6.812   1.00 55.01  ? 67  ASN A OD1 1 
ATOM   491  N ND2 . ASN A 1 69  ? 10.861  4.244   7.487   1.00 46.41  ? 67  ASN A ND2 1 
ATOM   492  N N   . MET A 1 70  ? 12.941  3.733   2.304   1.00 49.12  ? 68  MET A N   1 
ATOM   493  C CA  . MET A 1 70  ? 13.306  2.835   1.220   1.00 45.98  ? 68  MET A CA  1 
ATOM   494  C C   . MET A 1 70  ? 14.503  3.445   0.548   1.00 49.73  ? 68  MET A C   1 
ATOM   495  O O   . MET A 1 70  ? 14.600  4.646   0.388   1.00 49.58  ? 68  MET A O   1 
ATOM   496  C CB  . MET A 1 70  ? 12.104  2.739   0.209   1.00 46.97  ? 68  MET A CB  1 
ATOM   497  C CG  . MET A 1 70  ? 11.452  1.387   -0.014  1.00 42.37  ? 68  MET A CG  1 
ATOM   498  S SD  . MET A 1 70  ? 10.043  1.137   -0.976  1.00 35.36  ? 68  MET A SD  1 
ATOM   499  C CE  . MET A 1 70  ? 9.809   2.572   -1.826  1.00 41.10  ? 68  MET A CE  1 
ATOM   500  N N   . PRO A 1 71  ? 15.449  2.607   0.122   1.00 53.54  ? 69  PRO A N   1 
ATOM   501  C CA  . PRO A 1 71  ? 16.578  3.022   -0.715  1.00 53.48  ? 69  PRO A CA  1 
ATOM   502  C C   . PRO A 1 71  ? 15.987  3.476   -1.976  1.00 54.53  ? 69  PRO A C   1 
ATOM   503  O O   . PRO A 1 71  ? 15.115  2.777   -2.609  1.00 55.35  ? 69  PRO A O   1 
ATOM   504  C CB  . PRO A 1 71  ? 17.287  1.713   -1.050  1.00 54.33  ? 69  PRO A CB  1 
ATOM   505  C CG  . PRO A 1 71  ? 16.881  0.748   0.060   1.00 52.99  ? 69  PRO A CG  1 
ATOM   506  C CD  . PRO A 1 71  ? 15.494  1.162   0.462   1.00 54.18  ? 69  PRO A CD  1 
ATOM   507  N N   . GLY A 1 72  ? 16.515  4.633   -2.385  1.00 55.95  ? 70  GLY A N   1 
ATOM   508  C CA  . GLY A 1 72  ? 15.982  5.400   -3.532  1.00 51.59  ? 70  GLY A CA  1 
ATOM   509  C C   . GLY A 1 72  ? 14.919  6.262   -2.887  1.00 50.39  ? 70  GLY A C   1 
ATOM   510  O O   . GLY A 1 72  ? 14.915  6.526   -1.607  1.00 50.02  ? 70  GLY A O   1 
ATOM   511  N N   . ILE A 1 73  ? 14.044  6.677   -3.767  1.00 48.04  ? 71  ILE A N   1 
ATOM   512  C CA  . ILE A 1 73  ? 12.987  7.506   -3.385  1.00 47.24  ? 71  ILE A CA  1 
ATOM   513  C C   . ILE A 1 73  ? 12.141  6.877   -2.263  1.00 47.22  ? 71  ILE A C   1 
ATOM   514  O O   . ILE A 1 73  ? 11.756  5.652   -2.286  1.00 45.11  ? 71  ILE A O   1 
ATOM   515  C CB  . ILE A 1 73  ? 12.043  7.759   -4.634  1.00 47.68  ? 71  ILE A CB  1 
ATOM   516  C CG1 . ILE A 1 73  ? 11.488  6.438   -5.207  1.00 48.06  ? 71  ILE A CG1 1 
ATOM   517  C CG2 . ILE A 1 73  ? 12.782  8.679   -5.763  1.00 50.07  ? 71  ILE A CG2 1 
ATOM   518  C CD1 . ILE A 1 73  ? 10.399  6.721   -6.359  1.00 44.69  ? 71  ILE A CD1 1 
ATOM   519  N N   . ASN A 1 74  ? 11.752  7.722   -1.326  1.00 45.30  ? 72  ASN A N   1 
ATOM   520  C CA  . ASN A 1 74  ? 10.982  7.151   -0.260  1.00 46.84  ? 72  ASN A CA  1 
ATOM   521  C C   . ASN A 1 74  ? 9.380   7.045   -0.566  1.00 47.08  ? 72  ASN A C   1 
ATOM   522  O O   . ASN A 1 74  ? 8.928   7.376   -1.678  1.00 46.74  ? 72  ASN A O   1 
ATOM   523  C CB  . ASN A 1 74  ? 11.328  7.998   0.932   1.00 44.88  ? 72  ASN A CB  1 
ATOM   524  C CG  . ASN A 1 74  ? 10.720  9.393   0.839   1.00 49.50  ? 72  ASN A CG  1 
ATOM   525  O OD1 . ASN A 1 74  ? 9.661   9.623   0.205   1.00 58.05  ? 72  ASN A OD1 1 
ATOM   526  N ND2 . ASN A 1 74  ? 11.321  10.322  1.530   1.00 52.11  ? 72  ASN A ND2 1 
ATOM   527  N N   . GLY A 1 75  ? 8.530   6.686   0.413   1.00 46.59  ? 73  GLY A N   1 
ATOM   528  C CA  . GLY A 1 75  ? 7.063   6.433   0.148   1.00 45.64  ? 73  GLY A CA  1 
ATOM   529  C C   . GLY A 1 75  ? 6.346   7.742   -0.096  1.00 45.54  ? 73  GLY A C   1 
ATOM   530  O O   . GLY A 1 75  ? 5.380   7.835   -0.901  1.00 44.63  ? 73  GLY A O   1 
ATOM   531  N N   . TRP A 1 76  ? 6.806   8.800   0.571   1.00 45.04  ? 74  TRP A N   1 
ATOM   532  C CA  . TRP A 1 76  ? 6.288   10.190  0.236   1.00 46.60  ? 74  TRP A CA  1 
ATOM   533  C C   . TRP A 1 76  ? 6.574   10.667  -1.222  1.00 45.90  ? 74  TRP A C   1 
ATOM   534  O O   . TRP A 1 76  ? 5.646   11.059  -1.955  1.00 47.11  ? 74  TRP A O   1 
ATOM   535  C CB  . TRP A 1 76  ? 6.768   11.255  1.257   1.00 47.84  ? 74  TRP A CB  1 
ATOM   536  C CG  . TRP A 1 76  ? 6.243   11.002  2.707   1.00 49.22  ? 74  TRP A CG  1 
ATOM   537  C CD1 . TRP A 1 76  ? 6.997   10.682  3.824   1.00 49.83  ? 74  TRP A CD1 1 
ATOM   538  C CD2 . TRP A 1 76  ? 4.841   10.941  3.123   1.00 50.40  ? 74  TRP A CD2 1 
ATOM   539  N NE1 . TRP A 1 76  ? 6.143   10.454  4.934   1.00 51.83  ? 74  TRP A NE1 1 
ATOM   540  C CE2 . TRP A 1 76  ? 4.824   10.643  4.521   1.00 55.83  ? 74  TRP A CE2 1 
ATOM   541  C CE3 . TRP A 1 76  ? 3.606   11.148  2.455   1.00 50.06  ? 74  TRP A CE3 1 
ATOM   542  C CZ2 . TRP A 1 76  ? 3.576   10.563  5.265   1.00 53.25  ? 74  TRP A CZ2 1 
ATOM   543  C CZ3 . TRP A 1 76  ? 2.357   11.029  3.201   1.00 49.34  ? 74  TRP A CZ3 1 
ATOM   544  C CH2 . TRP A 1 76  ? 2.362   10.754  4.561   1.00 50.43  ? 74  TRP A CH2 1 
ATOM   545  N N   . GLU A 1 77  ? 7.830   10.605  -1.654  1.00 45.21  ? 75  GLU A N   1 
ATOM   546  C CA  . GLU A 1 77  ? 8.096   10.761  -3.069  1.00 45.56  ? 75  GLU A CA  1 
ATOM   547  C C   . GLU A 1 77  ? 7.297   9.753   -3.932  1.00 45.49  ? 75  GLU A C   1 
ATOM   548  O O   . GLU A 1 77  ? 6.823   10.099  -4.997  1.00 47.08  ? 75  GLU A O   1 
ATOM   549  C CB  . GLU A 1 77  ? 9.541   10.656  -3.303  1.00 43.64  ? 75  GLU A CB  1 
ATOM   550  C CG  . GLU A 1 77  ? 10.343  11.749  -2.554  1.00 47.98  ? 75  GLU A CG  1 
ATOM   551  C CD  . GLU A 1 77  ? 11.889  11.347  -2.483  1.00 53.81  ? 75  GLU A CD  1 
ATOM   552  O OE1 . GLU A 1 77  ? 12.240  10.151  -2.791  1.00 55.36  ? 75  GLU A OE1 1 
ATOM   553  O OE2 . GLU A 1 77  ? 12.755  12.196  -2.116  1.00 60.39  ? 75  GLU A OE2 1 
ATOM   554  N N   . LEU A 1 78  ? 7.102   8.519   -3.532  1.00 44.07  ? 76  LEU A N   1 
ATOM   555  C CA  . LEU A 1 78  ? 6.347   7.690   -4.433  1.00 44.08  ? 76  LEU A CA  1 
ATOM   556  C C   . LEU A 1 78  ? 4.888   8.258   -4.535  1.00 45.75  ? 76  LEU A C   1 
ATOM   557  O O   . LEU A 1 78  ? 4.310   8.447   -5.615  1.00 44.87  ? 76  LEU A O   1 
ATOM   558  C CB  . LEU A 1 78  ? 6.402   6.274   -3.969  1.00 42.60  ? 76  LEU A CB  1 
ATOM   559  C CG  . LEU A 1 78  ? 5.659   5.250   -4.772  1.00 41.86  ? 76  LEU A CG  1 
ATOM   560  C CD1 . LEU A 1 78  ? 6.147   5.157   -6.171  1.00 33.65  ? 76  LEU A CD1 1 
ATOM   561  C CD2 . LEU A 1 78  ? 5.923   3.956   -4.064  1.00 37.73  ? 76  LEU A CD2 1 
ATOM   562  N N   . ILE A 1 79  ? 4.340   8.675   -3.418  1.00 46.42  ? 77  ILE A N   1 
ATOM   563  C CA  . ILE A 1 79  ? 3.038   9.242   -3.520  1.00 48.25  ? 77  ILE A CA  1 
ATOM   564  C C   . ILE A 1 79  ? 2.969   10.497  -4.360  1.00 50.39  ? 77  ILE A C   1 
ATOM   565  O O   . ILE A 1 79  ? 2.047   10.630  -5.188  1.00 49.92  ? 77  ILE A O   1 
ATOM   566  C CB  . ILE A 1 79  ? 2.402   9.386   -2.113  1.00 48.51  ? 77  ILE A CB  1 
ATOM   567  C CG1 . ILE A 1 79  ? 1.808   7.998   -1.802  1.00 45.62  ? 77  ILE A CG1 1 
ATOM   568  C CG2 . ILE A 1 79  ? 1.321   10.481  -2.118  1.00 48.15  ? 77  ILE A CG2 1 
ATOM   569  C CD1 . ILE A 1 79  ? 1.587   7.732   -0.457  1.00 50.41  ? 77  ILE A CD1 1 
ATOM   570  N N   . ASP A 1 80  ? 3.909   11.422  -4.129  1.00 51.82  ? 78  ASP A N   1 
ATOM   571  C CA  . ASP A 1 80  ? 4.037   12.620  -4.964  1.00 53.21  ? 78  ASP A CA  1 
ATOM   572  C C   . ASP A 1 80  ? 4.046   12.182  -6.394  1.00 54.05  ? 78  ASP A C   1 
ATOM   573  O O   . ASP A 1 80  ? 3.568   12.913  -7.254  1.00 57.67  ? 78  ASP A O   1 
ATOM   574  C CB  . ASP A 1 80  ? 5.337   13.404  -4.696  1.00 54.79  ? 78  ASP A CB  1 
ATOM   575  C CG  . ASP A 1 80  ? 5.278   14.332  -3.401  1.00 55.89  ? 78  ASP A CG  1 
ATOM   576  O OD1 . ASP A 1 80  ? 6.360   14.799  -2.871  1.00 58.57  ? 78  ASP A OD1 1 
ATOM   577  O OD2 . ASP A 1 80  ? 4.133   14.596  -2.925  1.00 65.11  ? 78  ASP A OD2 1 
ATOM   578  N N   . LEU A 1 81  ? 4.538   11.000  -6.713  1.00 53.55  ? 79  LEU A N   1 
ATOM   579  C CA  . LEU A 1 81  ? 4.617   10.669  -8.131  1.00 53.62  ? 79  LEU A CA  1 
ATOM   580  C C   . LEU A 1 81  ? 3.271   10.135  -8.540  1.00 55.27  ? 79  LEU A C   1 
ATOM   581  O O   . LEU A 1 81  ? 2.860   10.285  -9.690  1.00 56.05  ? 79  LEU A O   1 
ATOM   582  C CB  . LEU A 1 81  ? 5.650   9.546   -8.411  1.00 53.52  ? 79  LEU A CB  1 
ATOM   583  C CG  . LEU A 1 81  ? 7.161   9.836   -8.503  1.00 54.24  ? 79  LEU A CG  1 
ATOM   584  C CD1 . LEU A 1 81  ? 8.002   8.504   -8.743  1.00 52.04  ? 79  LEU A CD1 1 
ATOM   585  C CD2 . LEU A 1 81  ? 7.412   10.836  -9.580  1.00 50.69  ? 79  LEU A CD2 1 
ATOM   586  N N   . PHE A 1 82  ? 2.620   9.376   -7.645  1.00 55.82  ? 80  PHE A N   1 
ATOM   587  C CA  . PHE A 1 82  ? 1.274   8.910   -7.896  1.00 56.94  ? 80  PHE A CA  1 
ATOM   588  C C   . PHE A 1 82  ? 0.354   10.135  -8.255  1.00 58.73  ? 80  PHE A C   1 
ATOM   589  O O   . PHE A 1 82  ? -0.374  10.116  -9.258  1.00 58.31  ? 80  PHE A O   1 
ATOM   590  C CB  . PHE A 1 82  ? 0.762   8.279   -6.614  1.00 56.51  ? 80  PHE A CB  1 
ATOM   591  C CG  . PHE A 1 82  ? 1.163   6.859   -6.431  1.00 54.34  ? 80  PHE A CG  1 
ATOM   592  C CD1 . PHE A 1 82  ? 2.146   6.299   -7.188  1.00 53.99  ? 80  PHE A CD1 1 
ATOM   593  C CD2 . PHE A 1 82  ? 0.581   6.101   -5.437  1.00 52.32  ? 80  PHE A CD2 1 
ATOM   594  C CE1 . PHE A 1 82  ? 2.541   4.960   -6.976  1.00 55.24  ? 80  PHE A CE1 1 
ATOM   595  C CE2 . PHE A 1 82  ? 0.927   4.789   -5.262  1.00 46.05  ? 80  PHE A CE2 1 
ATOM   596  C CZ  . PHE A 1 82  ? 1.933   4.227   -6.031  1.00 53.04  ? 80  PHE A CZ  1 
ATOM   597  N N   . LYS A 1 83  ? 0.500   11.203  -7.451  1.00 59.29  ? 81  LYS A N   1 
ATOM   598  C CA  . LYS A 1 83  ? -0.205  12.446  -7.568  1.00 61.16  ? 81  LYS A CA  1 
ATOM   599  C C   . LYS A 1 83  ? -0.010  13.013  -8.911  1.00 64.05  ? 81  LYS A C   1 
ATOM   600  O O   . LYS A 1 83  ? -0.671  14.001  -9.313  1.00 65.25  ? 81  LYS A O   1 
ATOM   601  C CB  . LYS A 1 83  ? 0.320   13.465  -6.592  1.00 59.32  ? 81  LYS A CB  1 
ATOM   602  C CG  . LYS A 1 83  ? -0.494  13.525  -5.439  1.00 57.37  ? 81  LYS A CG  1 
ATOM   603  C CD  . LYS A 1 83  ? -0.155  14.779  -4.741  1.00 56.49  ? 81  LYS A CD  1 
ATOM   604  C CE  . LYS A 1 83  ? 0.491   14.472  -3.498  1.00 58.47  ? 81  LYS A CE  1 
ATOM   605  N NZ  . LYS A 1 83  ? 0.697   15.757  -2.841  1.00 62.20  ? 81  LYS A NZ  1 
ATOM   606  N N   . GLN A 1 84  ? 0.869   12.416  -9.669  1.00 66.73  ? 82  GLN A N   1 
ATOM   607  C CA  . GLN A 1 84  ? 1.229   13.169  -10.817 1.00 69.30  ? 82  GLN A CA  1 
ATOM   608  C C   . GLN A 1 84  ? 1.234   12.286  -12.080 1.00 70.90  ? 82  GLN A C   1 
ATOM   609  O O   . GLN A 1 84  ? 1.351   12.794  -13.210 1.00 73.67  ? 82  GLN A O   1 
ATOM   610  C CB  . GLN A 1 84  ? 2.534   13.945  -10.456 1.00 69.19  ? 82  GLN A CB  1 
ATOM   611  C CG  . GLN A 1 84  ? 3.138   14.707  -11.584 1.00 69.44  ? 82  GLN A CG  1 
ATOM   612  C CD  . GLN A 1 84  ? 2.691   16.145  -11.667 1.00 68.03  ? 82  GLN A CD  1 
ATOM   613  O OE1 . GLN A 1 84  ? 2.723   16.899  -10.666 1.00 63.19  ? 82  GLN A OE1 1 
ATOM   614  N NE2 . GLN A 1 84  ? 2.300   16.550  -12.880 1.00 63.29  ? 82  GLN A NE2 1 
ATOM   615  N N   . HIS A 1 85  ? 1.038   10.988  -11.910 1.00 71.07  ? 83  HIS A N   1 
ATOM   616  C CA  . HIS A 1 85  ? 1.218   10.046  -12.997 1.00 72.01  ? 83  HIS A CA  1 
ATOM   617  C C   . HIS A 1 85  ? -0.145  9.360   -13.035 1.00 72.17  ? 83  HIS A C   1 
ATOM   618  O O   . HIS A 1 85  ? -0.713  9.016   -14.120 1.00 73.84  ? 83  HIS A O   1 
ATOM   619  C CB  . HIS A 1 85  ? 2.204   9.037   -12.500 1.00 72.70  ? 83  HIS A CB  1 
ATOM   620  C CG  . HIS A 1 85  ? 3.251   8.644   -13.462 1.00 79.03  ? 83  HIS A CG  1 
ATOM   621  N ND1 . HIS A 1 85  ? 3.012   7.768   -14.506 1.00 85.08  ? 83  HIS A ND1 1 
ATOM   622  C CD2 . HIS A 1 85  ? 4.590   8.893   -13.473 1.00 84.65  ? 83  HIS A CD2 1 
ATOM   623  C CE1 . HIS A 1 85  ? 4.153   7.535   -15.151 1.00 87.20  ? 83  HIS A CE1 1 
ATOM   624  N NE2 . HIS A 1 85  ? 5.129   8.192   -14.539 1.00 84.36  ? 83  HIS A NE2 1 
ATOM   625  N N   . PHE A 1 86  ? -0.711  9.195   -11.832 1.00 70.59  ? 84  PHE A N   1 
ATOM   626  C CA  . PHE A 1 86  ? -1.791  8.228   -11.624 1.00 68.63  ? 84  PHE A CA  1 
ATOM   627  C C   . PHE A 1 86  ? -3.055  8.810   -11.053 1.00 68.45  ? 84  PHE A C   1 
ATOM   628  O O   . PHE A 1 86  ? -3.814  8.048   -10.484 1.00 68.90  ? 84  PHE A O   1 
ATOM   629  C CB  . PHE A 1 86  ? -1.329  7.086   -10.687 1.00 67.83  ? 84  PHE A CB  1 
ATOM   630  C CG  . PHE A 1 86  ? -0.410  6.079   -11.340 1.00 64.05  ? 84  PHE A CG  1 
ATOM   631  C CD1 . PHE A 1 86  ? 0.824   5.788   -10.763 1.00 56.03  ? 84  PHE A CD1 1 
ATOM   632  C CD2 . PHE A 1 86  ? -0.779  5.434   -12.532 1.00 61.59  ? 84  PHE A CD2 1 
ATOM   633  C CE1 . PHE A 1 86  ? 1.650   4.885   -11.360 1.00 55.81  ? 84  PHE A CE1 1 
ATOM   634  C CE2 . PHE A 1 86  ? 0.105   4.505   -13.197 1.00 59.41  ? 84  PHE A CE2 1 
ATOM   635  C CZ  . PHE A 1 86  ? 1.303   4.220   -12.606 1.00 58.93  ? 84  PHE A CZ  1 
ATOM   636  N N   . GLN A 1 87  ? -3.277  10.114  -11.155 1.00 67.94  ? 85  GLN A N   1 
ATOM   637  C CA  . GLN A 1 87  ? -4.475  10.677  -10.598 1.00 69.76  ? 85  GLN A CA  1 
ATOM   638  C C   . GLN A 1 87  ? -5.839  10.040  -11.080 1.00 70.70  ? 85  GLN A C   1 
ATOM   639  O O   . GLN A 1 87  ? -6.842  10.074  -10.290 1.00 70.46  ? 85  GLN A O   1 
ATOM   640  C CB  . GLN A 1 87  ? -4.458  12.197  -10.703 1.00 70.13  ? 85  GLN A CB  1 
ATOM   641  C CG  . GLN A 1 87  ? -3.567  12.844  -9.563  1.00 75.17  ? 85  GLN A CG  1 
ATOM   642  C CD  . GLN A 1 87  ? -4.342  13.728  -8.544  1.00 76.31  ? 85  GLN A CD  1 
ATOM   643  O OE1 . GLN A 1 87  ? -5.287  14.397  -8.965  1.00 79.03  ? 85  GLN A OE1 1 
ATOM   644  N NE2 . GLN A 1 87  ? -3.925  13.763  -7.233  1.00 71.91  ? 85  GLN A NE2 1 
ATOM   645  N N   . PRO A 1 88  ? -5.920  9.474   -12.359 1.00 70.41  ? 86  PRO A N   1 
ATOM   646  C CA  . PRO A 1 88  ? -7.074  8.552   -12.550 1.00 70.23  ? 86  PRO A CA  1 
ATOM   647  C C   . PRO A 1 88  ? -7.528  7.747   -11.216 1.00 69.97  ? 86  PRO A C   1 
ATOM   648  O O   . PRO A 1 88  ? -8.741  7.679   -10.862 1.00 69.46  ? 86  PRO A O   1 
ATOM   649  C CB  . PRO A 1 88  ? -6.613  7.689   -13.763 1.00 70.24  ? 86  PRO A CB  1 
ATOM   650  C CG  . PRO A 1 88  ? -5.899  8.706   -14.633 1.00 69.62  ? 86  PRO A CG  1 
ATOM   651  C CD  . PRO A 1 88  ? -5.159  9.619   -13.630 1.00 69.55  ? 86  PRO A CD  1 
ATOM   652  N N   . MET A 1 89  ? -6.563  7.129   -10.588 1.00 69.13  ? 87  MET A N   1 
ATOM   653  C CA  . MET A 1 89  ? -6.817  6.214   -9.525  1.00 66.88  ? 87  MET A CA  1 
ATOM   654  C C   . MET A 1 89  ? -6.802  6.817   -8.188  1.00 65.71  ? 87  MET A C   1 
ATOM   655  O O   . MET A 1 89  ? -6.795  6.132   -7.220  1.00 65.82  ? 87  MET A O   1 
ATOM   656  C CB  . MET A 1 89  ? -5.754  5.162   -9.558  1.00 66.95  ? 87  MET A CB  1 
ATOM   657  C CG  . MET A 1 89  ? -5.418  4.752   -10.934 1.00 69.30  ? 87  MET A CG  1 
ATOM   658  S SD  . MET A 1 89  ? -6.577  3.534   -11.408 1.00 76.51  ? 87  MET A SD  1 
ATOM   659  C CE  . MET A 1 89  ? -8.069  4.462   -11.203 1.00 75.09  ? 87  MET A CE  1 
ATOM   660  N N   . LYS A 1 90  ? -6.860  8.101   -8.071  1.00 64.50  ? 88  LYS A N   1 
ATOM   661  C CA  . LYS A 1 90  ? -6.650  8.536   -6.760  1.00 65.25  ? 88  LYS A CA  1 
ATOM   662  C C   . LYS A 1 90  ? -7.637  7.861   -5.905  1.00 67.57  ? 88  LYS A C   1 
ATOM   663  O O   . LYS A 1 90  ? -7.289  7.469   -4.846  1.00 69.98  ? 88  LYS A O   1 
ATOM   664  C CB  . LYS A 1 90  ? -6.821  10.030  -6.626  1.00 65.16  ? 88  LYS A CB  1 
ATOM   665  C CG  . LYS A 1 90  ? -6.690  10.465  -5.222  1.00 65.43  ? 88  LYS A CG  1 
ATOM   666  C CD  . LYS A 1 90  ? -7.014  11.891  -5.084  1.00 70.42  ? 88  LYS A CD  1 
ATOM   667  C CE  . LYS A 1 90  ? -6.439  12.425  -3.792  1.00 75.63  ? 88  LYS A CE  1 
ATOM   668  N NZ  . LYS A 1 90  ? -6.563  13.900  -3.625  1.00 74.11  ? 88  LYS A NZ  1 
ATOM   669  N N   . ASN A 1 91  ? -8.867  7.708   -6.317  1.00 68.52  ? 89  ASN A N   1 
ATOM   670  C CA  . ASN A 1 91  ? -9.828  7.048   -5.440  1.00 71.28  ? 89  ASN A CA  1 
ATOM   671  C C   . ASN A 1 91  ? -10.294 5.666   -5.782  1.00 70.81  ? 89  ASN A C   1 
ATOM   672  O O   . ASN A 1 91  ? -11.229 5.207   -5.216  1.00 69.51  ? 89  ASN A O   1 
ATOM   673  C CB  . ASN A 1 91  ? -10.987 7.941   -5.071  1.00 71.07  ? 89  ASN A CB  1 
ATOM   674  C CG  . ASN A 1 91  ? -11.249 8.979   -6.087  1.00 74.53  ? 89  ASN A CG  1 
ATOM   675  O OD1 . ASN A 1 91  ? -11.530 10.111  -5.747  1.00 75.55  ? 89  ASN A OD1 1 
ATOM   676  N ND2 . ASN A 1 91  ? -11.161 8.612   -7.349  1.00 74.78  ? 89  ASN A ND2 1 
ATOM   677  N N   . LYS A 1 92  ? -9.644  5.005   -6.716  1.00 72.00  ? 90  LYS A N   1 
ATOM   678  C CA  . LYS A 1 92  ? -9.945  3.595   -7.001  1.00 72.64  ? 90  LYS A CA  1 
ATOM   679  C C   . LYS A 1 92  ? -8.972  2.774   -6.125  1.00 72.67  ? 90  LYS A C   1 
ATOM   680  O O   . LYS A 1 92  ? -9.003  1.515   -6.115  1.00 73.43  ? 90  LYS A O   1 
ATOM   681  C CB  . LYS A 1 92  ? -9.704  3.239   -8.495  1.00 73.73  ? 90  LYS A CB  1 
ATOM   682  C CG  . LYS A 1 92  ? -10.526 2.037   -9.092  1.00 76.97  ? 90  LYS A CG  1 
ATOM   683  C CD  . LYS A 1 92  ? -12.060 2.450   -9.378  1.00 81.67  ? 90  LYS A CD  1 
ATOM   684  C CE  . LYS A 1 92  ? -13.067 1.235   -9.676  1.00 81.48  ? 90  LYS A CE  1 
ATOM   685  N NZ  . LYS A 1 92  ? -14.621 1.509   -9.775  1.00 80.95  ? 90  LYS A NZ  1 
ATOM   686  N N   . SER A 1 93  ? -8.080  3.454   -5.396  1.00 71.11  ? 91  SER A N   1 
ATOM   687  C CA  . SER A 1 93  ? -7.222  2.729   -4.403  1.00 69.36  ? 91  SER A CA  1 
ATOM   688  C C   . SER A 1 93  ? -7.315  3.150   -2.918  1.00 65.83  ? 91  SER A C   1 
ATOM   689  O O   . SER A 1 93  ? -7.548  4.402   -2.569  1.00 65.29  ? 91  SER A O   1 
ATOM   690  C CB  . SER A 1 93  ? -5.725  2.580   -4.854  1.00 71.03  ? 91  SER A CB  1 
ATOM   691  O OG  . SER A 1 93  ? -5.210  3.773   -5.508  1.00 69.74  ? 91  SER A OG  1 
ATOM   692  N N   . ILE A 1 94  ? -6.976  2.141   -2.107  1.00 60.22  ? 92  ILE A N   1 
ATOM   693  C CA  . ILE A 1 94  ? -6.781  2.238   -0.684  1.00 56.50  ? 92  ILE A CA  1 
ATOM   694  C C   . ILE A 1 94  ? -5.300  2.012   -0.406  1.00 53.73  ? 92  ILE A C   1 
ATOM   695  O O   . ILE A 1 94  ? -4.763  0.980   -0.683  1.00 53.56  ? 92  ILE A O   1 
ATOM   696  C CB  . ILE A 1 94  ? -7.561  1.215   0.051   1.00 57.25  ? 92  ILE A CB  1 
ATOM   697  C CG1 . ILE A 1 94  ? -9.031  1.398   -0.231  1.00 55.82  ? 92  ILE A CG1 1 
ATOM   698  C CG2 . ILE A 1 94  ? -7.396  1.443   1.512   1.00 56.85  ? 92  ILE A CG2 1 
ATOM   699  C CD1 . ILE A 1 94  ? -9.577  2.551   0.475   1.00 49.97  ? 92  ILE A CD1 1 
ATOM   700  N N   . VAL A 1 95  ? -4.689  3.024   0.173   1.00 49.09  ? 93  VAL A N   1 
ATOM   701  C CA  . VAL A 1 95  ? -3.297  3.194   0.468   1.00 48.48  ? 93  VAL A CA  1 
ATOM   702  C C   . VAL A 1 95  ? -2.939  3.259   1.908   1.00 46.69  ? 93  VAL A C   1 
ATOM   703  O O   . VAL A 1 95  ? -3.309  4.200   2.658   1.00 46.83  ? 93  VAL A O   1 
ATOM   704  C CB  . VAL A 1 95  ? -2.583  4.436   -0.295  1.00 49.76  ? 93  VAL A CB  1 
ATOM   705  C CG1 . VAL A 1 95  ? -1.074  4.285   -0.299  1.00 46.32  ? 93  VAL A CG1 1 
ATOM   706  C CG2 . VAL A 1 95  ? -3.066  4.522   -1.772  1.00 46.48  ? 93  VAL A CG2 1 
ATOM   707  N N   . CYS A 1 96  ? -2.111  2.262   2.252   1.00 43.25  ? 94  CYS A N   1 
ATOM   708  C CA  . CYS A 1 96  ? -1.526  2.155   3.608   1.00 41.45  ? 94  CYS A CA  1 
ATOM   709  C C   . CYS A 1 96  ? -0.015  2.374   3.546   1.00 39.48  ? 94  CYS A C   1 
ATOM   710  O O   . CYS A 1 96  ? 0.700   1.625   2.850   1.00 40.48  ? 94  CYS A O   1 
ATOM   711  C CB  . CYS A 1 96  ? -1.795  0.736   4.083   1.00 39.71  ? 94  CYS A CB  1 
ATOM   712  S SG  . CYS A 1 96  ? -1.371  0.527   5.824   1.00 37.59  ? 94  CYS A SG  1 
ATOM   713  N N   . LEU A 1 97  ? 0.465   3.291   4.366   1.00 38.50  ? 95  LEU A N   1 
ATOM   714  C CA  . LEU A 1 97  ? 1.858   3.614   4.549   1.00 37.63  ? 95  LEU A CA  1 
ATOM   715  C C   . LEU A 1 97  ? 2.384   2.962   5.819   1.00 36.92  ? 95  LEU A C   1 
ATOM   716  O O   . LEU A 1 97  ? 1.689   2.867   6.767   1.00 40.26  ? 95  LEU A O   1 
ATOM   717  C CB  . LEU A 1 97  ? 1.995   5.102   4.699   1.00 36.19  ? 95  LEU A CB  1 
ATOM   718  C CG  . LEU A 1 97  ? 2.669   5.766   3.549   1.00 40.92  ? 95  LEU A CG  1 
ATOM   719  C CD1 . LEU A 1 97  ? 1.985   5.376   2.327   1.00 48.77  ? 95  LEU A CD1 1 
ATOM   720  C CD2 . LEU A 1 97  ? 2.571   7.199   3.766   1.00 40.95  ? 95  LEU A CD2 1 
ATOM   721  N N   . LEU A 1 98  ? 3.619   2.506   5.840   1.00 35.82  ? 96  LEU A N   1 
ATOM   722  C CA  . LEU A 1 98  ? 4.111   1.821   7.034   1.00 35.43  ? 96  LEU A CA  1 
ATOM   723  C C   . LEU A 1 98  ? 5.447   2.407   7.443   1.00 35.84  ? 96  LEU A C   1 
ATOM   724  O O   . LEU A 1 98  ? 6.264   2.836   6.567   1.00 38.35  ? 96  LEU A O   1 
ATOM   725  C CB  . LEU A 1 98  ? 4.322   0.323   6.656   1.00 33.32  ? 96  LEU A CB  1 
ATOM   726  C CG  . LEU A 1 98  ? 2.963   -0.388  6.608   1.00 35.58  ? 96  LEU A CG  1 
ATOM   727  C CD1 . LEU A 1 98  ? 2.629   -0.448  5.169   1.00 38.44  ? 96  LEU A CD1 1 
ATOM   728  C CD2 . LEU A 1 98  ? 3.094   -1.798  7.010   1.00 37.73  ? 96  LEU A CD2 1 
ATOM   729  N N   . SER A 1 99  ? 5.798   2.363   8.723   1.00 36.51  ? 97  SER A N   1 
ATOM   730  C CA  . SER A 1 99  ? 7.083   2.904   9.065   1.00 36.69  ? 97  SER A CA  1 
ATOM   731  C C   . SER A 1 99  ? 7.424   2.132   10.272  1.00 37.27  ? 97  SER A C   1 
ATOM   732  O O   . SER A 1 99  ? 6.576   1.862   11.147  1.00 39.60  ? 97  SER A O   1 
ATOM   733  C CB  . SER A 1 99  ? 6.814   4.346   9.308   1.00 36.56  ? 97  SER A CB  1 
ATOM   734  O OG  . SER A 1 99  ? 7.895   4.912   9.934   1.00 41.95  ? 97  SER A OG  1 
ATOM   735  N N   . SER A 1 100 ? 8.609   1.623   10.316  1.00 38.94  ? 98  SER A N   1 
ATOM   736  C CA  . SER A 1 100 ? 8.954   0.895   11.514  1.00 42.54  ? 98  SER A CA  1 
ATOM   737  C C   . SER A 1 100 ? 8.627   1.640   12.762  1.00 45.62  ? 98  SER A C   1 
ATOM   738  O O   . SER A 1 100 ? 7.957   1.156   13.682  1.00 46.82  ? 98  SER A O   1 
ATOM   739  C CB  . SER A 1 100 ? 10.431  0.762   11.490  1.00 41.10  ? 98  SER A CB  1 
ATOM   740  O OG  . SER A 1 100 ? 10.683  -0.624  11.236  1.00 51.96  ? 98  SER A OG  1 
ATOM   741  N N   . SER A 1 101 ? 9.156   2.870   12.803  1.00 48.62  ? 99  SER A N   1 
ATOM   742  C CA  . SER A 1 101 ? 8.902   3.712   13.901  1.00 49.44  ? 99  SER A CA  1 
ATOM   743  C C   . SER A 1 101 ? 7.878   4.785   13.621  1.00 49.49  ? 99  SER A C   1 
ATOM   744  O O   . SER A 1 101 ? 7.922   5.504   12.629  1.00 49.03  ? 99  SER A O   1 
ATOM   745  C CB  . SER A 1 101 ? 10.175  4.391   14.313  1.00 49.97  ? 99  SER A CB  1 
ATOM   746  O OG  . SER A 1 101 ? 9.788   5.073   15.475  1.00 50.92  ? 99  SER A OG  1 
ATOM   747  N N   . LEU A 1 102 ? 6.946   4.920   14.518  1.00 50.38  ? 100 LEU A N   1 
ATOM   748  C CA  . LEU A 1 102 ? 5.799   5.711   14.128  1.00 52.30  ? 100 LEU A CA  1 
ATOM   749  C C   . LEU A 1 102 ? 6.113   7.193   14.401  1.00 55.58  ? 100 LEU A C   1 
ATOM   750  O O   . LEU A 1 102 ? 6.671   7.592   15.425  1.00 56.12  ? 100 LEU A O   1 
ATOM   751  C CB  . LEU A 1 102 ? 4.601   5.192   14.921  1.00 51.44  ? 100 LEU A CB  1 
ATOM   752  C CG  . LEU A 1 102 ? 3.365   4.767   14.127  1.00 50.19  ? 100 LEU A CG  1 
ATOM   753  C CD1 . LEU A 1 102 ? 3.724   3.957   12.928  1.00 38.47  ? 100 LEU A CD1 1 
ATOM   754  C CD2 . LEU A 1 102 ? 2.279   4.068   14.979  1.00 48.77  ? 100 LEU A CD2 1 
ATOM   755  N N   . ASP A 1 103 ? 5.785   8.074   13.504  1.00 60.42  ? 101 ASP A N   1 
ATOM   756  C CA  . ASP A 1 103 ? 6.006   9.467   13.932  1.00 63.53  ? 101 ASP A CA  1 
ATOM   757  C C   . ASP A 1 103 ? 4.796   10.428  13.703  1.00 64.13  ? 101 ASP A C   1 
ATOM   758  O O   . ASP A 1 103 ? 4.114   10.355  12.684  1.00 62.54  ? 101 ASP A O   1 
ATOM   759  C CB  . ASP A 1 103 ? 7.366   9.989   13.420  1.00 64.00  ? 101 ASP A CB  1 
ATOM   760  C CG  . ASP A 1 103 ? 7.208   11.041  12.367  1.00 69.78  ? 101 ASP A CG  1 
ATOM   761  O OD1 . ASP A 1 103 ? 6.909   12.250  12.693  1.00 73.04  ? 101 ASP A OD1 1 
ATOM   762  O OD2 . ASP A 1 103 ? 7.379   10.646  11.187  1.00 76.60  ? 101 ASP A OD2 1 
ATOM   763  N N   . PRO A 1 104 ? 4.537   11.332  14.679  1.00 67.11  ? 102 PRO A N   1 
ATOM   764  C CA  . PRO A 1 104 ? 3.444   12.318  14.611  1.00 67.27  ? 102 PRO A CA  1 
ATOM   765  C C   . PRO A 1 104 ? 3.376   13.161  13.289  1.00 67.87  ? 102 PRO A C   1 
ATOM   766  O O   . PRO A 1 104 ? 2.251   13.253  12.680  1.00 68.37  ? 102 PRO A O   1 
ATOM   767  C CB  . PRO A 1 104 ? 3.718   13.140  15.846  1.00 67.75  ? 102 PRO A CB  1 
ATOM   768  C CG  . PRO A 1 104 ? 4.306   12.043  16.929  1.00 69.21  ? 102 PRO A CG  1 
ATOM   769  C CD  . PRO A 1 104 ? 5.318   11.471  15.956  1.00 68.43  ? 102 PRO A CD  1 
ATOM   770  N N   . ARG A 1 105 ? 4.527   13.683  12.804  1.00 67.94  ? 103 ARG A N   1 
ATOM   771  C CA  . ARG A 1 105 ? 4.650   14.452  11.515  1.00 68.93  ? 103 ARG A CA  1 
ATOM   772  C C   . ARG A 1 105 ? 3.959   13.692  10.414  1.00 67.74  ? 103 ARG A C   1 
ATOM   773  O O   . ARG A 1 105 ? 2.931   14.124  9.801   1.00 67.62  ? 103 ARG A O   1 
ATOM   774  C CB  . ARG A 1 105 ? 6.147   14.694  11.084  1.00 71.05  ? 103 ARG A CB  1 
ATOM   775  C CG  . ARG A 1 105 ? 6.751   16.189  11.145  1.00 78.12  ? 103 ARG A CG  1 
ATOM   776  C CD  . ARG A 1 105 ? 6.797   16.834  12.632  1.00 87.70  ? 103 ARG A CD  1 
ATOM   777  N NE  . ARG A 1 105 ? 6.777   15.660  13.524  1.00 96.99  ? 103 ARG A NE  1 
ATOM   778  C CZ  . ARG A 1 105 ? 7.819   15.123  14.196  1.00 99.78  ? 103 ARG A CZ  1 
ATOM   779  N NH1 . ARG A 1 105 ? 9.027   15.740  14.217  1.00 98.12  ? 103 ARG A NH1 1 
ATOM   780  N NH2 . ARG A 1 105 ? 7.624   13.975  14.898  1.00 96.69  ? 103 ARG A NH2 1 
ATOM   781  N N   . ASP A 1 106 ? 4.528   12.513  10.181  1.00 66.77  ? 104 ASP A N   1 
ATOM   782  C CA  . ASP A 1 106 ? 3.974   11.592  9.199   1.00 64.38  ? 104 ASP A CA  1 
ATOM   783  C C   . ASP A 1 106 ? 2.525   11.181  9.386   1.00 62.96  ? 104 ASP A C   1 
ATOM   784  O O   . ASP A 1 106 ? 1.822   11.166  8.413   1.00 62.68  ? 104 ASP A O   1 
ATOM   785  C CB  . ASP A 1 106 ? 4.881   10.399  9.112   1.00 64.96  ? 104 ASP A CB  1 
ATOM   786  C CG  . ASP A 1 106 ? 6.150   10.723  8.447   1.00 62.16  ? 104 ASP A CG  1 
ATOM   787  O OD1 . ASP A 1 106 ? 6.137   11.694  7.692   1.00 65.05  ? 104 ASP A OD1 1 
ATOM   788  O OD2 . ASP A 1 106 ? 7.121   10.008  8.668   1.00 60.98  ? 104 ASP A OD2 1 
ATOM   789  N N   . GLN A 1 107 ? 2.061   11.005  10.604  1.00 63.01  ? 105 GLN A N   1 
ATOM   790  C CA  . GLN A 1 107 ? 0.678   10.654  10.806  1.00 65.72  ? 105 GLN A CA  1 
ATOM   791  C C   . GLN A 1 107 ? -0.175  11.758  10.253  1.00 65.10  ? 105 GLN A C   1 
ATOM   792  O O   . GLN A 1 107 ? -1.110  11.524  9.523   1.00 64.72  ? 105 GLN A O   1 
ATOM   793  C CB  . GLN A 1 107 ? 0.425   10.522  12.301  1.00 67.51  ? 105 GLN A CB  1 
ATOM   794  C CG  . GLN A 1 107 ? -0.567  9.440   12.728  1.00 75.21  ? 105 GLN A CG  1 
ATOM   795  C CD  . GLN A 1 107 ? -0.208  8.807   14.081  1.00 86.53  ? 105 GLN A CD  1 
ATOM   796  O OE1 . GLN A 1 107 ? -0.900  7.916   14.559  1.00 90.32  ? 105 GLN A OE1 1 
ATOM   797  N NE2 . GLN A 1 107 ? 0.881   9.264   14.687  1.00 87.14  ? 105 GLN A NE2 1 
ATOM   798  N N   . ALA A 1 108 ? 0.193   12.978  10.568  1.00 64.15  ? 106 ALA A N   1 
ATOM   799  C CA  . ALA A 1 108 ? -0.480  14.180  10.071  1.00 62.94  ? 106 ALA A CA  1 
ATOM   800  C C   . ALA A 1 108 ? -0.505  14.318  8.554   1.00 61.87  ? 106 ALA A C   1 
ATOM   801  O O   . ALA A 1 108 ? -1.565  14.605  8.031   1.00 62.68  ? 106 ALA A O   1 
ATOM   802  C CB  . ALA A 1 108 ? 0.123   15.390  10.721  1.00 63.20  ? 106 ALA A CB  1 
ATOM   803  N N   . LYS A 1 109 ? 0.594   14.071  7.859   1.00 60.35  ? 107 LYS A N   1 
ATOM   804  C CA  . LYS A 1 109 ? 0.606   14.118  6.400   1.00 60.99  ? 107 LYS A CA  1 
ATOM   805  C C   . LYS A 1 109 ? -0.300  13.083  5.767   1.00 61.84  ? 107 LYS A C   1 
ATOM   806  O O   . LYS A 1 109 ? -1.062  13.379  4.876   1.00 62.05  ? 107 LYS A O   1 
ATOM   807  C CB  . LYS A 1 109 ? 2.011   13.879  5.931   1.00 58.89  ? 107 LYS A CB  1 
ATOM   808  C CG  . LYS A 1 109 ? 3.023   14.469  6.847   1.00 58.93  ? 107 LYS A CG  1 
ATOM   809  C CD  . LYS A 1 109 ? 4.394   14.143  6.369   1.00 59.06  ? 107 LYS A CD  1 
ATOM   810  C CE  . LYS A 1 109 ? 4.499   14.295  4.892   1.00 60.29  ? 107 LYS A CE  1 
ATOM   811  N NZ  . LYS A 1 109 ? 5.907   14.365  4.521   1.00 61.75  ? 107 LYS A NZ  1 
ATOM   812  N N   . ALA A 1 110 ? -0.224  11.862  6.253   1.00 62.98  ? 108 ALA A N   1 
ATOM   813  C CA  . ALA A 1 110 ? -1.163  10.780  5.897   1.00 65.14  ? 108 ALA A CA  1 
ATOM   814  C C   . ALA A 1 110 ? -2.659  11.169  5.978   1.00 65.47  ? 108 ALA A C   1 
ATOM   815  O O   . ALA A 1 110 ? -3.505  10.999  5.068   1.00 65.26  ? 108 ALA A O   1 
ATOM   816  C CB  . ALA A 1 110 ? -0.849  9.611   6.855   1.00 65.72  ? 108 ALA A CB  1 
ATOM   817  N N   . GLU A 1 111 ? -3.009  11.727  7.127   1.00 68.46  ? 109 GLU A N   1 
ATOM   818  C CA  . GLU A 1 111 ? -4.401  12.273  7.300   1.00 69.51  ? 109 GLU A CA  1 
ATOM   819  C C   . GLU A 1 111 ? -4.674  13.329  6.292   1.00 68.40  ? 109 GLU A C   1 
ATOM   820  O O   . GLU A 1 111 ? -5.727  13.266  5.658   1.00 68.60  ? 109 GLU A O   1 
ATOM   821  C CB  . GLU A 1 111 ? -4.577  13.001  8.602   1.00 69.57  ? 109 GLU A CB  1 
ATOM   822  C CG  . GLU A 1 111 ? -3.991  12.363  9.804   1.00 70.96  ? 109 GLU A CG  1 
ATOM   823  C CD  . GLU A 1 111 ? -4.948  12.589  10.949  1.00 74.32  ? 109 GLU A CD  1 
ATOM   824  O OE1 . GLU A 1 111 ? -6.161  12.328  10.652  1.00 74.34  ? 109 GLU A OE1 1 
ATOM   825  O OE2 . GLU A 1 111 ? -4.515  13.041  12.069  1.00 71.96  ? 109 GLU A OE2 1 
ATOM   826  N N   . ALA A 1 112 ? -3.722  14.282  6.164   1.00 67.57  ? 110 ALA A N   1 
ATOM   827  C CA  . ALA A 1 112 ? -3.824  15.337  5.111   1.00 68.43  ? 110 ALA A CA  1 
ATOM   828  C C   . ALA A 1 112 ? -4.111  14.609  3.818   1.00 68.85  ? 110 ALA A C   1 
ATOM   829  O O   . ALA A 1 112 ? -5.254  14.539  3.378   1.00 70.30  ? 110 ALA A O   1 
ATOM   830  C CB  . ALA A 1 112 ? -2.518  16.162  4.975   1.00 69.10  ? 110 ALA A CB  1 
ATOM   831  N N   . SER A 1 113 ? -3.082  13.949  3.296   1.00 68.40  ? 111 SER A N   1 
ATOM   832  C CA  . SER A 1 113 ? -3.100  13.420  1.978   1.00 67.79  ? 111 SER A CA  1 
ATOM   833  C C   . SER A 1 113 ? -4.352  12.597  1.687   1.00 67.67  ? 111 SER A C   1 
ATOM   834  O O   . SER A 1 113 ? -4.829  11.778  2.534   1.00 70.83  ? 111 SER A O   1 
ATOM   835  C CB  . SER A 1 113 ? -1.837  12.613  1.783   1.00 67.90  ? 111 SER A CB  1 
ATOM   836  O OG  . SER A 1 113 ? -2.014  11.741  0.711   1.00 68.49  ? 111 SER A OG  1 
ATOM   837  N N   . ASP A 1 114 ? -4.883  12.842  0.502   1.00 65.54  ? 112 ASP A N   1 
ATOM   838  C CA  . ASP A 1 114 ? -6.066  12.192  -0.020  1.00 64.41  ? 112 ASP A CA  1 
ATOM   839  C C   . ASP A 1 114 ? -5.792  10.957  -0.808  1.00 62.07  ? 112 ASP A C   1 
ATOM   840  O O   . ASP A 1 114 ? -6.728  10.212  -1.304  1.00 62.33  ? 112 ASP A O   1 
ATOM   841  C CB  . ASP A 1 114 ? -6.812  13.182  -0.918  1.00 66.80  ? 112 ASP A CB  1 
ATOM   842  C CG  . ASP A 1 114 ? -7.678  14.179  -0.100  1.00 70.50  ? 112 ASP A CG  1 
ATOM   843  O OD1 . ASP A 1 114 ? -7.826  14.059  1.189   1.00 76.91  ? 112 ASP A OD1 1 
ATOM   844  O OD2 . ASP A 1 114 ? -8.168  15.116  -0.760  1.00 74.74  ? 112 ASP A OD2 1 
ATOM   845  N N   . TRP A 1 115 ? -4.486  10.729  -0.960  1.00 59.64  ? 113 TRP A N   1 
ATOM   846  C CA  . TRP A 1 115 ? -3.936  9.479   -1.500  1.00 55.16  ? 113 TRP A CA  1 
ATOM   847  C C   . TRP A 1 115 ? -3.674  8.464   -0.360  1.00 54.77  ? 113 TRP A C   1 
ATOM   848  O O   . TRP A 1 115 ? -3.686  7.290   -0.611  1.00 55.32  ? 113 TRP A O   1 
ATOM   849  C CB  . TRP A 1 115 ? -2.646  9.818   -2.192  1.00 53.06  ? 113 TRP A CB  1 
ATOM   850  C CG  . TRP A 1 115 ? -2.814  10.129  -3.600  1.00 51.31  ? 113 TRP A CG  1 
ATOM   851  C CD1 . TRP A 1 115 ? -2.860  11.400  -4.170  1.00 48.77  ? 113 TRP A CD1 1 
ATOM   852  C CD2 . TRP A 1 115 ? -2.964  9.175   -4.676  1.00 40.76  ? 113 TRP A CD2 1 
ATOM   853  N NE1 . TRP A 1 115 ? -3.033  11.245  -5.529  1.00 50.18  ? 113 TRP A NE1 1 
ATOM   854  C CE2 . TRP A 1 115 ? -3.105  9.901   -5.856  1.00 37.16  ? 113 TRP A CE2 1 
ATOM   855  C CE3 . TRP A 1 115 ? -2.961  7.796   -4.732  1.00 45.24  ? 113 TRP A CE3 1 
ATOM   856  C CZ2 . TRP A 1 115 ? -3.285  9.312   -7.101  1.00 40.79  ? 113 TRP A CZ2 1 
ATOM   857  C CZ3 . TRP A 1 115 ? -3.109  7.184   -5.999  1.00 49.25  ? 113 TRP A CZ3 1 
ATOM   858  C CH2 . TRP A 1 115 ? -3.267  7.956   -7.161  1.00 48.47  ? 113 TRP A CH2 1 
ATOM   859  N N   . VAL A 1 116 ? -3.403  8.913   0.867   1.00 54.12  ? 114 VAL A N   1 
ATOM   860  C CA  . VAL A 1 116 ? -3.138  7.948   1.926   1.00 54.91  ? 114 VAL A CA  1 
ATOM   861  C C   . VAL A 1 116 ? -4.237  7.842   2.968   1.00 55.30  ? 114 VAL A C   1 
ATOM   862  O O   . VAL A 1 116 ? -4.663  8.821   3.652   1.00 55.71  ? 114 VAL A O   1 
ATOM   863  C CB  . VAL A 1 116 ? -1.668  8.003   2.531   1.00 55.48  ? 114 VAL A CB  1 
ATOM   864  C CG1 . VAL A 1 116 ? -1.085  9.418   2.591   1.00 55.21  ? 114 VAL A CG1 1 
ATOM   865  C CG2 . VAL A 1 116 ? -1.592  7.321   3.878   1.00 53.26  ? 114 VAL A CG2 1 
ATOM   866  N N   . ASP A 1 117 ? -4.738  6.623   2.993   1.00 56.11  ? 115 ASP A N   1 
ATOM   867  C CA  . ASP A 1 117 ? -5.838  6.224   3.827   1.00 56.58  ? 115 ASP A CA  1 
ATOM   868  C C   . ASP A 1 117 ? -5.398  5.699   5.148   1.00 56.92  ? 115 ASP A C   1 
ATOM   869  O O   . ASP A 1 117 ? -6.279  5.416   5.911   1.00 58.43  ? 115 ASP A O   1 
ATOM   870  C CB  . ASP A 1 117 ? -6.595  5.092   3.158   1.00 56.66  ? 115 ASP A CB  1 
ATOM   871  C CG  . ASP A 1 117 ? -7.006  5.461   1.808   1.00 57.00  ? 115 ASP A CG  1 
ATOM   872  O OD1 . ASP A 1 117 ? -7.602  6.533   1.663   1.00 69.29  ? 115 ASP A OD1 1 
ATOM   873  O OD2 . ASP A 1 117 ? -6.711  4.780   0.847   1.00 60.00  ? 115 ASP A OD2 1 
ATOM   874  N N   . TYR A 1 118 ? -4.099  5.542   5.455   1.00 55.47  ? 116 TYR A N   1 
ATOM   875  C CA  . TYR A 1 118 ? -3.750  4.931   6.759   1.00 53.89  ? 116 TYR A CA  1 
ATOM   876  C C   . TYR A 1 118 ? -2.253  4.847   6.986   1.00 51.55  ? 116 TYR A C   1 
ATOM   877  O O   . TYR A 1 118 ? -1.470  4.849   6.054   1.00 50.58  ? 116 TYR A O   1 
ATOM   878  C CB  . TYR A 1 118 ? -4.284  3.534   6.709   1.00 56.17  ? 116 TYR A CB  1 
ATOM   879  C CG  . TYR A 1 118 ? -4.890  2.955   7.922   1.00 59.95  ? 116 TYR A CG  1 
ATOM   880  C CD1 . TYR A 1 118 ? -6.033  3.488   8.547   1.00 62.78  ? 116 TYR A CD1 1 
ATOM   881  C CD2 . TYR A 1 118 ? -4.350  1.752   8.414   1.00 64.01  ? 116 TYR A CD2 1 
ATOM   882  C CE1 . TYR A 1 118 ? -6.560  2.821   9.728   1.00 67.42  ? 116 TYR A CE1 1 
ATOM   883  C CE2 . TYR A 1 118 ? -4.867  1.081   9.516   1.00 62.32  ? 116 TYR A CE2 1 
ATOM   884  C CZ  . TYR A 1 118 ? -5.950  1.595   10.168  1.00 63.62  ? 116 TYR A CZ  1 
ATOM   885  O OH  . TYR A 1 118 ? -6.313  0.785   11.211  1.00 62.43  ? 116 TYR A OH  1 
ATOM   886  N N   . TYR A 1 119 ? -1.826  4.755   8.225   1.00 48.97  ? 117 TYR A N   1 
ATOM   887  C CA  . TYR A 1 119 ? -0.422  4.900   8.479   1.00 47.43  ? 117 TYR A CA  1 
ATOM   888  C C   . TYR A 1 119 ? -0.195  4.009   9.628   1.00 46.77  ? 117 TYR A C   1 
ATOM   889  O O   . TYR A 1 119 ? -0.792  4.280   10.625  1.00 47.96  ? 117 TYR A O   1 
ATOM   890  C CB  . TYR A 1 119 ? -0.150  6.322   8.890   1.00 46.93  ? 117 TYR A CB  1 
ATOM   891  C CG  . TYR A 1 119 ? 1.251   6.590   9.342   1.00 49.98  ? 117 TYR A CG  1 
ATOM   892  C CD1 . TYR A 1 119 ? 2.373   6.617   8.442   1.00 52.95  ? 117 TYR A CD1 1 
ATOM   893  C CD2 . TYR A 1 119 ? 1.494   6.844   10.667  1.00 46.81  ? 117 TYR A CD2 1 
ATOM   894  C CE1 . TYR A 1 119 ? 3.711   6.854   8.973   1.00 49.06  ? 117 TYR A CE1 1 
ATOM   895  C CE2 . TYR A 1 119 ? 2.750   7.089   11.147  1.00 45.05  ? 117 TYR A CE2 1 
ATOM   896  C CZ  . TYR A 1 119 ? 3.826   7.082   10.329  1.00 46.88  ? 117 TYR A CZ  1 
ATOM   897  O OH  . TYR A 1 119 ? 4.977   7.372   11.000  1.00 51.39  ? 117 TYR A OH  1 
ATOM   898  N N   . VAL A 1 120 ? 0.586   2.901   9.513   1.00 45.81  ? 118 VAL A N   1 
ATOM   899  C CA  . VAL A 1 120 ? 0.850   2.082   10.722  1.00 41.40  ? 118 VAL A CA  1 
ATOM   900  C C   . VAL A 1 120 ? 2.321   1.638   10.903  1.00 40.37  ? 118 VAL A C   1 
ATOM   901  O O   . VAL A 1 120 ? 3.153   1.915   10.011  1.00 40.04  ? 118 VAL A O   1 
ATOM   902  C CB  . VAL A 1 120 ? -0.198  0.919   10.834  1.00 43.83  ? 118 VAL A CB  1 
ATOM   903  C CG1 . VAL A 1 120 ? -1.585  1.476   11.349  1.00 40.51  ? 118 VAL A CG1 1 
ATOM   904  C CG2 . VAL A 1 120 ? -0.360  0.008   9.517   1.00 39.27  ? 118 VAL A CG2 1 
ATOM   905  N N   . SER A 1 121 ? 2.647   0.954   12.023  1.00 37.06  ? 119 SER A N   1 
ATOM   906  C CA  . SER A 1 121 ? 3.955   0.399   12.212  1.00 35.23  ? 119 SER A CA  1 
ATOM   907  C C   . SER A 1 121 ? 4.043   -0.904  11.431  1.00 35.53  ? 119 SER A C   1 
ATOM   908  O O   . SER A 1 121 ? 3.021   -1.305  10.753  1.00 34.41  ? 119 SER A O   1 
ATOM   909  C CB  . SER A 1 121 ? 4.196   0.079   13.634  1.00 33.09  ? 119 SER A CB  1 
ATOM   910  O OG  . SER A 1 121 ? 5.571   -0.205  13.600  1.00 33.93  ? 119 SER A OG  1 
ATOM   911  N N   . LYS A 1 122 ? 5.176   -1.602  11.548  1.00 34.53  ? 120 LYS A N   1 
ATOM   912  C CA  . LYS A 1 122 ? 5.344   -2.866  10.794  1.00 37.08  ? 120 LYS A CA  1 
ATOM   913  C C   . LYS A 1 122 ? 5.511   -4.141  11.631  1.00 37.59  ? 120 LYS A C   1 
ATOM   914  O O   . LYS A 1 122 ? 6.196   -4.109  12.694  1.00 38.95  ? 120 LYS A O   1 
ATOM   915  C CB  . LYS A 1 122 ? 6.607   -2.826  9.981   1.00 35.68  ? 120 LYS A CB  1 
ATOM   916  C CG  . LYS A 1 122 ? 6.567   -2.116  8.641   1.00 42.81  ? 120 LYS A CG  1 
ATOM   917  C CD  . LYS A 1 122 ? 7.970   -2.085  8.156   1.00 46.60  ? 120 LYS A CD  1 
ATOM   918  C CE  . LYS A 1 122 ? 8.406   -0.725  7.914   1.00 46.35  ? 120 LYS A CE  1 
ATOM   919  N NZ  . LYS A 1 122 ? 9.386   -0.838  6.771   1.00 46.93  ? 120 LYS A NZ  1 
ATOM   920  N N   . PRO A 1 123 ? 5.050   -5.326  11.109  1.00 37.07  ? 121 PRO A N   1 
ATOM   921  C CA  . PRO A 1 123 ? 4.323   -5.692  9.872   1.00 36.23  ? 121 PRO A CA  1 
ATOM   922  C C   . PRO A 1 123 ? 2.872   -5.333  10.111  1.00 36.87  ? 121 PRO A C   1 
ATOM   923  O O   . PRO A 1 123 ? 2.554   -4.925  11.210  1.00 37.72  ? 121 PRO A O   1 
ATOM   924  C CB  . PRO A 1 123 ? 4.500   -7.237  9.807   1.00 35.40  ? 121 PRO A CB  1 
ATOM   925  C CG  . PRO A 1 123 ? 4.522   -7.606  11.333  1.00 35.98  ? 121 PRO A CG  1 
ATOM   926  C CD  . PRO A 1 123 ? 5.387   -6.510  11.934  1.00 34.94  ? 121 PRO A CD  1 
ATOM   927  N N   . LEU A 1 124 ? 2.006   -5.429  9.080   1.00 38.34  ? 122 LEU A N   1 
ATOM   928  C CA  . LEU A 1 124 ? 0.526   -5.439  9.204   1.00 38.49  ? 122 LEU A CA  1 
ATOM   929  C C   . LEU A 1 124 ? -0.032  -6.239  10.429  1.00 39.50  ? 122 LEU A C   1 
ATOM   930  O O   . LEU A 1 124 ? 0.529   -7.242  10.777  1.00 37.44  ? 122 LEU A O   1 
ATOM   931  C CB  . LEU A 1 124 ? -0.074  -5.995  7.854   1.00 37.79  ? 122 LEU A CB  1 
ATOM   932  C CG  . LEU A 1 124 ? 0.336   -4.936  6.797   1.00 36.52  ? 122 LEU A CG  1 
ATOM   933  C CD1 . LEU A 1 124 ? 0.148   -5.348  5.373   1.00 31.98  ? 122 LEU A CD1 1 
ATOM   934  C CD2 . LEU A 1 124 ? -0.425  -3.628  7.047   1.00 29.43  ? 122 LEU A CD2 1 
ATOM   935  N N   . THR A 1 125 ? -1.098  -5.742  11.125  1.00 41.05  ? 123 THR A N   1 
ATOM   936  C CA  . THR A 1 125 ? -1.761  -6.534  12.110  1.00 39.63  ? 123 THR A CA  1 
ATOM   937  C C   . THR A 1 125 ? -3.113  -6.935  11.600  1.00 41.05  ? 123 THR A C   1 
ATOM   938  O O   . THR A 1 125 ? -3.558  -6.510  10.520  1.00 41.77  ? 123 THR A O   1 
ATOM   939  C CB  . THR A 1 125 ? -1.968  -5.742  13.346  1.00 40.91  ? 123 THR A CB  1 
ATOM   940  O OG1 . THR A 1 125 ? -2.911  -4.729  13.092  1.00 41.25  ? 123 THR A OG1 1 
ATOM   941  C CG2 . THR A 1 125 ? -0.600  -5.209  13.968  1.00 37.27  ? 123 THR A CG2 1 
ATOM   942  N N   . ALA A 1 126 ? -3.801  -7.799  12.327  1.00 41.79  ? 124 ALA A N   1 
ATOM   943  C CA  . ALA A 1 126 ? -5.082  -8.216  11.785  1.00 42.30  ? 124 ALA A CA  1 
ATOM   944  C C   . ALA A 1 126 ? -6.079  -7.043  11.890  1.00 42.96  ? 124 ALA A C   1 
ATOM   945  O O   . ALA A 1 126 ? -6.959  -6.863  11.035  1.00 42.27  ? 124 ALA A O   1 
ATOM   946  C CB  . ALA A 1 126 ? -5.605  -9.400  12.513  1.00 41.99  ? 124 ALA A CB  1 
ATOM   947  N N   . ASN A 1 127 ? -5.964  -6.235  12.936  1.00 43.29  ? 125 ASN A N   1 
ATOM   948  C CA  . ASN A 1 127 ? -6.888  -5.159  13.038  1.00 44.26  ? 125 ASN A CA  1 
ATOM   949  C C   . ASN A 1 127 ? -6.727  -4.247  11.844  1.00 45.76  ? 125 ASN A C   1 
ATOM   950  O O   . ASN A 1 127 ? -7.721  -3.885  11.234  1.00 45.73  ? 125 ASN A O   1 
ATOM   951  C CB  . ASN A 1 127 ? -6.590  -4.326  14.217  1.00 44.65  ? 125 ASN A CB  1 
ATOM   952  C CG  . ASN A 1 127 ? -7.737  -3.392  14.534  1.00 48.25  ? 125 ASN A CG  1 
ATOM   953  O OD1 . ASN A 1 127 ? -8.865  -3.836  14.931  1.00 48.73  ? 125 ASN A OD1 1 
ATOM   954  N ND2 . ASN A 1 127 ? -7.467  -2.111  14.401  1.00 44.89  ? 125 ASN A ND2 1 
ATOM   955  N N   . ALA A 1 128 ? -5.475  -3.873  11.521  1.00 46.50  ? 126 ALA A N   1 
ATOM   956  C CA  . ALA A 1 128 ? -5.207  -2.878  10.496  1.00 46.47  ? 126 ALA A CA  1 
ATOM   957  C C   . ALA A 1 128 ? -5.695  -3.449  9.196   1.00 47.77  ? 126 ALA A C   1 
ATOM   958  O O   . ALA A 1 128 ? -6.207  -2.716  8.370   1.00 47.84  ? 126 ALA A O   1 
ATOM   959  C CB  . ALA A 1 128 ? -3.756  -2.673  10.378  1.00 46.41  ? 126 ALA A CB  1 
ATOM   960  N N   . LEU A 1 129 ? -5.461  -4.736  8.935   1.00 48.03  ? 127 LEU A N   1 
ATOM   961  C CA  . LEU A 1 129 ? -5.940  -5.244  7.690   1.00 49.49  ? 127 LEU A CA  1 
ATOM   962  C C   . LEU A 1 129 ? -7.499  -5.164  7.630   1.00 52.91  ? 127 LEU A C   1 
ATOM   963  O O   . LEU A 1 129 ? -8.102  -5.004  6.529   1.00 53.57  ? 127 LEU A O   1 
ATOM   964  C CB  . LEU A 1 129 ? -5.528  -6.678  7.546   1.00 48.86  ? 127 LEU A CB  1 
ATOM   965  C CG  . LEU A 1 129 ? -4.113  -6.779  7.051   1.00 46.01  ? 127 LEU A CG  1 
ATOM   966  C CD1 . LEU A 1 129 ? -3.702  -8.110  7.339   1.00 33.24  ? 127 LEU A CD1 1 
ATOM   967  C CD2 . LEU A 1 129 ? -3.939  -6.504  5.497   1.00 46.96  ? 127 LEU A CD2 1 
ATOM   968  N N   . ASN A 1 130 ? -8.177  -5.276  8.789   1.00 55.30  ? 128 ASN A N   1 
ATOM   969  C CA  . ASN A 1 130 ? -9.656  -5.277  8.819   1.00 55.01  ? 128 ASN A CA  1 
ATOM   970  C C   . ASN A 1 130 ? -10.251 -3.952  8.433   1.00 55.64  ? 128 ASN A C   1 
ATOM   971  O O   . ASN A 1 130 ? -11.058 -3.936  7.550   1.00 56.42  ? 128 ASN A O   1 
ATOM   972  C CB  . ASN A 1 130 ? -10.208 -5.834  10.126  1.00 55.53  ? 128 ASN A CB  1 
ATOM   973  C CG  . ASN A 1 130 ? -10.360 -7.370  10.037  1.00 60.62  ? 128 ASN A CG  1 
ATOM   974  O OD1 . ASN A 1 130 ? -9.669  -8.117  10.771  1.00 66.38  ? 128 ASN A OD1 1 
ATOM   975  N ND2 . ASN A 1 130 ? -11.174 -7.860  9.062   1.00 61.09  ? 128 ASN A ND2 1 
ATOM   976  N N   . ASN A 1 131 ? -9.715  -2.862  8.920   1.00 56.27  ? 129 ASN A N   1 
ATOM   977  C CA  . ASN A 1 131 ? -10.129 -1.579  8.442   1.00 57.01  ? 129 ASN A CA  1 
ATOM   978  C C   . ASN A 1 131 ? -9.799  -1.413  6.986   1.00 57.75  ? 129 ASN A C   1 
ATOM   979  O O   . ASN A 1 131 ? -10.513 -0.786  6.281   1.00 58.93  ? 129 ASN A O   1 
ATOM   980  C CB  . ASN A 1 131 ? -9.450  -0.496  9.227   1.00 57.31  ? 129 ASN A CB  1 
ATOM   981  C CG  . ASN A 1 131 ? -9.403  -0.811  10.652  1.00 60.67  ? 129 ASN A CG  1 
ATOM   982  O OD1 . ASN A 1 131 ? -9.607  -1.941  11.023  1.00 66.34  ? 129 ASN A OD1 1 
ATOM   983  N ND2 . ASN A 1 131 ? -9.126  0.169   11.475  1.00 68.68  ? 129 ASN A ND2 1 
ATOM   984  N N   . LEU A 1 132 ? -8.681  -1.926  6.531   1.00 20.00  ? 130 LEU A N   1 
ATOM   985  C CA  . LEU A 1 132 ? -8.352  -1.757  5.135   1.00 20.00  ? 130 LEU A CA  1 
ATOM   986  C C   . LEU A 1 132 ? -9.370  -2.444  4.302   1.00 20.00  ? 130 LEU A C   1 
ATOM   987  O O   . LEU A 1 132 ? -9.773  -1.937  3.288   1.00 20.00  ? 130 LEU A O   1 
ATOM   988  C CB  . LEU A 1 132 ? -6.974  -2.285  4.803   1.00 20.00  ? 130 LEU A CB  1 
ATOM   989  C CG  . LEU A 1 132 ? -5.782  -1.611  5.439   1.00 20.00  ? 130 LEU A CG  1 
ATOM   990  C CD1 . LEU A 1 132 ? -4.581  -2.210  4.858   1.00 20.00  ? 130 LEU A CD1 1 
ATOM   991  C CD2 . LEU A 1 132 ? -5.820  -0.187  5.174   1.00 20.00  ? 130 LEU A CD2 1 
ATOM   992  N N   . TYR A 1 133 ? -9.781  -3.620  4.726   1.00 57.65  ? 131 TYR A N   1 
ATOM   993  C CA  . TYR A 1 133 ? -10.825 -4.327  4.036   1.00 58.46  ? 131 TYR A CA  1 
ATOM   994  C C   . TYR A 1 133 ? -12.120 -3.550  4.109   1.00 59.31  ? 131 TYR A C   1 
ATOM   995  O O   . TYR A 1 133 ? -12.744 -3.335  3.109   1.00 60.33  ? 131 TYR A O   1 
ATOM   996  C CB  . TYR A 1 133 ? -10.992 -5.662  4.686   1.00 57.98  ? 131 TYR A CB  1 
ATOM   997  C CG  . TYR A 1 133 ? -9.746  -6.461  4.649   1.00 55.31  ? 131 TYR A CG  1 
ATOM   998  C CD1 . TYR A 1 133 ? -8.721  -6.100  3.854   1.00 51.06  ? 131 TYR A CD1 1 
ATOM   999  C CD2 . TYR A 1 133 ? -9.616  -7.599  5.379   1.00 53.36  ? 131 TYR A CD2 1 
ATOM   1000 C CE1 . TYR A 1 133 ? -7.612  -6.832  3.796   1.00 50.96  ? 131 TYR A CE1 1 
ATOM   1001 C CE2 . TYR A 1 133 ? -8.501  -8.323  5.323   1.00 53.10  ? 131 TYR A CE2 1 
ATOM   1002 C CZ  . TYR A 1 133 ? -7.512  -7.932  4.521   1.00 54.04  ? 131 TYR A CZ  1 
ATOM   1003 O OH  . TYR A 1 133 ? -6.392  -8.668  4.441   1.00 57.17  ? 131 TYR A OH  1 
ATOM   1004 N N   . ASN A 1 134 ? -12.491 -3.069  5.283   1.00 58.95  ? 132 ASN A N   1 
ATOM   1005 C CA  . ASN A 1 134 ? -13.663 -2.140  5.401   1.00 61.33  ? 132 ASN A CA  1 
ATOM   1006 C C   . ASN A 1 134 ? -13.644 -0.838  4.629   1.00 62.96  ? 132 ASN A C   1 
ATOM   1007 O O   . ASN A 1 134 ? -14.682 -0.226  4.332   1.00 63.68  ? 132 ASN A O   1 
ATOM   1008 C CB  . ASN A 1 134 ? -14.045 -1.826  6.860   1.00 60.52  ? 132 ASN A CB  1 
ATOM   1009 C CG  . ASN A 1 134 ? -14.445 -3.112  7.623   1.00 63.72  ? 132 ASN A CG  1 
ATOM   1010 O OD1 . ASN A 1 134 ? -14.791 -4.190  7.020   1.00 64.51  ? 132 ASN A OD1 1 
ATOM   1011 N ND2 . ASN A 1 134 ? -14.320 -3.042  8.941   1.00 67.37  ? 132 ASN A ND2 1 
ATOM   1012 N N   . LYS A 1 135 ? -12.455 -0.361  4.365   1.00 64.56  ? 133 LYS A N   1 
ATOM   1013 C CA  . LYS A 1 135 ? -12.328 0.811   3.562   1.00 64.27  ? 133 LYS A CA  1 
ATOM   1014 C C   . LYS A 1 135 ? -12.557 0.366   2.105   1.00 64.94  ? 133 LYS A C   1 
ATOM   1015 O O   . LYS A 1 135 ? -13.235 1.069   1.383   1.00 66.35  ? 133 LYS A O   1 
ATOM   1016 C CB  . LYS A 1 135 ? -10.967 1.439   3.797   1.00 63.84  ? 133 LYS A CB  1 
ATOM   1017 C CG  . LYS A 1 135 ? -10.954 2.941   4.040   1.00 64.13  ? 133 LYS A CG  1 
ATOM   1018 C CD  . LYS A 1 135 ? -10.945 3.249   5.498   1.00 64.27  ? 133 LYS A CD  1 
ATOM   1019 C CE  . LYS A 1 135 ? -9.585  3.117   6.115   1.00 63.73  ? 133 LYS A CE  1 
ATOM   1020 N NZ  . LYS A 1 135 ? -9.817  2.877   7.609   1.00 68.20  ? 133 LYS A NZ  1 
ATOM   1021 N N   . VAL A 1 136 ? -12.086 -0.786  1.664   1.00 65.92  ? 134 VAL A N   1 
ATOM   1022 C CA  . VAL A 1 136 ? -12.313 -1.158  0.274   1.00 69.83  ? 134 VAL A CA  1 
ATOM   1023 C C   . VAL A 1 136 ? -13.764 -1.464  0.043   1.00 73.40  ? 134 VAL A C   1 
ATOM   1024 O O   . VAL A 1 136 ? -14.240 -1.312  -1.060  1.00 74.10  ? 134 VAL A O   1 
ATOM   1025 C CB  . VAL A 1 136 ? -11.560 -2.407  -0.119  1.00 70.00  ? 134 VAL A CB  1 
ATOM   1026 C CG1 . VAL A 1 136 ? -12.173 -3.151  -1.401  1.00 71.18  ? 134 VAL A CG1 1 
ATOM   1027 C CG2 . VAL A 1 136 ? -10.077 -2.123  -0.304  1.00 70.48  ? 134 VAL A CG2 1 
ATOM   1028 N N   . LEU A 1 137 ? -14.480 -1.873  1.099   1.00 78.13  ? 135 LEU A N   1 
ATOM   1029 C CA  . LEU A 1 137 ? -15.906 -2.270  0.994   1.00 81.14  ? 135 LEU A CA  1 
ATOM   1030 C C   . LEU A 1 137 ? -16.915 -1.119  1.137   1.00 84.17  ? 135 LEU A C   1 
ATOM   1031 O O   . LEU A 1 137 ? -17.895 -1.133  0.446   1.00 84.42  ? 135 LEU A O   1 
ATOM   1032 C CB  . LEU A 1 137 ? -16.269 -3.516  1.857   1.00 80.31  ? 135 LEU A CB  1 
ATOM   1033 C CG  . LEU A 1 137 ? -15.491 -4.795  1.523   1.00 77.21  ? 135 LEU A CG  1 
ATOM   1034 C CD1 . LEU A 1 137 ? -16.038 -6.116  2.076   1.00 77.15  ? 135 LEU A CD1 1 
ATOM   1035 C CD2 . LEU A 1 137 ? -15.333 -4.877  0.023   1.00 77.67  ? 135 LEU A CD2 1 
ATOM   1036 N N   . ASN A 1 138 ? -16.567 -0.122  1.913   1.00 88.10  ? 136 ASN A N   1 
ATOM   1037 C CA  . ASN A 1 138 ? -17.356 1.054   1.975   1.00 93.02  ? 136 ASN A CA  1 
ATOM   1038 C C   . ASN A 1 138 ? -16.814 1.928   0.880   1.00 94.43  ? 136 ASN A C   1 
ATOM   1039 O O   . ASN A 1 138 ? -16.978 3.133   0.886   1.00 93.57  ? 136 ASN A O   1 
ATOM   1040 C CB  . ASN A 1 138 ? -17.156 1.693   3.306   1.00 93.24  ? 136 ASN A CB  1 
ATOM   1041 C CG  . ASN A 1 138 ? -17.469 0.758   4.400   1.00 95.59  ? 136 ASN A CG  1 
ATOM   1042 O OD1 . ASN A 1 138 ? -17.875 -0.363  4.137   1.00 97.28  ? 136 ASN A OD1 1 
ATOM   1043 N ND2 . ASN A 1 138 ? -17.298 1.194   5.640   1.00 96.29  ? 136 ASN A ND2 1 
ATOM   1044 N N   . GLU A 1 139 ? -16.147 1.300   -0.071  1.00 97.03  ? 137 GLU A N   1 
ATOM   1045 C CA  . GLU A 1 139 ? -15.549 2.036   -1.154  1.00 97.89  ? 137 GLU A CA  1 
ATOM   1046 C C   . GLU A 1 139 ? -16.470 3.159   -1.533  1.00 98.62  ? 137 GLU A C   1 
ATOM   1047 O O   . GLU A 1 139 ? -17.672 3.018   -1.423  1.00 98.38  ? 137 GLU A O   1 
ATOM   1048 C CB  . GLU A 1 139 ? -15.304 1.135   -2.331  1.00 20.00  ? 137 GLU A CB  1 
HETATM 1049 O O   . HOH B 2 .   ? 0.880   -2.804  11.529  1.00 40.06  ? 145 HOH A O   1 
HETATM 1050 O O   . HOH B 2 .   ? -5.941  -13.720 2.445   1.00 49.03  ? 146 HOH A O   1 
HETATM 1051 O O   . HOH B 2 .   ? 12.046  3.591   -3.749  1.00 50.00  ? 147 HOH A O   1 
HETATM 1052 O O   . HOH B 2 .   ? 13.223  3.346   -6.457  1.00 44.78  ? 148 HOH A O   1 
HETATM 1053 O O   . HOH B 2 .   ? -7.723  7.532   -1.816  1.00 73.54  ? 149 HOH A O   1 
HETATM 1054 O O   . HOH B 2 .   ? -5.074  -0.917  13.589  1.00 43.27  ? 150 HOH A O   1 
HETATM 1055 O O   . HOH B 2 .   ? 0.668   0.634   13.946  1.00 44.52  ? 151 HOH A O   1 
HETATM 1056 O O   . HOH B 2 .   ? -3.277  -2.574  14.804  1.00 43.53  ? 152 HOH A O   1 
HETATM 1057 O O   . HOH B 2 .   ? 10.389  -3.190  11.161  1.00 47.46  ? 153 HOH A O   1 
HETATM 1058 O O   . HOH B 2 .   ? 5.643   -0.263  -17.064 1.00 63.58  ? 154 HOH A O   1 
HETATM 1059 O O   . HOH B 2 .   ? -18.716 -13.984 0.784   1.00 68.09  ? 155 HOH A O   1 
HETATM 1060 O O   . HOH B 2 .   ? -9.303  5.843   8.406   1.00 60.60  ? 156 HOH A O   1 
HETATM 1061 O O   . HOH B 2 .   ? 14.638  6.578   2.051   1.00 60.88  ? 157 HOH A O   1 
HETATM 1062 O O   . HOH B 2 .   ? -8.999  -11.285 10.707  1.00 49.18  ? 158 HOH A O   1 
# 
